data_3DDM
#
_entry.id   3DDM
#
_cell.length_a   122.600
_cell.length_b   122.636
_cell.length_c   164.544
_cell.angle_alpha   90.00
_cell.angle_beta   90.00
_cell.angle_gamma   90.00
#
_symmetry.space_group_name_H-M   'P 21 21 21'
#
loop_
_entity.id
_entity.type
_entity.pdbx_description
1 polymer 'Putative mandelate racemase/muconate lactonizing enzyme'
2 water water
#
_entity_poly.entity_id   1
_entity_poly.type   'polypeptide(L)'
_entity_poly.pdbx_seq_one_letter_code
;MSLTRDAASITPARVRAHVFRYPVSTPVKTSFGTMHDRPAVLVEVEDSDGAVGWGEVWCNFPACGAEHRARLVETVLAPL
LTARAFADPAQAFAHLEARTAVLAIQTGEPGPLAQAIAGLDIALCDLAARRAGQPLWAWLGGSGDRIGVYASGINPENPE
DVVARKAAEGYRAFKLKVGFDDARDVRNALHVRELLGAATPLMADANQGWDLPRARQMAQRLGPAQLDWLEEPLRADRPA
AEWAELAQAAPMPLAGGENIAGVAAFETALAARSLRVMQPDLAKWGGFSGCLPVARAVVAAGLRYCPHYLGAGIGLQASA
HLLAAVPGLASPGLLGVDANDNPLRSLLSPALATLHEGRITLGGAPGLGVTPDLAALRAACAAREGHHHHHH
;
_entity_poly.pdbx_strand_id   A,B,C,D
#
# COMPACT_ATOMS: atom_id res chain seq x y z
N ALA A 8 -28.02 -44.70 11.58
CA ALA A 8 -27.63 -45.95 12.31
C ALA A 8 -26.14 -46.23 12.15
N SER A 9 -25.37 -45.99 13.22
CA SER A 9 -23.92 -46.21 13.21
C SER A 9 -23.51 -47.63 12.83
N ILE A 10 -22.25 -47.76 12.38
CA ILE A 10 -21.70 -49.05 11.98
C ILE A 10 -20.84 -49.61 13.10
N THR A 11 -21.01 -50.89 13.42
CA THR A 11 -20.21 -51.52 14.47
C THR A 11 -19.74 -52.89 14.01
N PRO A 12 -18.69 -52.93 13.16
CA PRO A 12 -18.13 -54.17 12.64
C PRO A 12 -17.87 -55.16 13.76
N ALA A 13 -18.10 -56.44 13.50
CA ALA A 13 -17.90 -57.47 14.50
C ALA A 13 -17.03 -58.61 13.99
N ARG A 14 -17.20 -58.96 12.72
CA ARG A 14 -16.45 -60.04 12.11
C ARG A 14 -16.12 -59.59 10.69
N VAL A 15 -14.87 -59.78 10.29
CA VAL A 15 -14.44 -59.38 8.95
C VAL A 15 -13.64 -60.51 8.31
N ARG A 16 -14.17 -61.10 7.25
CA ARG A 16 -13.47 -62.20 6.59
C ARG A 16 -13.17 -61.93 5.12
N ALA A 17 -12.06 -62.50 4.64
CA ALA A 17 -11.66 -62.34 3.26
C ALA A 17 -11.58 -63.71 2.61
N HIS A 18 -12.12 -63.82 1.40
CA HIS A 18 -12.09 -65.10 0.69
C HIS A 18 -11.37 -64.91 -0.63
N VAL A 19 -10.44 -65.81 -0.91
CA VAL A 19 -9.68 -65.73 -2.15
C VAL A 19 -10.16 -66.79 -3.14
N PHE A 20 -10.18 -66.43 -4.42
CA PHE A 20 -10.60 -67.34 -5.48
C PHE A 20 -9.65 -67.19 -6.64
N ARG A 21 -9.36 -68.30 -7.30
CA ARG A 21 -8.47 -68.27 -8.45
C ARG A 21 -9.07 -69.21 -9.47
N TYR A 22 -9.66 -68.63 -10.52
CA TYR A 22 -10.27 -69.40 -11.58
C TYR A 22 -9.22 -69.71 -12.64
N PRO A 23 -8.91 -71.00 -12.83
CA PRO A 23 -7.91 -71.41 -13.82
C PRO A 23 -8.42 -71.24 -15.24
N VAL A 24 -7.64 -70.55 -16.06
CA VAL A 24 -8.01 -70.28 -17.44
C VAL A 24 -7.21 -71.18 -18.39
N HIS A 36 -2.66 -66.87 -16.45
CA HIS A 36 -2.63 -68.24 -15.92
C HIS A 36 -3.96 -68.56 -15.25
N ASP A 37 -4.46 -67.59 -14.49
CA ASP A 37 -5.73 -67.72 -13.78
C ASP A 37 -6.21 -66.34 -13.32
N ARG A 38 -7.53 -66.19 -13.24
CA ARG A 38 -8.14 -64.93 -12.81
C ARG A 38 -8.34 -64.99 -11.30
N PRO A 39 -7.69 -64.08 -10.56
CA PRO A 39 -7.80 -64.05 -9.10
C PRO A 39 -8.90 -63.12 -8.61
N ALA A 40 -9.24 -63.24 -7.34
CA ALA A 40 -10.27 -62.38 -6.74
C ALA A 40 -10.24 -62.46 -5.22
N VAL A 41 -10.56 -61.35 -4.56
CA VAL A 41 -10.61 -61.33 -3.10
C VAL A 41 -11.90 -60.63 -2.72
N LEU A 42 -12.85 -61.39 -2.19
CA LEU A 42 -14.13 -60.83 -1.76
C LEU A 42 -14.09 -60.68 -0.25
N VAL A 43 -14.64 -59.58 0.25
CA VAL A 43 -14.66 -59.36 1.69
C VAL A 43 -16.07 -59.19 2.19
N GLU A 44 -16.34 -59.72 3.37
CA GLU A 44 -17.66 -59.60 3.97
C GLU A 44 -17.53 -59.09 5.39
N VAL A 45 -18.16 -57.95 5.66
CA VAL A 45 -18.12 -57.37 6.99
C VAL A 45 -19.45 -57.62 7.69
N GLU A 46 -19.41 -58.32 8.83
CA GLU A 46 -20.62 -58.59 9.57
C GLU A 46 -20.83 -57.56 10.67
N ASP A 47 -22.05 -57.03 10.71
CA ASP A 47 -22.49 -56.03 11.66
C ASP A 47 -22.63 -56.61 13.06
N SER A 48 -22.79 -55.73 14.04
CA SER A 48 -22.99 -56.15 15.43
C SER A 48 -24.42 -56.69 15.57
N ASP A 49 -25.27 -56.37 14.59
CA ASP A 49 -26.65 -56.85 14.60
C ASP A 49 -26.79 -58.08 13.71
N GLY A 50 -25.68 -58.52 13.13
CA GLY A 50 -25.71 -59.69 12.26
C GLY A 50 -25.84 -59.33 10.80
N ALA A 51 -26.05 -58.05 10.50
CA ALA A 51 -26.18 -57.63 9.11
C ALA A 51 -24.85 -57.82 8.38
N VAL A 52 -24.93 -58.16 7.09
CA VAL A 52 -23.74 -58.42 6.30
C VAL A 52 -23.56 -57.52 5.08
N GLY A 53 -22.31 -57.15 4.81
CA GLY A 53 -22.02 -56.31 3.66
C GLY A 53 -20.89 -56.91 2.86
N TRP A 54 -20.95 -56.80 1.54
CA TRP A 54 -19.91 -57.37 0.69
C TRP A 54 -19.09 -56.37 -0.11
N GLY A 55 -17.83 -56.72 -0.33
CA GLY A 55 -16.95 -55.87 -1.11
C GLY A 55 -15.89 -56.67 -1.85
N GLU A 56 -15.08 -55.98 -2.64
CA GLU A 56 -14.01 -56.63 -3.41
C GLU A 56 -12.72 -55.83 -3.27
N VAL A 57 -11.59 -56.52 -3.17
CA VAL A 57 -10.32 -55.84 -3.07
C VAL A 57 -9.56 -56.08 -4.36
N TRP A 58 -9.24 -55.01 -5.08
CA TRP A 58 -8.51 -55.11 -6.33
C TRP A 58 -7.30 -56.00 -6.14
N CYS A 59 -7.04 -56.87 -7.11
CA CYS A 59 -5.88 -57.75 -6.97
C CYS A 59 -5.42 -58.37 -8.28
N ASN A 60 -5.59 -57.67 -9.39
CA ASN A 60 -5.17 -58.26 -10.66
C ASN A 60 -3.67 -58.49 -10.72
N PHE A 61 -2.88 -57.52 -10.27
CA PHE A 61 -1.43 -57.66 -10.28
C PHE A 61 -0.85 -57.39 -8.89
N PRO A 62 0.26 -58.06 -8.55
CA PRO A 62 0.92 -59.05 -9.41
C PRO A 62 0.05 -60.31 -9.40
N ALA A 63 0.36 -61.29 -10.24
CA ALA A 63 -0.45 -62.51 -10.28
C ALA A 63 -0.55 -63.19 -8.90
N CYS A 64 0.49 -63.06 -8.08
CA CYS A 64 0.50 -63.69 -6.75
C CYS A 64 -0.01 -62.82 -5.59
N GLY A 65 -0.39 -61.58 -5.88
CA GLY A 65 -0.83 -60.68 -4.84
C GLY A 65 -2.14 -60.86 -4.08
N ALA A 66 -3.03 -61.73 -4.53
CA ALA A 66 -4.34 -61.92 -3.87
C ALA A 66 -4.32 -62.41 -2.42
N GLU A 67 -3.52 -63.42 -2.13
CA GLU A 67 -3.44 -63.95 -0.77
C GLU A 67 -2.96 -62.89 0.23
N HIS A 68 -1.91 -62.17 -0.14
CA HIS A 68 -1.35 -61.14 0.72
C HIS A 68 -2.41 -60.11 1.09
N ARG A 69 -3.22 -59.72 0.12
CA ARG A 69 -4.26 -58.72 0.33
C ARG A 69 -5.34 -59.23 1.26
N ALA A 70 -5.71 -60.50 1.12
CA ALA A 70 -6.71 -61.07 2.00
C ALA A 70 -6.13 -61.13 3.40
N ARG A 71 -4.85 -61.47 3.51
CA ARG A 71 -4.20 -61.53 4.83
C ARG A 71 -4.22 -60.15 5.46
N LEU A 72 -3.90 -59.12 4.68
CA LEU A 72 -3.89 -57.76 5.21
C LEU A 72 -5.24 -57.41 5.82
N VAL A 73 -6.31 -57.78 5.12
CA VAL A 73 -7.66 -57.50 5.58
C VAL A 73 -7.97 -58.18 6.92
N GLU A 74 -7.60 -59.45 7.03
CA GLU A 74 -7.86 -60.20 8.25
C GLU A 74 -6.87 -59.95 9.41
N THR A 75 -5.60 -59.73 9.11
CA THR A 75 -4.61 -59.52 10.18
C THR A 75 -4.32 -58.07 10.56
N VAL A 76 -4.61 -57.11 9.69
CA VAL A 76 -4.33 -55.71 9.99
C VAL A 76 -5.52 -54.78 10.06
N LEU A 77 -6.38 -54.83 9.04
CA LEU A 77 -7.54 -53.95 9.00
C LEU A 77 -8.71 -54.44 9.85
N ALA A 78 -8.91 -55.77 9.92
CA ALA A 78 -10.02 -56.32 10.70
C ALA A 78 -10.00 -55.87 12.16
N PRO A 79 -8.86 -56.04 12.85
CA PRO A 79 -8.72 -55.63 14.26
C PRO A 79 -9.04 -54.17 14.47
N LEU A 80 -8.53 -53.30 13.59
CA LEU A 80 -8.81 -51.87 13.72
C LEU A 80 -10.32 -51.68 13.64
N LEU A 81 -10.90 -52.26 12.60
CA LEU A 81 -12.32 -52.18 12.32
C LEU A 81 -13.24 -52.70 13.43
N THR A 82 -12.91 -53.84 14.02
CA THR A 82 -13.76 -54.42 15.06
C THR A 82 -13.43 -54.03 16.51
N ALA A 83 -12.88 -52.85 16.74
CA ALA A 83 -12.55 -52.43 18.10
C ALA A 83 -13.31 -51.19 18.54
N ARG A 84 -14.08 -50.62 17.63
CA ARG A 84 -14.86 -49.43 17.93
C ARG A 84 -16.04 -49.32 16.98
N ALA A 85 -16.83 -48.26 17.15
CA ALA A 85 -17.97 -48.03 16.29
C ALA A 85 -17.64 -46.84 15.40
N PHE A 86 -18.45 -46.62 14.37
CA PHE A 86 -18.21 -45.52 13.45
C PHE A 86 -19.51 -44.85 13.03
N ALA A 87 -19.50 -43.52 13.03
CA ALA A 87 -20.68 -42.78 12.65
C ALA A 87 -21.21 -43.29 11.31
N ASP A 88 -20.29 -43.56 10.38
CA ASP A 88 -20.64 -44.06 9.05
C ASP A 88 -19.40 -44.66 8.38
N PRO A 89 -19.56 -45.19 7.15
CA PRO A 89 -18.41 -45.79 6.45
C PRO A 89 -17.27 -44.79 6.21
N ALA A 90 -17.62 -43.55 5.88
CA ALA A 90 -16.61 -42.53 5.64
C ALA A 90 -15.67 -42.40 6.82
N GLN A 91 -16.24 -42.42 8.03
CA GLN A 91 -15.42 -42.32 9.23
C GLN A 91 -14.52 -43.54 9.42
N ALA A 92 -15.03 -44.73 9.12
CA ALA A 92 -14.23 -45.96 9.24
C ALA A 92 -13.11 -45.90 8.21
N PHE A 93 -13.40 -45.29 7.07
CA PHE A 93 -12.40 -45.18 6.02
C PHE A 93 -11.25 -44.29 6.50
N ALA A 94 -11.59 -43.11 7.00
CA ALA A 94 -10.59 -42.18 7.49
C ALA A 94 -9.80 -42.76 8.67
N HIS A 95 -10.43 -43.64 9.42
CA HIS A 95 -9.75 -44.22 10.57
C HIS A 95 -8.71 -45.21 10.08
N LEU A 96 -9.09 -46.05 9.11
CA LEU A 96 -8.20 -47.06 8.57
C LEU A 96 -6.99 -46.49 7.86
N GLU A 97 -7.18 -45.39 7.14
CA GLU A 97 -6.05 -44.76 6.45
C GLU A 97 -5.06 -44.23 7.49
N ALA A 98 -5.58 -43.43 8.43
CA ALA A 98 -4.75 -42.84 9.47
C ALA A 98 -4.01 -43.85 10.32
N ARG A 99 -4.70 -44.94 10.67
CA ARG A 99 -4.09 -45.97 11.51
C ARG A 99 -3.15 -46.92 10.76
N THR A 100 -2.98 -46.72 9.46
CA THR A 100 -2.07 -47.59 8.70
C THR A 100 -1.07 -46.76 7.90
N ALA A 101 -1.16 -45.44 8.03
CA ALA A 101 -0.27 -44.55 7.31
C ALA A 101 1.21 -44.86 7.57
N VAL A 102 1.55 -45.08 8.83
CA VAL A 102 2.93 -45.39 9.18
C VAL A 102 3.35 -46.77 8.73
N LEU A 103 2.44 -47.73 8.79
CA LEU A 103 2.75 -49.09 8.37
C LEU A 103 3.00 -49.08 6.85
N ALA A 104 2.34 -48.18 6.13
CA ALA A 104 2.52 -48.11 4.68
C ALA A 104 3.95 -47.67 4.41
N ILE A 105 4.40 -46.67 5.14
CA ILE A 105 5.75 -46.17 4.98
C ILE A 105 6.77 -47.28 5.27
N GLN A 106 6.67 -47.87 6.45
CA GLN A 106 7.58 -48.94 6.89
C GLN A 106 7.72 -50.08 5.92
N THR A 107 6.66 -50.38 5.18
CA THR A 107 6.69 -51.51 4.28
C THR A 107 6.68 -51.18 2.80
N GLY A 108 6.30 -49.94 2.47
CA GLY A 108 6.25 -49.57 1.07
C GLY A 108 5.09 -50.28 0.39
N GLU A 109 4.00 -50.47 1.14
CA GLU A 109 2.80 -51.12 0.62
C GLU A 109 1.60 -50.16 0.60
N PRO A 110 1.76 -48.97 0.01
CA PRO A 110 0.62 -48.05 -0.01
C PRO A 110 -0.50 -48.63 -0.86
N GLY A 111 -0.12 -49.47 -1.81
CA GLY A 111 -1.07 -50.11 -2.71
C GLY A 111 -1.89 -51.22 -2.06
N PRO A 112 -1.26 -52.31 -1.62
CA PRO A 112 -1.99 -53.41 -0.99
C PRO A 112 -2.94 -52.91 0.10
N LEU A 113 -2.43 -52.02 0.96
CA LEU A 113 -3.24 -51.46 2.03
C LEU A 113 -4.42 -50.62 1.51
N ALA A 114 -4.16 -49.75 0.54
CA ALA A 114 -5.25 -48.94 -0.01
C ALA A 114 -6.34 -49.83 -0.59
N GLN A 115 -5.90 -50.85 -1.32
CA GLN A 115 -6.79 -51.80 -1.97
C GLN A 115 -7.63 -52.56 -0.94
N ALA A 116 -6.99 -53.08 0.09
CA ALA A 116 -7.72 -53.79 1.13
C ALA A 116 -8.71 -52.82 1.76
N ILE A 117 -8.27 -51.57 2.00
CA ILE A 117 -9.13 -50.58 2.62
C ILE A 117 -10.31 -50.27 1.70
N ALA A 118 -10.06 -50.09 0.41
CA ALA A 118 -11.14 -49.80 -0.54
C ALA A 118 -12.18 -50.94 -0.54
N GLY A 119 -11.72 -52.18 -0.55
CA GLY A 119 -12.64 -53.30 -0.53
C GLY A 119 -13.54 -53.29 0.70
N LEU A 120 -12.96 -52.96 1.86
CA LEU A 120 -13.74 -52.92 3.10
C LEU A 120 -14.73 -51.75 3.13
N ASP A 121 -14.41 -50.66 2.41
CA ASP A 121 -15.33 -49.54 2.38
C ASP A 121 -16.55 -49.91 1.54
N ILE A 122 -16.29 -50.60 0.43
CA ILE A 122 -17.36 -51.04 -0.45
C ILE A 122 -18.34 -51.93 0.32
N ALA A 123 -17.82 -52.74 1.24
CA ALA A 123 -18.65 -53.63 2.03
C ALA A 123 -19.43 -52.89 3.12
N LEU A 124 -18.80 -51.89 3.74
CA LEU A 124 -19.47 -51.12 4.78
C LEU A 124 -20.60 -50.28 4.18
N CYS A 125 -20.38 -49.78 2.97
CA CYS A 125 -21.41 -48.99 2.28
C CYS A 125 -22.53 -49.93 1.82
N ASP A 126 -22.14 -51.12 1.37
CA ASP A 126 -23.10 -52.12 0.92
C ASP A 126 -23.96 -52.48 2.14
N LEU A 127 -23.31 -52.67 3.28
CA LEU A 127 -24.02 -52.98 4.52
C LEU A 127 -24.98 -51.87 4.90
N ALA A 128 -24.51 -50.63 4.83
CA ALA A 128 -25.32 -49.47 5.17
C ALA A 128 -26.51 -49.30 4.24
N ALA A 129 -26.29 -49.54 2.95
CA ALA A 129 -27.33 -49.41 1.95
C ALA A 129 -28.38 -50.49 2.15
N ARG A 130 -27.93 -51.69 2.47
CA ARG A 130 -28.85 -52.80 2.69
C ARG A 130 -29.73 -52.50 3.91
N ARG A 131 -29.11 -52.12 5.02
CA ARG A 131 -29.84 -51.82 6.24
C ARG A 131 -30.90 -50.75 6.00
N ALA A 132 -30.59 -49.80 5.11
CA ALA A 132 -31.53 -48.74 4.80
C ALA A 132 -32.51 -49.23 3.73
N GLY A 133 -32.36 -50.50 3.35
CA GLY A 133 -33.23 -51.07 2.33
C GLY A 133 -33.12 -50.35 1.00
N GLN A 134 -31.91 -49.99 0.59
CA GLN A 134 -31.72 -49.27 -0.67
C GLN A 134 -30.60 -49.78 -1.57
N PRO A 135 -30.75 -49.58 -2.88
CA PRO A 135 -29.72 -50.02 -3.82
C PRO A 135 -28.58 -49.00 -3.63
N LEU A 136 -27.34 -49.45 -3.68
CA LEU A 136 -26.21 -48.55 -3.48
C LEU A 136 -26.33 -47.25 -4.29
N TRP A 137 -26.78 -47.32 -5.53
CA TRP A 137 -26.88 -46.10 -6.32
C TRP A 137 -27.81 -45.04 -5.67
N ALA A 138 -28.91 -45.48 -5.08
CA ALA A 138 -29.85 -44.56 -4.43
C ALA A 138 -29.23 -43.99 -3.16
N TRP A 139 -28.58 -44.87 -2.39
CA TRP A 139 -27.91 -44.50 -1.16
C TRP A 139 -26.86 -43.40 -1.42
N LEU A 140 -26.07 -43.57 -2.48
CA LEU A 140 -25.06 -42.59 -2.85
C LEU A 140 -25.71 -41.30 -3.36
N GLY A 141 -27.03 -41.19 -3.24
CA GLY A 141 -27.71 -39.99 -3.69
C GLY A 141 -27.96 -39.91 -5.19
N GLY A 142 -28.09 -41.05 -5.86
CA GLY A 142 -28.34 -41.04 -7.29
C GLY A 142 -29.82 -40.97 -7.60
N SER A 143 -30.18 -40.66 -8.84
CA SER A 143 -31.60 -40.56 -9.19
C SER A 143 -32.02 -41.47 -10.35
N GLY A 144 -31.10 -42.29 -10.84
CA GLY A 144 -31.41 -43.20 -11.92
C GLY A 144 -30.56 -44.46 -11.77
N ASP A 145 -30.86 -45.49 -12.55
CA ASP A 145 -30.12 -46.75 -12.48
C ASP A 145 -29.66 -47.25 -13.85
N ARG A 146 -29.84 -46.44 -14.88
CA ARG A 146 -29.45 -46.85 -16.22
C ARG A 146 -28.10 -46.25 -16.58
N ILE A 147 -27.16 -47.10 -17.00
CA ILE A 147 -25.84 -46.62 -17.36
C ILE A 147 -25.30 -47.28 -18.63
N GLY A 148 -24.33 -46.63 -19.26
CA GLY A 148 -23.73 -47.19 -20.47
C GLY A 148 -22.48 -48.00 -20.12
N VAL A 149 -22.06 -48.87 -21.03
CA VAL A 149 -20.87 -49.68 -20.81
C VAL A 149 -20.05 -49.78 -22.09
N TYR A 150 -18.82 -50.29 -21.96
CA TYR A 150 -17.96 -50.49 -23.12
C TYR A 150 -17.11 -51.75 -22.92
N ALA A 151 -16.83 -52.44 -24.01
CA ALA A 151 -16.00 -53.64 -23.95
C ALA A 151 -14.61 -53.10 -23.72
N SER A 152 -14.00 -53.49 -22.61
CA SER A 152 -12.68 -52.97 -22.27
C SER A 152 -11.57 -53.99 -22.37
N GLY A 153 -10.44 -53.56 -22.91
CA GLY A 153 -9.27 -54.44 -23.00
C GLY A 153 -9.20 -55.49 -24.07
N ILE A 154 -9.58 -55.12 -25.29
CA ILE A 154 -9.53 -56.00 -26.45
C ILE A 154 -8.07 -56.16 -26.87
N ASN A 155 -7.58 -57.39 -26.90
CA ASN A 155 -6.18 -57.64 -27.28
C ASN A 155 -5.88 -57.26 -28.73
N PRO A 156 -4.63 -56.83 -29.00
CA PRO A 156 -4.08 -56.39 -30.28
C PRO A 156 -3.93 -57.41 -31.40
N GLU A 157 -3.95 -58.70 -31.05
CA GLU A 157 -3.79 -59.75 -32.06
C GLU A 157 -4.86 -59.69 -33.15
N ASN A 158 -6.13 -59.79 -32.77
CA ASN A 158 -7.22 -59.74 -33.74
C ASN A 158 -8.40 -58.93 -33.21
N PRO A 159 -8.25 -57.61 -33.13
CA PRO A 159 -9.26 -56.67 -32.63
C PRO A 159 -10.61 -56.76 -33.33
N GLU A 160 -10.60 -56.78 -34.66
CA GLU A 160 -11.84 -56.84 -35.43
C GLU A 160 -12.68 -58.07 -35.08
N ASP A 161 -12.02 -59.18 -34.76
CA ASP A 161 -12.71 -60.42 -34.39
C ASP A 161 -13.44 -60.33 -33.06
N VAL A 162 -12.76 -59.95 -32.00
CA VAL A 162 -13.43 -59.86 -30.71
C VAL A 162 -14.39 -58.68 -30.68
N VAL A 163 -14.09 -57.61 -31.42
CA VAL A 163 -14.99 -56.46 -31.45
C VAL A 163 -16.31 -56.91 -32.07
N ALA A 164 -16.23 -57.76 -33.08
CA ALA A 164 -17.43 -58.25 -33.72
C ALA A 164 -18.23 -59.06 -32.68
N ARG A 165 -17.51 -59.95 -32.00
CA ARG A 165 -18.09 -60.82 -30.99
C ARG A 165 -18.77 -60.04 -29.86
N LYS A 166 -18.09 -59.01 -29.36
CA LYS A 166 -18.63 -58.20 -28.26
C LYS A 166 -19.79 -57.34 -28.73
N ALA A 167 -19.76 -56.98 -30.00
CA ALA A 167 -20.83 -56.17 -30.58
C ALA A 167 -22.08 -57.04 -30.59
N ALA A 168 -21.89 -58.30 -30.98
CA ALA A 168 -22.98 -59.28 -31.04
C ALA A 168 -23.56 -59.50 -29.64
N GLU A 169 -22.70 -59.49 -28.62
CA GLU A 169 -23.15 -59.69 -27.26
C GLU A 169 -23.97 -58.51 -26.75
N GLY A 170 -23.82 -57.35 -27.40
CA GLY A 170 -24.60 -56.19 -26.98
C GLY A 170 -23.82 -54.91 -26.72
N TYR A 171 -22.51 -54.95 -26.88
CA TYR A 171 -21.67 -53.79 -26.62
C TYR A 171 -21.68 -52.76 -27.76
N ARG A 172 -21.83 -51.49 -27.40
CA ARG A 172 -21.86 -50.41 -28.38
C ARG A 172 -20.70 -49.41 -28.20
N ALA A 173 -19.65 -49.83 -27.51
CA ALA A 173 -18.46 -49.00 -27.28
C ALA A 173 -17.31 -49.97 -26.97
N PHE A 174 -16.12 -49.65 -27.47
CA PHE A 174 -14.96 -50.53 -27.29
C PHE A 174 -13.64 -49.81 -26.98
N LYS A 175 -12.77 -50.49 -26.25
CA LYS A 175 -11.46 -49.95 -25.91
C LYS A 175 -10.39 -50.97 -26.31
N LEU A 176 -9.43 -50.51 -27.12
CA LEU A 176 -8.33 -51.34 -27.61
C LEU A 176 -7.05 -51.17 -26.79
N LYS A 177 -6.26 -52.23 -26.72
CA LYS A 177 -4.99 -52.21 -26.01
C LYS A 177 -3.95 -51.86 -27.07
N VAL A 178 -3.06 -50.92 -26.74
CA VAL A 178 -2.00 -50.53 -27.65
C VAL A 178 -0.74 -50.36 -26.82
N GLY A 179 0.39 -50.14 -27.48
CA GLY A 179 1.62 -49.94 -26.75
C GLY A 179 2.71 -50.94 -27.05
N PHE A 180 2.33 -52.05 -27.69
CA PHE A 180 3.27 -53.11 -28.04
C PHE A 180 4.02 -52.76 -29.33
N ASP A 181 3.25 -52.58 -30.41
CA ASP A 181 3.81 -52.29 -31.72
C ASP A 181 3.14 -51.09 -32.39
N ASP A 182 3.90 -50.02 -32.57
CA ASP A 182 3.42 -48.78 -33.17
C ASP A 182 2.60 -48.91 -34.45
N ALA A 183 3.17 -49.58 -35.46
CA ALA A 183 2.50 -49.72 -36.74
C ALA A 183 1.23 -50.55 -36.68
N ARG A 184 1.28 -51.67 -35.96
CA ARG A 184 0.16 -52.56 -35.84
C ARG A 184 -0.99 -51.85 -35.10
N ASP A 185 -0.65 -51.10 -34.07
CA ASP A 185 -1.64 -50.37 -33.28
C ASP A 185 -2.45 -49.37 -34.10
N VAL A 186 -1.78 -48.59 -34.94
CA VAL A 186 -2.49 -47.61 -35.75
C VAL A 186 -3.30 -48.34 -36.81
N ARG A 187 -2.87 -49.56 -37.16
CA ARG A 187 -3.60 -50.34 -38.15
C ARG A 187 -4.89 -50.79 -37.50
N ASN A 188 -4.77 -51.38 -36.30
CA ASN A 188 -5.92 -51.86 -35.54
C ASN A 188 -6.89 -50.72 -35.29
N ALA A 189 -6.37 -49.63 -34.74
CA ALA A 189 -7.19 -48.47 -34.43
C ALA A 189 -8.06 -48.05 -35.61
N LEU A 190 -7.43 -47.83 -36.76
CA LEU A 190 -8.14 -47.41 -37.95
C LEU A 190 -9.04 -48.51 -38.52
N HIS A 191 -8.56 -49.75 -38.49
CA HIS A 191 -9.34 -50.86 -39.03
C HIS A 191 -10.67 -50.99 -38.25
N VAL A 192 -10.57 -51.04 -36.93
CA VAL A 192 -11.76 -51.16 -36.09
C VAL A 192 -12.70 -49.97 -36.26
N ARG A 193 -12.15 -48.81 -36.60
CA ARG A 193 -12.98 -47.63 -36.79
C ARG A 193 -13.81 -47.81 -38.05
N GLU A 194 -13.18 -48.36 -39.09
CA GLU A 194 -13.85 -48.62 -40.35
C GLU A 194 -15.02 -49.57 -40.11
N LEU A 195 -14.70 -50.71 -39.50
CA LEU A 195 -15.68 -51.74 -39.18
C LEU A 195 -16.89 -51.16 -38.44
N LEU A 196 -16.63 -50.46 -37.34
CA LEU A 196 -17.69 -49.87 -36.52
C LEU A 196 -18.45 -48.72 -37.17
N GLY A 197 -17.83 -48.08 -38.14
CA GLY A 197 -18.50 -46.99 -38.80
C GLY A 197 -18.01 -45.62 -38.36
N ALA A 198 -18.69 -45.01 -37.41
CA ALA A 198 -18.28 -43.68 -36.97
C ALA A 198 -19.02 -43.17 -35.74
N ALA A 199 -20.27 -43.57 -35.57
CA ALA A 199 -21.02 -43.11 -34.41
C ALA A 199 -20.63 -43.89 -33.16
N THR A 200 -19.98 -45.03 -33.34
CA THR A 200 -19.58 -45.88 -32.23
C THR A 200 -18.34 -45.39 -31.49
N PRO A 201 -18.45 -45.21 -30.15
CA PRO A 201 -17.37 -44.73 -29.30
C PRO A 201 -16.18 -45.71 -29.29
N LEU A 202 -14.99 -45.21 -29.61
CA LEU A 202 -13.79 -46.04 -29.62
C LEU A 202 -12.71 -45.42 -28.74
N MET A 203 -12.09 -46.24 -27.90
CA MET A 203 -11.05 -45.77 -26.99
C MET A 203 -9.77 -46.60 -27.17
N ALA A 204 -8.68 -46.16 -26.53
CA ALA A 204 -7.39 -46.85 -26.61
C ALA A 204 -6.63 -46.72 -25.29
N ASP A 205 -6.07 -47.83 -24.83
CA ASP A 205 -5.32 -47.87 -23.57
C ASP A 205 -3.90 -48.36 -23.81
N ALA A 206 -2.92 -47.53 -23.46
CA ALA A 206 -1.50 -47.86 -23.65
C ALA A 206 -0.80 -48.42 -22.40
N ASN A 207 -1.50 -48.40 -21.26
CA ASN A 207 -0.96 -48.90 -20.00
C ASN A 207 0.41 -48.35 -19.64
N GLN A 208 0.59 -47.03 -19.74
CA GLN A 208 1.87 -46.43 -19.41
C GLN A 208 3.02 -47.02 -20.23
N GLY A 209 2.76 -47.43 -21.46
CA GLY A 209 3.81 -48.04 -22.25
C GLY A 209 4.66 -47.14 -23.13
N TRP A 210 4.38 -45.84 -23.11
CA TRP A 210 5.14 -44.91 -23.95
C TRP A 210 5.83 -43.82 -23.15
N ASP A 211 6.85 -43.20 -23.79
CA ASP A 211 7.51 -42.06 -23.18
C ASP A 211 6.90 -40.86 -23.92
N LEU A 212 7.23 -39.64 -23.48
CA LEU A 212 6.64 -38.45 -24.08
C LEU A 212 6.72 -38.32 -25.60
N PRO A 213 7.92 -38.44 -26.18
CA PRO A 213 7.96 -38.31 -27.64
C PRO A 213 7.19 -39.37 -28.43
N ARG A 214 7.05 -40.56 -27.87
CA ARG A 214 6.31 -41.62 -28.57
C ARG A 214 4.81 -41.37 -28.46
N ALA A 215 4.36 -40.91 -27.29
CA ALA A 215 2.95 -40.64 -27.07
C ALA A 215 2.50 -39.52 -28.01
N ARG A 216 3.31 -38.48 -28.13
CA ARG A 216 2.98 -37.35 -29.01
C ARG A 216 2.82 -37.91 -30.42
N GLN A 217 3.82 -38.68 -30.85
CA GLN A 217 3.82 -39.29 -32.17
C GLN A 217 2.59 -40.16 -32.40
N MET A 218 2.34 -41.10 -31.47
CA MET A 218 1.19 -42.00 -31.61
C MET A 218 -0.16 -41.28 -31.48
N ALA A 219 -0.28 -40.37 -30.52
CA ALA A 219 -1.53 -39.65 -30.34
C ALA A 219 -1.91 -38.96 -31.64
N GLN A 220 -0.91 -38.62 -32.43
CA GLN A 220 -1.11 -37.95 -33.72
C GLN A 220 -1.61 -38.95 -34.76
N ARG A 221 -0.89 -40.06 -34.89
CA ARG A 221 -1.23 -41.12 -35.83
C ARG A 221 -2.57 -41.79 -35.53
N LEU A 222 -3.04 -41.69 -34.29
CA LEU A 222 -4.32 -42.28 -33.92
C LEU A 222 -5.47 -41.33 -34.24
N GLY A 223 -5.16 -40.05 -34.30
CA GLY A 223 -6.18 -39.03 -34.58
C GLY A 223 -7.31 -39.46 -35.50
N PRO A 224 -7.00 -39.98 -36.70
CA PRO A 224 -8.02 -40.43 -37.66
C PRO A 224 -9.00 -41.50 -37.17
N ALA A 225 -8.66 -42.17 -36.07
CA ALA A 225 -9.54 -43.21 -35.52
C ALA A 225 -10.68 -42.54 -34.74
N GLN A 226 -10.55 -41.24 -34.50
CA GLN A 226 -11.56 -40.48 -33.77
C GLN A 226 -11.88 -41.11 -32.41
N LEU A 227 -10.84 -41.35 -31.61
CA LEU A 227 -11.00 -41.96 -30.29
C LEU A 227 -11.66 -41.00 -29.30
N ASP A 228 -12.37 -41.55 -28.33
CA ASP A 228 -13.02 -40.74 -27.30
C ASP A 228 -12.00 -40.32 -26.27
N TRP A 229 -10.95 -41.13 -26.12
CA TRP A 229 -9.88 -40.84 -25.19
C TRP A 229 -8.71 -41.82 -25.31
N LEU A 230 -7.52 -41.35 -24.94
CA LEU A 230 -6.31 -42.16 -24.98
C LEU A 230 -5.96 -42.42 -23.51
N GLU A 231 -6.04 -43.68 -23.10
CA GLU A 231 -5.79 -44.02 -21.70
C GLU A 231 -4.35 -44.37 -21.33
N GLU A 232 -3.90 -43.76 -20.23
CA GLU A 232 -2.55 -43.94 -19.70
C GLU A 232 -1.43 -44.01 -20.74
N PRO A 233 -1.31 -42.99 -21.61
CA PRO A 233 -0.27 -42.97 -22.63
C PRO A 233 1.13 -42.87 -22.02
N LEU A 234 1.21 -42.31 -20.83
CA LEU A 234 2.48 -42.16 -20.12
C LEU A 234 2.35 -42.79 -18.74
N ARG A 235 3.47 -43.06 -18.10
CA ARG A 235 3.44 -43.62 -16.74
C ARG A 235 2.82 -42.56 -15.80
N ALA A 236 2.02 -43.02 -14.85
CA ALA A 236 1.37 -42.13 -13.88
C ALA A 236 2.40 -41.30 -13.11
N ASP A 237 3.65 -41.78 -13.15
CA ASP A 237 4.81 -41.16 -12.49
C ASP A 237 5.21 -39.82 -13.10
N ARG A 238 5.24 -39.77 -14.43
CA ARG A 238 5.64 -38.57 -15.16
C ARG A 238 5.22 -37.24 -14.53
N PRO A 239 6.11 -36.23 -14.58
CA PRO A 239 5.83 -34.91 -14.01
C PRO A 239 4.68 -34.23 -14.77
N ALA A 240 3.99 -33.31 -14.11
CA ALA A 240 2.88 -32.60 -14.71
C ALA A 240 3.22 -32.02 -16.07
N ALA A 241 4.45 -31.55 -16.20
CA ALA A 241 4.90 -30.94 -17.45
C ALA A 241 4.76 -31.85 -18.67
N GLU A 242 5.00 -33.15 -18.49
CA GLU A 242 4.92 -34.07 -19.60
C GLU A 242 3.48 -34.33 -19.99
N TRP A 243 2.58 -34.37 -19.01
CA TRP A 243 1.16 -34.59 -19.25
C TRP A 243 0.56 -33.36 -19.88
N ALA A 244 0.98 -32.20 -19.37
CA ALA A 244 0.49 -30.95 -19.89
C ALA A 244 0.87 -30.82 -21.37
N GLU A 245 2.10 -31.20 -21.69
CA GLU A 245 2.56 -31.11 -23.06
C GLU A 245 1.81 -32.08 -23.96
N LEU A 246 1.72 -33.34 -23.54
CA LEU A 246 1.04 -34.35 -24.34
C LEU A 246 -0.41 -33.97 -24.57
N ALA A 247 -1.06 -33.49 -23.51
CA ALA A 247 -2.47 -33.11 -23.59
C ALA A 247 -2.71 -32.11 -24.71
N GLN A 248 -1.81 -31.14 -24.85
CA GLN A 248 -1.95 -30.11 -25.87
C GLN A 248 -1.69 -30.66 -27.28
N ALA A 249 -0.73 -31.56 -27.39
CA ALA A 249 -0.38 -32.14 -28.67
C ALA A 249 -1.36 -33.21 -29.14
N ALA A 250 -2.10 -33.81 -28.22
CA ALA A 250 -3.02 -34.87 -28.58
C ALA A 250 -4.32 -34.35 -29.17
N PRO A 251 -4.81 -35.00 -30.24
CA PRO A 251 -6.06 -34.62 -30.93
C PRO A 251 -7.25 -35.05 -30.08
N MET A 252 -7.05 -36.09 -29.29
CA MET A 252 -8.11 -36.61 -28.43
C MET A 252 -7.78 -36.34 -26.97
N PRO A 253 -8.79 -36.43 -26.10
CA PRO A 253 -8.50 -36.20 -24.67
C PRO A 253 -7.77 -37.38 -24.03
N LEU A 254 -7.09 -37.09 -22.93
CA LEU A 254 -6.32 -38.07 -22.19
C LEU A 254 -7.13 -38.59 -21.01
N ALA A 255 -6.90 -39.85 -20.64
CA ALA A 255 -7.61 -40.46 -19.52
C ALA A 255 -6.63 -41.17 -18.59
N GLY A 256 -7.00 -41.24 -17.31
CA GLY A 256 -6.16 -41.89 -16.32
C GLY A 256 -6.89 -41.94 -15.00
N GLY A 257 -6.37 -42.72 -14.06
CA GLY A 257 -7.01 -42.83 -12.76
C GLY A 257 -6.75 -44.20 -12.17
N GLU A 258 -6.61 -45.18 -13.06
CA GLU A 258 -6.34 -46.56 -12.65
C GLU A 258 -5.20 -46.52 -11.65
N ASN A 259 -4.23 -45.64 -11.88
CA ASN A 259 -3.08 -45.56 -10.99
C ASN A 259 -2.84 -44.24 -10.28
N ILE A 260 -3.92 -43.61 -9.86
CA ILE A 260 -3.85 -42.39 -9.09
C ILE A 260 -4.64 -42.80 -7.85
N ALA A 261 -4.06 -42.59 -6.67
CA ALA A 261 -4.71 -42.95 -5.42
C ALA A 261 -4.54 -41.84 -4.40
N GLY A 262 -5.52 -41.68 -3.51
CA GLY A 262 -5.40 -40.64 -2.51
C GLY A 262 -6.08 -39.36 -2.94
N VAL A 263 -6.59 -38.62 -1.96
CA VAL A 263 -7.29 -37.38 -2.19
C VAL A 263 -6.40 -36.31 -2.81
N ALA A 264 -5.18 -36.18 -2.29
CA ALA A 264 -4.25 -35.18 -2.81
C ALA A 264 -3.86 -35.44 -4.27
N ALA A 265 -3.73 -36.70 -4.67
CA ALA A 265 -3.34 -37.01 -6.04
C ALA A 265 -4.40 -36.61 -7.06
N PHE A 266 -5.67 -36.79 -6.71
CA PHE A 266 -6.75 -36.43 -7.61
C PHE A 266 -6.90 -34.91 -7.72
N GLU A 267 -6.66 -34.20 -6.61
CA GLU A 267 -6.74 -32.74 -6.65
C GLU A 267 -5.69 -32.22 -7.63
N THR A 268 -4.52 -32.84 -7.61
CA THR A 268 -3.43 -32.47 -8.50
C THR A 268 -3.83 -32.70 -9.94
N ALA A 269 -4.42 -33.86 -10.21
CA ALA A 269 -4.86 -34.19 -11.56
C ALA A 269 -5.92 -33.18 -11.99
N LEU A 270 -6.84 -32.90 -11.07
CA LEU A 270 -7.92 -31.95 -11.31
C LEU A 270 -7.37 -30.54 -11.55
N ALA A 271 -6.38 -30.15 -10.75
CA ALA A 271 -5.76 -28.84 -10.86
C ALA A 271 -5.15 -28.56 -12.23
N ALA A 272 -4.73 -29.62 -12.92
CA ALA A 272 -4.10 -29.48 -14.23
C ALA A 272 -5.03 -29.68 -15.42
N ARG A 273 -5.99 -30.59 -15.28
CA ARG A 273 -6.94 -30.86 -16.34
C ARG A 273 -6.24 -31.38 -17.61
N SER A 274 -5.11 -32.06 -17.42
CA SER A 274 -4.39 -32.65 -18.54
C SER A 274 -5.20 -33.88 -18.89
N LEU A 275 -5.70 -34.55 -17.85
CA LEU A 275 -6.57 -35.71 -18.02
C LEU A 275 -7.99 -35.13 -18.11
N ARG A 276 -8.73 -35.47 -19.16
CA ARG A 276 -10.10 -34.96 -19.27
C ARG A 276 -11.11 -36.05 -18.92
N VAL A 277 -10.61 -37.27 -18.77
CA VAL A 277 -11.42 -38.41 -18.41
C VAL A 277 -10.72 -39.02 -17.18
N MET A 278 -11.30 -38.81 -16.01
CA MET A 278 -10.72 -39.36 -14.79
C MET A 278 -11.41 -40.69 -14.49
N GLN A 279 -10.59 -41.70 -14.19
CA GLN A 279 -11.06 -43.06 -13.97
C GLN A 279 -10.64 -43.69 -12.63
N PRO A 280 -11.14 -43.16 -11.51
CA PRO A 280 -10.73 -43.80 -10.25
C PRO A 280 -11.33 -45.22 -10.11
N ASP A 281 -10.48 -46.16 -9.70
CA ASP A 281 -10.90 -47.56 -9.51
C ASP A 281 -11.33 -47.71 -8.05
N LEU A 282 -12.62 -47.59 -7.79
CA LEU A 282 -13.12 -47.65 -6.42
C LEU A 282 -12.71 -48.89 -5.62
N ALA A 283 -12.31 -49.96 -6.30
CA ALA A 283 -11.86 -51.17 -5.59
C ALA A 283 -10.34 -51.12 -5.34
N LYS A 284 -9.67 -50.17 -5.98
CA LYS A 284 -8.23 -50.00 -5.82
C LYS A 284 -7.98 -48.97 -4.73
N TRP A 285 -8.75 -47.89 -4.74
CA TRP A 285 -8.59 -46.84 -3.74
C TRP A 285 -9.87 -46.10 -3.31
N GLY A 286 -9.90 -45.73 -2.03
CA GLY A 286 -11.00 -44.97 -1.46
C GLY A 286 -12.38 -45.61 -1.33
N GLY A 287 -12.72 -46.50 -2.25
CA GLY A 287 -14.04 -47.11 -2.19
C GLY A 287 -15.03 -46.00 -2.48
N PHE A 288 -16.24 -46.12 -1.94
CA PHE A 288 -17.25 -45.10 -2.17
C PHE A 288 -16.92 -43.83 -1.38
N SER A 289 -16.60 -44.01 -0.11
CA SER A 289 -16.25 -42.89 0.74
C SER A 289 -15.24 -41.98 0.04
N GLY A 290 -14.25 -42.56 -0.61
CA GLY A 290 -13.24 -41.77 -1.29
C GLY A 290 -13.58 -41.35 -2.71
N CYS A 291 -14.08 -42.27 -3.52
CA CYS A 291 -14.37 -41.97 -4.91
C CYS A 291 -15.61 -41.17 -5.26
N LEU A 292 -16.64 -41.20 -4.43
CA LEU A 292 -17.85 -40.43 -4.74
C LEU A 292 -17.47 -38.94 -4.84
N PRO A 293 -16.80 -38.41 -3.80
CA PRO A 293 -16.39 -36.98 -3.82
C PRO A 293 -15.58 -36.65 -5.06
N VAL A 294 -14.55 -37.45 -5.35
CA VAL A 294 -13.73 -37.15 -6.52
C VAL A 294 -14.49 -37.30 -7.84
N ALA A 295 -15.40 -38.27 -7.91
CA ALA A 295 -16.17 -38.46 -9.15
C ALA A 295 -17.13 -37.28 -9.34
N ARG A 296 -17.74 -36.84 -8.24
CA ARG A 296 -18.66 -35.72 -8.34
C ARG A 296 -17.86 -34.48 -8.73
N ALA A 297 -16.70 -34.32 -8.09
CA ALA A 297 -15.83 -33.20 -8.38
C ALA A 297 -15.43 -33.18 -9.84
N VAL A 298 -15.09 -34.34 -10.39
CA VAL A 298 -14.69 -34.44 -11.79
C VAL A 298 -15.80 -33.99 -12.74
N VAL A 299 -17.01 -34.48 -12.50
CA VAL A 299 -18.14 -34.13 -13.35
C VAL A 299 -18.51 -32.65 -13.22
N ALA A 300 -18.45 -32.12 -12.00
CA ALA A 300 -18.76 -30.71 -11.78
C ALA A 300 -17.71 -29.82 -12.46
N ALA A 301 -16.47 -30.30 -12.55
CA ALA A 301 -15.41 -29.53 -13.17
C ALA A 301 -15.47 -29.58 -14.69
N GLY A 302 -16.54 -30.13 -15.23
CA GLY A 302 -16.67 -30.19 -16.68
C GLY A 302 -15.87 -31.30 -17.35
N LEU A 303 -15.49 -32.31 -16.59
CA LEU A 303 -14.72 -33.42 -17.14
C LEU A 303 -15.53 -34.73 -17.06
N ARG A 304 -15.10 -35.75 -17.81
CA ARG A 304 -15.80 -37.04 -17.79
C ARG A 304 -15.31 -38.00 -16.72
N TYR A 305 -16.25 -38.71 -16.11
CA TYR A 305 -15.93 -39.72 -15.12
C TYR A 305 -16.34 -41.06 -15.72
N CYS A 306 -15.37 -41.83 -16.19
CA CYS A 306 -15.64 -43.13 -16.80
C CYS A 306 -14.88 -44.23 -16.10
N PRO A 307 -15.51 -44.88 -15.11
CA PRO A 307 -14.86 -45.98 -14.38
C PRO A 307 -14.83 -47.28 -15.18
N HIS A 308 -14.03 -48.23 -14.73
CA HIS A 308 -13.94 -49.53 -15.37
C HIS A 308 -13.35 -50.49 -14.36
N TYR A 309 -13.87 -51.71 -14.33
CA TYR A 309 -13.36 -52.69 -13.39
C TYR A 309 -13.07 -53.99 -14.14
N LEU A 310 -11.81 -54.44 -14.08
CA LEU A 310 -11.42 -55.67 -14.76
C LEU A 310 -11.26 -56.83 -13.77
N GLY A 311 -11.85 -56.72 -12.60
CA GLY A 311 -11.75 -57.79 -11.63
C GLY A 311 -12.99 -58.67 -11.67
N ALA A 312 -13.42 -59.14 -10.51
CA ALA A 312 -14.60 -60.00 -10.40
C ALA A 312 -15.88 -59.18 -10.39
N GLY A 313 -17.01 -59.87 -10.30
CA GLY A 313 -18.31 -59.22 -10.33
C GLY A 313 -18.66 -58.21 -9.25
N ILE A 314 -18.31 -58.50 -8.00
CA ILE A 314 -18.64 -57.60 -6.91
C ILE A 314 -18.10 -56.19 -7.15
N GLY A 315 -16.83 -56.11 -7.52
CA GLY A 315 -16.21 -54.82 -7.77
C GLY A 315 -16.85 -54.13 -8.95
N LEU A 316 -17.22 -54.90 -9.96
CA LEU A 316 -17.86 -54.33 -11.15
C LEU A 316 -19.22 -53.76 -10.80
N GLN A 317 -20.01 -54.50 -10.01
CA GLN A 317 -21.33 -54.04 -9.61
C GLN A 317 -21.16 -52.75 -8.80
N ALA A 318 -20.15 -52.73 -7.92
CA ALA A 318 -19.87 -51.56 -7.11
C ALA A 318 -19.60 -50.33 -7.97
N SER A 319 -18.91 -50.55 -9.08
CA SER A 319 -18.59 -49.45 -10.00
C SER A 319 -19.81 -48.98 -10.77
N ALA A 320 -20.68 -49.91 -11.14
CA ALA A 320 -21.89 -49.57 -11.87
C ALA A 320 -22.75 -48.66 -10.99
N HIS A 321 -22.82 -48.97 -9.70
CA HIS A 321 -23.61 -48.16 -8.80
C HIS A 321 -23.07 -46.75 -8.66
N LEU A 322 -21.75 -46.64 -8.54
CA LEU A 322 -21.16 -45.32 -8.39
C LEU A 322 -21.43 -44.49 -9.65
N LEU A 323 -21.22 -45.08 -10.83
CA LEU A 323 -21.47 -44.36 -12.07
C LEU A 323 -22.94 -43.92 -12.20
N ALA A 324 -23.85 -44.71 -11.66
CA ALA A 324 -25.26 -44.37 -11.74
C ALA A 324 -25.51 -43.16 -10.82
N ALA A 325 -24.83 -43.15 -9.68
CA ALA A 325 -24.97 -42.06 -8.73
C ALA A 325 -24.33 -40.77 -9.26
N VAL A 326 -23.33 -40.90 -10.15
CA VAL A 326 -22.65 -39.75 -10.72
C VAL A 326 -22.69 -39.91 -12.24
N PRO A 327 -23.90 -39.77 -12.81
CA PRO A 327 -24.26 -39.88 -14.23
C PRO A 327 -23.42 -39.11 -15.25
N GLY A 328 -23.12 -37.86 -14.92
CA GLY A 328 -22.36 -37.05 -15.86
C GLY A 328 -23.24 -35.94 -16.37
N LEU A 329 -22.61 -34.83 -16.75
CA LEU A 329 -23.35 -33.67 -17.25
C LEU A 329 -22.86 -33.36 -18.65
N ALA A 330 -21.58 -33.04 -18.76
CA ALA A 330 -20.98 -32.75 -20.05
C ALA A 330 -21.19 -33.96 -20.98
N SER A 331 -20.44 -35.04 -20.70
CA SER A 331 -20.53 -36.27 -21.49
C SER A 331 -20.90 -37.49 -20.62
N PRO A 332 -21.89 -38.28 -21.07
CA PRO A 332 -22.36 -39.48 -20.35
C PRO A 332 -21.22 -40.41 -19.96
N GLY A 333 -21.16 -40.78 -18.69
CA GLY A 333 -20.10 -41.67 -18.24
C GLY A 333 -20.31 -43.09 -18.72
N LEU A 334 -19.22 -43.80 -18.97
CA LEU A 334 -19.31 -45.19 -19.43
C LEU A 334 -18.53 -46.10 -18.52
N LEU A 335 -19.17 -47.21 -18.12
CA LEU A 335 -18.54 -48.19 -17.24
C LEU A 335 -17.89 -49.23 -18.14
N GLY A 336 -16.59 -49.47 -17.91
CA GLY A 336 -15.86 -50.44 -18.72
C GLY A 336 -15.95 -51.84 -18.14
N VAL A 337 -16.25 -52.80 -19.01
CA VAL A 337 -16.36 -54.19 -18.59
C VAL A 337 -15.32 -55.01 -19.31
N ASP A 338 -14.62 -55.88 -18.57
CA ASP A 338 -13.58 -56.75 -19.13
C ASP A 338 -14.12 -57.49 -20.35
N ALA A 339 -13.42 -57.39 -21.47
CA ALA A 339 -13.87 -58.04 -22.69
C ALA A 339 -13.67 -59.55 -22.71
N ASN A 340 -12.66 -60.03 -21.98
CA ASN A 340 -12.34 -61.45 -21.91
C ASN A 340 -13.20 -62.24 -20.95
N ASP A 341 -13.28 -63.55 -21.18
CA ASP A 341 -14.11 -64.41 -20.34
C ASP A 341 -13.54 -64.60 -18.94
N ASN A 342 -14.39 -64.47 -17.93
CA ASN A 342 -14.00 -64.65 -16.54
C ASN A 342 -15.25 -64.90 -15.71
N PRO A 343 -15.48 -66.16 -15.33
CA PRO A 343 -16.64 -66.53 -14.52
C PRO A 343 -16.70 -65.78 -13.21
N LEU A 344 -15.53 -65.43 -12.66
CA LEU A 344 -15.49 -64.70 -11.41
C LEU A 344 -16.22 -63.38 -11.54
N ARG A 345 -16.29 -62.86 -12.77
CA ARG A 345 -17.01 -61.62 -13.04
C ARG A 345 -18.47 -61.92 -13.41
N SER A 346 -18.66 -62.86 -14.34
CA SER A 346 -20.00 -63.21 -14.80
C SER A 346 -20.93 -63.82 -13.75
N LEU A 347 -20.35 -64.63 -12.86
CA LEU A 347 -21.17 -65.28 -11.83
C LEU A 347 -21.55 -64.29 -10.72
N LEU A 348 -20.98 -63.08 -10.75
CA LEU A 348 -21.28 -62.11 -9.71
C LEU A 348 -21.75 -60.75 -10.19
N SER A 349 -22.19 -60.65 -11.43
CA SER A 349 -22.67 -59.38 -11.93
C SER A 349 -23.95 -59.51 -12.73
N PRO A 350 -25.09 -59.71 -12.04
CA PRO A 350 -26.40 -59.86 -12.66
C PRO A 350 -26.88 -58.65 -13.46
N ALA A 351 -26.30 -57.49 -13.23
CA ALA A 351 -26.70 -56.30 -13.97
C ALA A 351 -26.43 -56.51 -15.45
N LEU A 352 -25.46 -57.35 -15.75
CA LEU A 352 -25.11 -57.61 -17.15
C LEU A 352 -26.21 -58.31 -17.92
N ALA A 353 -27.04 -59.07 -17.22
CA ALA A 353 -28.14 -59.79 -17.85
C ALA A 353 -29.21 -58.83 -18.40
N THR A 354 -29.09 -57.55 -18.06
CA THR A 354 -30.02 -56.55 -18.55
C THR A 354 -29.41 -55.80 -19.71
N LEU A 355 -28.19 -56.20 -20.10
CA LEU A 355 -27.47 -55.53 -21.19
C LEU A 355 -28.28 -55.49 -22.48
N HIS A 356 -28.78 -54.31 -22.80
CA HIS A 356 -29.56 -54.12 -24.00
C HIS A 356 -29.22 -52.77 -24.59
N GLU A 357 -28.80 -52.77 -25.86
CA GLU A 357 -28.44 -51.55 -26.56
C GLU A 357 -27.30 -50.87 -25.81
N GLY A 358 -26.22 -51.61 -25.61
CA GLY A 358 -25.07 -51.06 -24.91
C GLY A 358 -25.32 -50.45 -23.54
N ARG A 359 -26.45 -50.74 -22.92
CA ARG A 359 -26.74 -50.18 -21.60
C ARG A 359 -27.30 -51.20 -20.62
N ILE A 360 -27.07 -50.95 -19.34
CA ILE A 360 -27.58 -51.83 -18.32
C ILE A 360 -28.30 -51.00 -17.27
N THR A 361 -29.16 -51.65 -16.49
CA THR A 361 -29.88 -50.99 -15.42
C THR A 361 -29.69 -51.81 -14.15
N LEU A 362 -29.40 -51.11 -13.06
CA LEU A 362 -29.14 -51.73 -11.78
C LEU A 362 -30.35 -52.24 -11.01
N GLY A 363 -31.53 -51.72 -11.31
CA GLY A 363 -32.73 -52.16 -10.61
C GLY A 363 -32.77 -51.59 -9.20
N GLY A 364 -33.73 -52.05 -8.40
CA GLY A 364 -33.87 -51.54 -7.05
C GLY A 364 -33.37 -52.46 -5.95
N ALA A 365 -32.78 -53.59 -6.33
CA ALA A 365 -32.24 -54.54 -5.36
C ALA A 365 -31.31 -53.79 -4.40
N PRO A 366 -31.41 -54.08 -3.10
CA PRO A 366 -30.59 -53.46 -2.06
C PRO A 366 -29.08 -53.62 -2.24
N GLY A 367 -28.33 -52.60 -1.82
CA GLY A 367 -26.88 -52.62 -1.92
C GLY A 367 -26.28 -52.78 -3.31
N LEU A 368 -25.36 -53.72 -3.43
CA LEU A 368 -24.69 -54.01 -4.69
C LEU A 368 -25.64 -54.71 -5.65
N GLY A 369 -26.72 -55.27 -5.11
CA GLY A 369 -27.67 -55.98 -5.93
C GLY A 369 -27.28 -57.44 -6.10
N VAL A 370 -26.30 -57.90 -5.32
CA VAL A 370 -25.87 -59.29 -5.42
C VAL A 370 -25.20 -59.76 -4.14
N THR A 371 -25.32 -61.06 -3.88
CA THR A 371 -24.70 -61.68 -2.72
C THR A 371 -23.94 -62.87 -3.27
N PRO A 372 -22.63 -62.93 -3.04
CA PRO A 372 -21.89 -64.07 -3.57
C PRO A 372 -22.28 -65.41 -2.96
N ASP A 373 -22.07 -66.47 -3.74
CA ASP A 373 -22.33 -67.82 -3.27
C ASP A 373 -20.95 -68.47 -3.19
N LEU A 374 -20.27 -68.21 -2.07
CA LEU A 374 -18.93 -68.73 -1.85
C LEU A 374 -18.83 -70.21 -2.15
N ALA A 375 -19.72 -70.99 -1.54
CA ALA A 375 -19.74 -72.44 -1.74
C ALA A 375 -19.75 -72.75 -3.24
N ALA A 376 -20.69 -72.13 -3.95
CA ALA A 376 -20.81 -72.33 -5.39
C ALA A 376 -19.55 -71.90 -6.13
N LEU A 377 -19.06 -70.69 -5.85
CA LEU A 377 -17.84 -70.16 -6.49
C LEU A 377 -16.61 -71.08 -6.35
N ARG A 378 -16.40 -71.61 -5.15
CA ARG A 378 -15.28 -72.51 -4.90
C ARG A 378 -15.42 -73.74 -5.79
N ALA A 379 -16.65 -74.24 -5.88
CA ALA A 379 -16.96 -75.39 -6.68
C ALA A 379 -16.66 -75.11 -8.15
N ALA A 380 -16.97 -73.90 -8.60
CA ALA A 380 -16.71 -73.52 -9.98
C ALA A 380 -15.21 -73.44 -10.23
N CYS A 381 -14.42 -73.29 -9.17
CA CYS A 381 -12.98 -73.20 -9.30
C CYS A 381 -12.30 -74.57 -9.21
N ALA B 8 -15.50 -19.36 -20.70
CA ALA B 8 -15.67 -20.01 -19.36
C ALA B 8 -15.30 -19.02 -18.24
N SER B 9 -16.31 -18.48 -17.56
CA SER B 9 -16.10 -17.52 -16.48
C SER B 9 -15.23 -18.10 -15.37
N ILE B 10 -14.74 -17.23 -14.50
CA ILE B 10 -13.89 -17.64 -13.39
C ILE B 10 -14.60 -17.51 -12.06
N THR B 11 -14.42 -18.53 -11.21
CA THR B 11 -15.04 -18.50 -9.90
C THR B 11 -14.05 -18.90 -8.82
N PRO B 12 -13.22 -17.94 -8.38
CA PRO B 12 -12.21 -18.22 -7.34
C PRO B 12 -12.85 -18.95 -6.17
N ALA B 13 -12.12 -19.90 -5.59
CA ALA B 13 -12.64 -20.68 -4.47
C ALA B 13 -11.72 -20.64 -3.25
N ARG B 14 -10.43 -20.71 -3.49
CA ARG B 14 -9.45 -20.68 -2.41
C ARG B 14 -8.26 -19.86 -2.89
N VAL B 15 -7.83 -18.91 -2.07
CA VAL B 15 -6.71 -18.06 -2.42
C VAL B 15 -5.64 -18.15 -1.35
N ARG B 16 -4.43 -18.50 -1.75
CA ARG B 16 -3.37 -18.65 -0.78
C ARG B 16 -2.07 -17.94 -1.16
N ALA B 17 -1.36 -17.44 -0.14
CA ALA B 17 -0.10 -16.73 -0.34
C ALA B 17 1.05 -17.44 0.39
N HIS B 18 2.21 -17.51 -0.27
CA HIS B 18 3.36 -18.16 0.32
C HIS B 18 4.55 -17.23 0.32
N VAL B 19 5.18 -17.10 1.49
CA VAL B 19 6.32 -16.23 1.64
C VAL B 19 7.61 -17.05 1.75
N PHE B 20 8.65 -16.58 1.06
CA PHE B 20 9.95 -17.23 1.06
C PHE B 20 11.01 -16.17 1.24
N ARG B 21 12.06 -16.51 1.97
CA ARG B 21 13.15 -15.58 2.18
C ARG B 21 14.44 -16.37 2.09
N TYR B 22 15.13 -16.24 0.97
CA TYR B 22 16.38 -16.94 0.74
C TYR B 22 17.53 -16.11 1.29
N PRO B 23 18.17 -16.59 2.38
CA PRO B 23 19.29 -15.88 2.99
C PRO B 23 20.56 -15.85 2.13
N VAL B 24 21.21 -14.70 2.09
CA VAL B 24 22.43 -14.51 1.31
C VAL B 24 23.68 -14.47 2.18
N HIS B 36 20.28 -8.51 2.57
CA HIS B 36 20.29 -9.50 3.64
C HIS B 36 19.79 -10.85 3.13
N ASP B 37 18.55 -10.86 2.64
CA ASP B 37 17.93 -12.05 2.08
C ASP B 37 17.03 -11.62 0.93
N ARG B 38 16.80 -12.54 -0.01
CA ARG B 38 15.94 -12.25 -1.16
C ARG B 38 14.55 -12.75 -0.80
N PRO B 39 13.57 -11.83 -0.74
CA PRO B 39 12.20 -12.20 -0.40
C PRO B 39 11.36 -12.56 -1.62
N ALA B 40 10.21 -13.17 -1.39
CA ALA B 40 9.30 -13.54 -2.47
C ALA B 40 7.92 -13.88 -1.90
N VAL B 41 6.87 -13.52 -2.64
CA VAL B 41 5.51 -13.83 -2.24
C VAL B 41 4.84 -14.46 -3.46
N LEU B 42 4.58 -15.75 -3.40
CA LEU B 42 3.92 -16.43 -4.51
C LEU B 42 2.47 -16.64 -4.14
N VAL B 43 1.55 -16.44 -5.07
CA VAL B 43 0.14 -16.64 -4.78
C VAL B 43 -0.45 -17.67 -5.70
N GLU B 44 -1.39 -18.47 -5.17
CA GLU B 44 -2.06 -19.48 -5.97
C GLU B 44 -3.55 -19.35 -5.78
N VAL B 45 -4.27 -19.21 -6.88
CA VAL B 45 -5.72 -19.10 -6.83
C VAL B 45 -6.35 -20.40 -7.31
N GLU B 46 -7.16 -21.04 -6.47
CA GLU B 46 -7.81 -22.26 -6.88
C GLU B 46 -9.20 -22.02 -7.42
N ASP B 47 -9.43 -22.54 -8.60
CA ASP B 47 -10.70 -22.42 -9.30
C ASP B 47 -11.82 -23.15 -8.57
N SER B 48 -13.05 -22.93 -9.04
CA SER B 48 -14.22 -23.59 -8.47
C SER B 48 -14.25 -25.03 -8.98
N ASP B 49 -13.50 -25.30 -10.04
CA ASP B 49 -13.42 -26.65 -10.61
C ASP B 49 -12.18 -27.37 -10.12
N GLY B 50 -11.35 -26.67 -9.34
CA GLY B 50 -10.15 -27.28 -8.81
C GLY B 50 -8.91 -26.89 -9.59
N ALA B 51 -9.08 -26.07 -10.62
CA ALA B 51 -7.96 -25.65 -11.42
C ALA B 51 -7.13 -24.63 -10.63
N VAL B 52 -5.81 -24.67 -10.81
CA VAL B 52 -4.93 -23.77 -10.11
C VAL B 52 -4.16 -22.80 -10.99
N GLY B 53 -4.00 -21.57 -10.50
CA GLY B 53 -3.26 -20.56 -11.23
C GLY B 53 -2.24 -19.95 -10.31
N TRP B 54 -1.06 -19.63 -10.83
CA TRP B 54 -0.01 -19.06 -9.99
C TRP B 54 0.36 -17.62 -10.36
N GLY B 55 0.81 -16.88 -9.36
CA GLY B 55 1.23 -15.52 -9.58
C GLY B 55 2.25 -15.07 -8.56
N GLU B 56 2.78 -13.87 -8.73
CA GLU B 56 3.77 -13.33 -7.80
C GLU B 56 3.47 -11.88 -7.46
N VAL B 57 3.57 -11.55 -6.17
CA VAL B 57 3.33 -10.19 -5.73
C VAL B 57 4.69 -9.54 -5.45
N TRP B 58 4.96 -8.42 -6.11
CA TRP B 58 6.20 -7.70 -5.93
C TRP B 58 6.45 -7.42 -4.45
N CYS B 59 7.70 -7.52 -4.01
CA CYS B 59 8.00 -7.27 -2.61
C CYS B 59 9.47 -7.05 -2.28
N ASN B 60 10.24 -6.52 -3.23
CA ASN B 60 11.65 -6.30 -2.93
C ASN B 60 11.86 -5.26 -1.84
N PHE B 61 10.92 -4.32 -1.69
CA PHE B 61 11.02 -3.29 -0.67
C PHE B 61 9.68 -2.98 -0.01
N PRO B 62 9.70 -2.62 1.30
CA PRO B 62 10.93 -2.51 2.09
C PRO B 62 11.41 -3.94 2.33
N ALA B 63 12.63 -4.11 2.84
CA ALA B 63 13.14 -5.46 3.06
C ALA B 63 12.17 -6.30 3.90
N CYS B 64 11.40 -5.64 4.75
CA CYS B 64 10.47 -6.34 5.64
C CYS B 64 9.01 -6.44 5.21
N GLY B 65 8.69 -5.95 4.01
CA GLY B 65 7.29 -5.97 3.60
C GLY B 65 6.62 -7.16 2.94
N ALA B 66 7.26 -8.32 2.86
CA ALA B 66 6.65 -9.48 2.19
C ALA B 66 5.49 -10.12 2.95
N GLU B 67 5.63 -10.24 4.27
CA GLU B 67 4.58 -10.83 5.08
C GLU B 67 3.31 -9.99 5.03
N HIS B 68 3.45 -8.68 5.20
CA HIS B 68 2.30 -7.80 5.15
C HIS B 68 1.53 -7.97 3.84
N ARG B 69 2.26 -8.12 2.74
CA ARG B 69 1.63 -8.28 1.43
C ARG B 69 0.89 -9.60 1.30
N ALA B 70 1.49 -10.65 1.85
CA ALA B 70 0.87 -11.97 1.83
C ALA B 70 -0.41 -11.90 2.65
N ARG B 71 -0.35 -11.23 3.80
CA ARG B 71 -1.52 -11.08 4.66
C ARG B 71 -2.62 -10.33 3.93
N LEU B 72 -2.25 -9.31 3.18
CA LEU B 72 -3.24 -8.53 2.43
C LEU B 72 -4.00 -9.38 1.44
N VAL B 73 -3.29 -10.31 0.80
CA VAL B 73 -3.90 -11.21 -0.19
C VAL B 73 -4.89 -12.14 0.49
N GLU B 74 -4.51 -12.67 1.64
CA GLU B 74 -5.39 -13.58 2.35
C GLU B 74 -6.51 -12.92 3.16
N THR B 75 -6.21 -11.86 3.90
CA THR B 75 -7.22 -11.22 4.72
C THR B 75 -8.10 -10.17 4.02
N VAL B 76 -7.63 -9.61 2.91
CA VAL B 76 -8.41 -8.58 2.23
C VAL B 76 -8.89 -8.90 0.81
N LEU B 77 -7.98 -9.38 -0.02
CA LEU B 77 -8.36 -9.66 -1.41
C LEU B 77 -9.06 -11.00 -1.61
N ALA B 78 -8.61 -12.05 -0.92
CA ALA B 78 -9.20 -13.37 -1.05
C ALA B 78 -10.72 -13.33 -0.85
N PRO B 79 -11.18 -12.72 0.27
CA PRO B 79 -12.61 -12.59 0.61
C PRO B 79 -13.41 -11.96 -0.53
N LEU B 80 -12.86 -10.90 -1.12
CA LEU B 80 -13.54 -10.24 -2.22
C LEU B 80 -13.62 -11.16 -3.44
N LEU B 81 -12.51 -11.85 -3.71
CA LEU B 81 -12.40 -12.75 -4.86
C LEU B 81 -13.28 -13.99 -4.81
N THR B 82 -13.31 -14.65 -3.65
CA THR B 82 -14.10 -15.87 -3.49
C THR B 82 -15.55 -15.60 -3.07
N ALA B 83 -16.06 -14.42 -3.35
CA ALA B 83 -17.45 -14.10 -2.97
C ALA B 83 -18.38 -14.11 -4.18
N ARG B 84 -17.80 -13.95 -5.36
CA ARG B 84 -18.60 -13.93 -6.58
C ARG B 84 -17.83 -14.58 -7.73
N ALA B 85 -18.37 -14.44 -8.94
CA ALA B 85 -17.74 -14.98 -10.12
C ALA B 85 -17.39 -13.81 -11.04
N PHE B 86 -16.58 -14.07 -12.06
CA PHE B 86 -16.17 -13.01 -12.97
C PHE B 86 -16.11 -13.45 -14.42
N ALA B 87 -16.54 -12.56 -15.30
CA ALA B 87 -16.53 -12.85 -16.73
C ALA B 87 -15.13 -13.26 -17.18
N ASP B 88 -14.13 -12.50 -16.73
CA ASP B 88 -12.74 -12.76 -17.07
C ASP B 88 -11.86 -12.14 -15.97
N PRO B 89 -10.53 -12.30 -16.08
CA PRO B 89 -9.65 -11.74 -15.05
C PRO B 89 -9.72 -10.21 -14.99
N ALA B 90 -9.90 -9.57 -16.14
CA ALA B 90 -9.98 -8.12 -16.20
C ALA B 90 -11.10 -7.62 -15.29
N GLN B 91 -12.20 -8.35 -15.27
CA GLN B 91 -13.32 -7.95 -14.42
C GLN B 91 -13.00 -8.18 -12.94
N ALA B 92 -12.27 -9.23 -12.62
CA ALA B 92 -11.92 -9.47 -11.21
C ALA B 92 -10.93 -8.39 -10.80
N PHE B 93 -10.11 -7.95 -11.74
CA PHE B 93 -9.12 -6.92 -11.48
C PHE B 93 -9.83 -5.61 -11.13
N ALA B 94 -10.78 -5.22 -11.97
CA ALA B 94 -11.54 -3.99 -11.74
C ALA B 94 -12.33 -4.06 -10.43
N HIS B 95 -12.88 -5.22 -10.12
CA HIS B 95 -13.64 -5.35 -8.89
C HIS B 95 -12.75 -5.10 -7.68
N LEU B 96 -11.55 -5.68 -7.70
CA LEU B 96 -10.61 -5.55 -6.60
C LEU B 96 -10.12 -4.12 -6.37
N GLU B 97 -9.80 -3.41 -7.45
CA GLU B 97 -9.35 -2.04 -7.32
C GLU B 97 -10.46 -1.17 -6.74
N ALA B 98 -11.67 -1.36 -7.23
CA ALA B 98 -12.82 -0.59 -6.77
C ALA B 98 -13.16 -0.83 -5.30
N ARG B 99 -13.11 -2.09 -4.88
CA ARG B 99 -13.44 -2.43 -3.51
C ARG B 99 -12.32 -2.09 -2.50
N THR B 100 -11.14 -1.71 -2.97
CA THR B 100 -10.06 -1.40 -2.04
C THR B 100 -9.62 0.05 -2.12
N ALA B 101 -10.25 0.77 -3.04
CA ALA B 101 -9.94 2.18 -3.28
C ALA B 101 -9.97 3.03 -2.02
N VAL B 102 -11.03 2.88 -1.24
CA VAL B 102 -11.17 3.65 -0.01
C VAL B 102 -10.20 3.18 1.06
N LEU B 103 -10.00 1.87 1.15
CA LEU B 103 -9.07 1.33 2.14
C LEU B 103 -7.69 1.89 1.85
N ALA B 104 -7.34 1.98 0.57
CA ALA B 104 -6.04 2.50 0.15
C ALA B 104 -5.85 3.90 0.70
N ILE B 105 -6.91 4.71 0.63
CA ILE B 105 -6.85 6.07 1.13
C ILE B 105 -6.66 6.04 2.64
N GLN B 106 -7.55 5.33 3.32
CA GLN B 106 -7.54 5.19 4.79
C GLN B 106 -6.22 4.79 5.40
N THR B 107 -5.44 4.00 4.68
CA THR B 107 -4.18 3.50 5.20
C THR B 107 -2.95 4.07 4.51
N GLY B 108 -3.15 4.64 3.33
CA GLY B 108 -2.03 5.17 2.58
C GLY B 108 -1.14 4.05 2.09
N GLU B 109 -1.78 2.94 1.72
CA GLU B 109 -1.10 1.75 1.21
C GLU B 109 -1.52 1.44 -0.23
N PRO B 110 -1.38 2.41 -1.14
CA PRO B 110 -1.77 2.15 -2.53
C PRO B 110 -0.85 1.11 -3.17
N GLY B 111 0.39 1.04 -2.68
CA GLY B 111 1.36 0.09 -3.22
C GLY B 111 1.11 -1.35 -2.82
N PRO B 112 1.14 -1.66 -1.51
CA PRO B 112 0.90 -3.03 -1.06
C PRO B 112 -0.35 -3.62 -1.73
N LEU B 113 -1.41 -2.81 -1.82
CA LEU B 113 -2.66 -3.24 -2.45
C LEU B 113 -2.50 -3.45 -3.95
N ALA B 114 -1.89 -2.49 -4.64
CA ALA B 114 -1.69 -2.64 -6.07
C ALA B 114 -0.92 -3.93 -6.31
N GLN B 115 0.19 -4.08 -5.58
CA GLN B 115 1.06 -5.23 -5.69
C GLN B 115 0.31 -6.54 -5.42
N ALA B 116 -0.45 -6.58 -4.33
CA ALA B 116 -1.20 -7.80 -4.03
C ALA B 116 -2.18 -8.09 -5.18
N ILE B 117 -2.90 -7.05 -5.62
CA ILE B 117 -3.86 -7.20 -6.70
C ILE B 117 -3.17 -7.65 -7.98
N ALA B 118 -1.99 -7.12 -8.25
CA ALA B 118 -1.27 -7.49 -9.46
C ALA B 118 -0.92 -8.98 -9.46
N GLY B 119 -0.37 -9.48 -8.36
CA GLY B 119 -0.01 -10.88 -8.28
C GLY B 119 -1.21 -11.79 -8.48
N LEU B 120 -2.36 -11.38 -7.94
CA LEU B 120 -3.57 -12.16 -8.08
C LEU B 120 -4.09 -12.11 -9.50
N ASP B 121 -3.73 -11.06 -10.24
CA ASP B 121 -4.20 -10.99 -11.61
C ASP B 121 -3.39 -11.96 -12.44
N ILE B 122 -2.10 -12.03 -12.15
CA ILE B 122 -1.20 -12.92 -12.87
C ILE B 122 -1.67 -14.35 -12.70
N ALA B 123 -2.11 -14.68 -11.49
CA ALA B 123 -2.59 -16.03 -11.21
C ALA B 123 -3.88 -16.36 -11.96
N LEU B 124 -4.84 -15.43 -11.93
CA LEU B 124 -6.11 -15.66 -12.62
C LEU B 124 -5.91 -15.81 -14.13
N CYS B 125 -4.91 -15.10 -14.68
CA CYS B 125 -4.64 -15.20 -16.10
C CYS B 125 -3.91 -16.52 -16.38
N ASP B 126 -3.02 -16.92 -15.46
CA ASP B 126 -2.29 -18.16 -15.58
C ASP B 126 -3.35 -19.26 -15.61
N LEU B 127 -4.35 -19.14 -14.74
CA LEU B 127 -5.44 -20.10 -14.65
C LEU B 127 -6.27 -20.15 -15.93
N ALA B 128 -6.67 -18.98 -16.41
CA ALA B 128 -7.48 -18.88 -17.64
C ALA B 128 -6.72 -19.47 -18.83
N ALA B 129 -5.42 -19.21 -18.90
CA ALA B 129 -4.60 -19.71 -19.99
C ALA B 129 -4.44 -21.21 -19.90
N ARG B 130 -4.28 -21.73 -18.68
CA ARG B 130 -4.13 -23.16 -18.50
C ARG B 130 -5.42 -23.91 -18.86
N ARG B 131 -6.57 -23.43 -18.38
CA ARG B 131 -7.84 -24.09 -18.69
C ARG B 131 -8.02 -24.13 -20.20
N ALA B 132 -7.46 -23.15 -20.89
CA ALA B 132 -7.58 -23.11 -22.34
C ALA B 132 -6.44 -23.87 -23.02
N GLY B 133 -5.56 -24.47 -22.22
CA GLY B 133 -4.44 -25.20 -22.77
C GLY B 133 -3.50 -24.34 -23.60
N GLN B 134 -3.28 -23.10 -23.16
CA GLN B 134 -2.40 -22.18 -23.89
C GLN B 134 -1.28 -21.53 -23.07
N PRO B 135 -0.15 -21.22 -23.74
CA PRO B 135 0.94 -20.58 -23.01
C PRO B 135 0.43 -19.14 -22.89
N LEU B 136 0.70 -18.50 -21.75
CA LEU B 136 0.22 -17.14 -21.52
C LEU B 136 0.48 -16.17 -22.69
N TRP B 137 1.61 -16.29 -23.36
CA TRP B 137 1.88 -15.39 -24.48
C TRP B 137 0.86 -15.52 -25.62
N ALA B 138 0.39 -16.73 -25.89
CA ALA B 138 -0.59 -16.96 -26.94
C ALA B 138 -1.97 -16.46 -26.51
N TRP B 139 -2.28 -16.70 -25.24
CA TRP B 139 -3.53 -16.27 -24.63
C TRP B 139 -3.67 -14.74 -24.73
N LEU B 140 -2.58 -14.03 -24.43
CA LEU B 140 -2.54 -12.57 -24.50
C LEU B 140 -2.57 -12.08 -25.95
N GLY B 141 -2.69 -13.01 -26.90
CA GLY B 141 -2.72 -12.60 -28.29
C GLY B 141 -1.38 -12.44 -28.97
N GLY B 142 -0.35 -13.12 -28.45
CA GLY B 142 0.96 -13.03 -29.07
C GLY B 142 1.07 -14.01 -30.23
N SER B 143 2.03 -13.80 -31.12
CA SER B 143 2.19 -14.70 -32.26
C SER B 143 3.56 -15.40 -32.26
N GLY B 144 4.44 -15.00 -31.36
CA GLY B 144 5.76 -15.60 -31.26
C GLY B 144 6.09 -15.87 -29.80
N ASP B 145 7.22 -16.54 -29.55
CA ASP B 145 7.61 -16.84 -28.18
C ASP B 145 9.09 -16.57 -27.90
N ARG B 146 9.78 -15.95 -28.86
CA ARG B 146 11.19 -15.66 -28.68
C ARG B 146 11.40 -14.19 -28.31
N ILE B 147 12.20 -13.93 -27.28
CA ILE B 147 12.46 -12.56 -26.84
C ILE B 147 13.90 -12.35 -26.40
N GLY B 148 14.34 -11.09 -26.42
CA GLY B 148 15.68 -10.77 -25.97
C GLY B 148 15.68 -10.45 -24.48
N VAL B 149 16.87 -10.36 -23.88
CA VAL B 149 16.99 -10.05 -22.47
C VAL B 149 18.27 -9.26 -22.23
N TYR B 150 18.37 -8.63 -21.07
CA TYR B 150 19.56 -7.89 -20.69
C TYR B 150 19.90 -8.18 -19.23
N ALA B 151 21.19 -8.22 -18.90
CA ALA B 151 21.61 -8.45 -17.54
C ALA B 151 21.26 -7.13 -16.86
N SER B 152 20.55 -7.21 -15.74
CA SER B 152 20.08 -5.99 -15.09
C SER B 152 20.56 -5.78 -13.67
N GLY B 153 21.06 -4.58 -13.41
CA GLY B 153 21.50 -4.25 -12.07
C GLY B 153 22.95 -4.49 -11.68
N ILE B 154 23.88 -4.39 -12.62
CA ILE B 154 25.30 -4.56 -12.35
C ILE B 154 25.72 -3.46 -11.37
N ASN B 155 26.36 -3.85 -10.25
CA ASN B 155 26.79 -2.86 -9.27
C ASN B 155 28.03 -2.08 -9.69
N PRO B 156 28.12 -0.82 -9.22
CA PRO B 156 29.19 0.15 -9.48
C PRO B 156 30.61 -0.19 -9.05
N GLU B 157 30.74 -1.10 -8.09
CA GLU B 157 32.06 -1.48 -7.59
C GLU B 157 32.99 -2.04 -8.68
N ASN B 158 32.56 -3.10 -9.36
CA ASN B 158 33.38 -3.70 -10.41
C ASN B 158 32.51 -4.15 -11.58
N PRO B 159 31.88 -3.19 -12.27
CA PRO B 159 31.01 -3.47 -13.41
C PRO B 159 31.64 -4.28 -14.54
N GLU B 160 32.90 -4.02 -14.86
CA GLU B 160 33.55 -4.75 -15.94
C GLU B 160 33.73 -6.24 -15.62
N ASP B 161 33.83 -6.57 -14.34
CA ASP B 161 33.96 -7.97 -13.94
C ASP B 161 32.67 -8.77 -14.07
N VAL B 162 31.55 -8.20 -13.65
CA VAL B 162 30.30 -8.94 -13.77
C VAL B 162 29.75 -8.87 -15.20
N VAL B 163 30.10 -7.84 -15.95
CA VAL B 163 29.64 -7.76 -17.34
C VAL B 163 30.33 -8.90 -18.08
N ALA B 164 31.59 -9.14 -17.75
CA ALA B 164 32.36 -10.20 -18.37
C ALA B 164 31.67 -11.52 -18.06
N ARG B 165 31.33 -11.71 -16.79
CA ARG B 165 30.70 -12.92 -16.31
C ARG B 165 29.32 -13.16 -16.93
N LYS B 166 28.47 -12.14 -16.91
CA LYS B 166 27.13 -12.30 -17.46
C LYS B 166 27.19 -12.50 -18.97
N ALA B 167 28.26 -11.98 -19.57
CA ALA B 167 28.45 -12.10 -21.00
C ALA B 167 28.74 -13.57 -21.31
N ALA B 168 29.56 -14.17 -20.46
CA ALA B 168 29.94 -15.57 -20.58
C ALA B 168 28.73 -16.46 -20.40
N GLU B 169 27.75 -15.99 -19.63
CA GLU B 169 26.54 -16.76 -19.38
C GLU B 169 25.56 -16.68 -20.55
N GLY B 170 25.83 -15.81 -21.50
CA GLY B 170 24.95 -15.69 -22.65
C GLY B 170 24.24 -14.37 -22.85
N TYR B 171 24.50 -13.40 -21.98
CA TYR B 171 23.88 -12.09 -22.06
C TYR B 171 24.54 -11.16 -23.08
N ARG B 172 23.72 -10.57 -23.93
CA ARG B 172 24.22 -9.67 -24.96
C ARG B 172 23.74 -8.21 -24.77
N ALA B 173 23.21 -7.91 -23.58
CA ALA B 173 22.73 -6.58 -23.25
C ALA B 173 22.93 -6.38 -21.74
N PHE B 174 23.26 -5.14 -21.34
CA PHE B 174 23.56 -4.85 -19.93
C PHE B 174 23.05 -3.51 -19.39
N LYS B 175 22.66 -3.49 -18.12
CA LYS B 175 22.21 -2.27 -17.46
C LYS B 175 23.03 -2.02 -16.20
N LEU B 176 23.66 -0.85 -16.15
CA LEU B 176 24.51 -0.45 -15.03
C LEU B 176 23.77 0.43 -14.04
N LYS B 177 24.17 0.34 -12.77
CA LYS B 177 23.58 1.15 -11.72
C LYS B 177 24.50 2.35 -11.50
N VAL B 178 23.90 3.53 -11.41
CA VAL B 178 24.64 4.75 -11.18
C VAL B 178 23.87 5.56 -10.15
N GLY B 179 24.35 6.75 -9.85
CA GLY B 179 23.65 7.59 -8.89
C GLY B 179 24.39 7.83 -7.60
N PHE B 180 25.44 7.05 -7.36
CA PHE B 180 26.24 7.18 -6.14
C PHE B 180 27.32 8.24 -6.35
N ASP B 181 28.32 7.90 -7.14
CA ASP B 181 29.46 8.78 -7.42
C ASP B 181 29.51 9.20 -8.89
N ASP B 182 29.27 10.48 -9.15
CA ASP B 182 29.28 11.04 -10.49
C ASP B 182 30.47 10.67 -11.36
N ALA B 183 31.66 10.77 -10.81
CA ALA B 183 32.88 10.49 -11.55
C ALA B 183 33.10 9.01 -11.81
N ARG B 184 32.83 8.19 -10.80
CA ARG B 184 32.99 6.76 -10.89
C ARG B 184 32.00 6.17 -11.88
N ASP B 185 30.79 6.72 -11.90
CA ASP B 185 29.75 6.26 -12.80
C ASP B 185 30.06 6.54 -14.27
N VAL B 186 30.52 7.75 -14.56
CA VAL B 186 30.85 8.10 -15.93
C VAL B 186 32.07 7.29 -16.34
N ARG B 187 32.84 6.87 -15.35
CA ARG B 187 34.03 6.06 -15.59
C ARG B 187 33.61 4.65 -15.97
N ASN B 188 32.72 4.08 -15.16
CA ASN B 188 32.21 2.73 -15.39
C ASN B 188 31.55 2.65 -16.75
N ALA B 189 30.62 3.58 -17.00
CA ALA B 189 29.88 3.64 -18.25
C ALA B 189 30.79 3.56 -19.46
N LEU B 190 31.78 4.45 -19.53
CA LEU B 190 32.71 4.49 -20.64
C LEU B 190 33.61 3.27 -20.67
N HIS B 191 34.04 2.81 -19.50
CA HIS B 191 34.90 1.64 -19.43
C HIS B 191 34.18 0.40 -19.98
N VAL B 192 32.95 0.18 -19.54
CA VAL B 192 32.19 -0.97 -20.00
C VAL B 192 31.86 -0.90 -21.49
N ARG B 193 31.62 0.30 -22.01
CA ARG B 193 31.34 0.48 -23.42
C ARG B 193 32.59 0.10 -24.19
N GLU B 194 33.70 0.56 -23.64
CA GLU B 194 35.01 0.31 -24.19
C GLU B 194 35.20 -1.19 -24.34
N LEU B 195 34.89 -1.93 -23.27
CA LEU B 195 35.01 -3.39 -23.25
C LEU B 195 34.07 -4.10 -24.25
N LEU B 196 32.77 -3.84 -24.12
CA LEU B 196 31.77 -4.45 -24.98
C LEU B 196 31.90 -4.13 -26.46
N GLY B 197 32.59 -3.05 -26.79
CA GLY B 197 32.74 -2.70 -28.18
C GLY B 197 31.86 -1.55 -28.61
N ALA B 198 30.74 -1.85 -29.28
CA ALA B 198 29.88 -0.78 -29.75
C ALA B 198 28.49 -1.22 -30.18
N ALA B 199 28.37 -2.46 -30.65
CA ALA B 199 27.07 -2.94 -31.09
C ALA B 199 26.26 -3.46 -29.90
N THR B 200 26.90 -3.59 -28.74
CA THR B 200 26.22 -4.11 -27.56
C THR B 200 25.37 -3.05 -26.87
N PRO B 201 24.08 -3.36 -26.67
CA PRO B 201 23.15 -2.46 -26.00
C PRO B 201 23.56 -2.22 -24.55
N LEU B 202 23.68 -0.95 -24.17
CA LEU B 202 24.07 -0.62 -22.81
C LEU B 202 23.07 0.37 -22.20
N MET B 203 22.68 0.13 -20.96
CA MET B 203 21.71 1.00 -20.28
C MET B 203 22.22 1.42 -18.90
N ALA B 204 21.54 2.37 -18.28
CA ALA B 204 21.92 2.86 -16.95
C ALA B 204 20.67 3.19 -16.12
N ASP B 205 20.67 2.75 -14.87
CA ASP B 205 19.56 2.98 -13.97
C ASP B 205 20.06 3.79 -12.78
N ALA B 206 19.49 4.98 -12.59
CA ALA B 206 19.90 5.86 -11.50
C ALA B 206 19.00 5.81 -10.27
N ASN B 207 17.96 4.98 -10.31
CA ASN B 207 17.03 4.81 -9.20
C ASN B 207 16.55 6.08 -8.52
N GLN B 208 16.22 7.10 -9.30
CA GLN B 208 15.72 8.36 -8.73
C GLN B 208 16.75 9.08 -7.83
N GLY B 209 18.03 8.82 -8.04
CA GLY B 209 19.03 9.44 -7.20
C GLY B 209 19.52 10.84 -7.54
N TRP B 210 18.99 11.45 -8.60
CA TRP B 210 19.43 12.79 -8.97
C TRP B 210 18.31 13.81 -9.06
N ASP B 211 18.69 15.09 -9.02
CA ASP B 211 17.74 16.17 -9.18
C ASP B 211 18.00 16.70 -10.60
N LEU B 212 17.12 17.56 -11.10
CA LEU B 212 17.25 18.06 -12.45
C LEU B 212 18.63 18.55 -12.90
N PRO B 213 19.31 19.37 -12.08
CA PRO B 213 20.63 19.84 -12.49
C PRO B 213 21.66 18.71 -12.64
N ARG B 214 21.64 17.76 -11.71
CA ARG B 214 22.57 16.65 -11.77
C ARG B 214 22.27 15.73 -12.95
N ALA B 215 20.99 15.44 -13.15
CA ALA B 215 20.57 14.58 -14.25
C ALA B 215 21.03 15.15 -15.58
N ARG B 216 20.82 16.45 -15.79
CA ARG B 216 21.23 17.12 -17.03
C ARG B 216 22.72 16.91 -17.19
N GLN B 217 23.47 17.33 -16.17
CA GLN B 217 24.92 17.21 -16.18
C GLN B 217 25.38 15.80 -16.54
N MET B 218 24.93 14.81 -15.77
CA MET B 218 25.30 13.42 -16.01
C MET B 218 24.82 12.88 -17.35
N ALA B 219 23.56 13.14 -17.71
CA ALA B 219 23.04 12.66 -18.98
C ALA B 219 23.97 13.07 -20.12
N GLN B 220 24.60 14.23 -19.97
CA GLN B 220 25.53 14.79 -20.95
C GLN B 220 26.85 14.02 -20.90
N ARG B 221 27.38 13.84 -19.68
CA ARG B 221 28.63 13.11 -19.46
C ARG B 221 28.56 11.67 -19.96
N LEU B 222 27.41 11.02 -19.78
CA LEU B 222 27.22 9.65 -20.22
C LEU B 222 27.04 9.53 -21.72
N GLY B 223 26.78 10.65 -22.39
CA GLY B 223 26.57 10.64 -23.83
C GLY B 223 27.47 9.69 -24.60
N PRO B 224 28.81 9.81 -24.46
CA PRO B 224 29.80 8.99 -25.14
C PRO B 224 29.75 7.47 -24.87
N ALA B 225 28.85 7.04 -23.99
CA ALA B 225 28.72 5.61 -23.71
C ALA B 225 27.65 5.04 -24.61
N GLN B 226 27.06 5.90 -25.44
CA GLN B 226 26.02 5.50 -26.38
C GLN B 226 24.99 4.56 -25.74
N LEU B 227 24.37 5.04 -24.65
CA LEU B 227 23.39 4.25 -23.93
C LEU B 227 22.07 4.12 -24.68
N ASP B 228 21.37 3.01 -24.45
CA ASP B 228 20.08 2.75 -25.10
C ASP B 228 19.02 3.56 -24.38
N TRP B 229 19.23 3.81 -23.09
CA TRP B 229 18.30 4.58 -22.28
C TRP B 229 18.86 4.81 -20.87
N LEU B 230 18.43 5.91 -20.26
CA LEU B 230 18.83 6.29 -18.91
C LEU B 230 17.57 6.05 -18.08
N GLU B 231 17.64 5.11 -17.15
CA GLU B 231 16.47 4.79 -16.32
C GLU B 231 16.35 5.58 -15.02
N GLU B 232 15.11 5.97 -14.73
CA GLU B 232 14.73 6.72 -13.54
C GLU B 232 15.76 7.73 -13.03
N PRO B 233 16.15 8.71 -13.87
CA PRO B 233 17.13 9.73 -13.49
C PRO B 233 16.59 10.72 -12.45
N LEU B 234 15.28 10.92 -12.44
CA LEU B 234 14.64 11.82 -11.48
C LEU B 234 13.63 11.00 -10.72
N ARG B 235 13.16 11.51 -9.59
CA ARG B 235 12.16 10.80 -8.80
C ARG B 235 10.87 10.76 -9.63
N ALA B 236 10.13 9.66 -9.52
CA ALA B 236 8.88 9.50 -10.24
C ALA B 236 7.90 10.65 -9.93
N ASP B 237 8.14 11.30 -8.79
CA ASP B 237 7.36 12.43 -8.26
C ASP B 237 7.47 13.73 -9.06
N ARG B 238 8.68 14.08 -9.45
CA ARG B 238 8.95 15.30 -10.19
C ARG B 238 7.85 15.67 -11.17
N PRO B 239 7.55 16.97 -11.30
CA PRO B 239 6.51 17.44 -12.22
C PRO B 239 6.93 17.31 -13.70
N ALA B 240 5.94 17.18 -14.57
CA ALA B 240 6.18 17.01 -16.00
C ALA B 240 7.24 17.95 -16.56
N ALA B 241 7.24 19.19 -16.09
CA ALA B 241 8.19 20.18 -16.58
C ALA B 241 9.65 19.72 -16.46
N GLU B 242 9.99 19.08 -15.34
CA GLU B 242 11.36 18.63 -15.15
C GLU B 242 11.71 17.48 -16.08
N TRP B 243 10.77 16.57 -16.28
CA TRP B 243 10.98 15.42 -17.16
C TRP B 243 11.07 15.87 -18.60
N ALA B 244 10.24 16.84 -18.95
CA ALA B 244 10.23 17.38 -20.30
C ALA B 244 11.57 18.05 -20.57
N GLU B 245 12.06 18.79 -19.60
CA GLU B 245 13.32 19.48 -19.76
C GLU B 245 14.50 18.51 -19.86
N LEU B 246 14.56 17.54 -18.95
CA LEU B 246 15.64 16.57 -18.96
C LEU B 246 15.63 15.75 -20.25
N ALA B 247 14.43 15.46 -20.75
CA ALA B 247 14.30 14.68 -21.97
C ALA B 247 14.94 15.38 -23.16
N GLN B 248 14.76 16.69 -23.26
CA GLN B 248 15.34 17.45 -24.37
C GLN B 248 16.84 17.62 -24.20
N ALA B 249 17.30 17.75 -22.96
CA ALA B 249 18.71 17.93 -22.71
C ALA B 249 19.50 16.63 -22.83
N ALA B 250 18.84 15.51 -22.56
CA ALA B 250 19.51 14.22 -22.62
C ALA B 250 19.81 13.72 -24.03
N PRO B 251 21.03 13.23 -24.26
CA PRO B 251 21.41 12.72 -25.57
C PRO B 251 20.80 11.34 -25.80
N MET B 252 20.40 10.67 -24.73
CA MET B 252 19.80 9.35 -24.82
C MET B 252 18.37 9.38 -24.32
N PRO B 253 17.55 8.41 -24.74
CA PRO B 253 16.17 8.41 -24.28
C PRO B 253 16.03 8.06 -22.78
N LEU B 254 14.94 8.53 -22.18
CA LEU B 254 14.65 8.30 -20.77
C LEU B 254 13.73 7.10 -20.59
N ALA B 255 13.90 6.39 -19.48
CA ALA B 255 13.08 5.21 -19.19
C ALA B 255 12.47 5.32 -17.79
N GLY B 256 11.31 4.72 -17.62
CA GLY B 256 10.64 4.74 -16.33
C GLY B 256 9.42 3.86 -16.39
N GLY B 257 8.80 3.60 -15.25
CA GLY B 257 7.60 2.76 -15.22
C GLY B 257 7.59 1.89 -13.97
N GLU B 258 8.78 1.59 -13.47
CA GLU B 258 8.91 0.77 -12.28
C GLU B 258 8.09 1.42 -11.18
N ASN B 259 8.01 2.75 -11.21
CA ASN B 259 7.27 3.46 -10.19
C ASN B 259 6.10 4.28 -10.65
N ILE B 260 5.43 3.80 -11.70
CA ILE B 260 4.25 4.44 -12.20
C ILE B 260 3.19 3.36 -12.09
N ALA B 261 2.06 3.68 -11.46
CA ALA B 261 0.96 2.73 -11.27
C ALA B 261 -0.42 3.34 -11.57
N GLY B 262 -1.25 2.61 -12.30
CA GLY B 262 -2.58 3.13 -12.61
C GLY B 262 -2.73 3.57 -14.05
N VAL B 263 -3.95 3.47 -14.56
CA VAL B 263 -4.22 3.86 -15.95
C VAL B 263 -3.92 5.32 -16.17
N ALA B 264 -4.40 6.17 -15.25
CA ALA B 264 -4.19 7.60 -15.37
C ALA B 264 -2.70 7.96 -15.40
N ALA B 265 -1.91 7.30 -14.57
CA ALA B 265 -0.48 7.60 -14.52
C ALA B 265 0.22 7.29 -15.84
N PHE B 266 -0.14 6.18 -16.47
CA PHE B 266 0.49 5.83 -17.73
C PHE B 266 0.03 6.71 -18.89
N GLU B 267 -1.22 7.18 -18.83
CA GLU B 267 -1.71 8.06 -19.89
C GLU B 267 -0.97 9.40 -19.79
N THR B 268 -0.71 9.85 -18.57
CA THR B 268 0.02 11.10 -18.38
C THR B 268 1.45 10.96 -18.91
N ALA B 269 2.04 9.79 -18.72
CA ALA B 269 3.39 9.54 -19.20
C ALA B 269 3.38 9.47 -20.71
N LEU B 270 2.35 8.84 -21.24
CA LEU B 270 2.19 8.67 -22.67
C LEU B 270 1.83 10.02 -23.32
N ALA B 271 1.09 10.83 -22.58
CA ALA B 271 0.67 12.14 -23.07
C ALA B 271 1.83 13.10 -23.26
N ALA B 272 2.91 12.88 -22.51
CA ALA B 272 4.08 13.75 -22.58
C ALA B 272 5.21 13.20 -23.43
N ARG B 273 5.39 11.89 -23.42
CA ARG B 273 6.44 11.25 -24.21
C ARG B 273 7.82 11.72 -23.77
N SER B 274 7.98 12.00 -22.47
CA SER B 274 9.28 12.40 -21.96
C SER B 274 10.06 11.10 -21.77
N LEU B 275 9.32 10.05 -21.41
CA LEU B 275 9.90 8.72 -21.27
C LEU B 275 9.70 8.06 -22.63
N ARG B 276 10.76 7.60 -23.26
CA ARG B 276 10.62 6.95 -24.56
C ARG B 276 10.65 5.43 -24.42
N VAL B 277 10.96 4.97 -23.22
CA VAL B 277 11.02 3.55 -22.91
C VAL B 277 10.20 3.37 -21.65
N MET B 278 9.02 2.77 -21.79
CA MET B 278 8.16 2.54 -20.65
C MET B 278 8.42 1.15 -20.08
N GLN B 279 8.45 1.06 -18.75
CA GLN B 279 8.75 -0.19 -18.07
C GLN B 279 7.75 -0.54 -16.97
N PRO B 280 6.50 -0.78 -17.33
CA PRO B 280 5.53 -1.14 -16.28
C PRO B 280 5.85 -2.51 -15.70
N ASP B 281 5.96 -2.58 -14.36
CA ASP B 281 6.26 -3.82 -13.64
C ASP B 281 4.93 -4.52 -13.37
N LEU B 282 4.61 -5.55 -14.14
CA LEU B 282 3.33 -6.23 -13.98
C LEU B 282 3.07 -6.94 -12.66
N ALA B 283 4.11 -7.20 -11.87
CA ALA B 283 3.90 -7.84 -10.57
C ALA B 283 3.72 -6.71 -9.52
N LYS B 284 3.99 -5.48 -9.96
CA LYS B 284 3.88 -4.32 -9.09
C LYS B 284 2.52 -3.62 -9.25
N TRP B 285 2.00 -3.59 -10.49
CA TRP B 285 0.70 -2.97 -10.76
C TRP B 285 -0.04 -3.54 -11.98
N GLY B 286 -1.37 -3.62 -11.85
CA GLY B 286 -2.21 -4.09 -12.93
C GLY B 286 -2.15 -5.53 -13.42
N GLY B 287 -1.00 -6.18 -13.27
CA GLY B 287 -0.90 -7.54 -13.76
C GLY B 287 -1.11 -7.47 -15.27
N PHE B 288 -1.52 -8.58 -15.87
CA PHE B 288 -1.75 -8.61 -17.31
C PHE B 288 -2.91 -7.69 -17.67
N SER B 289 -4.00 -7.81 -16.94
CA SER B 289 -5.18 -6.99 -17.20
C SER B 289 -4.83 -5.50 -17.37
N GLY B 290 -4.01 -4.98 -16.47
CA GLY B 290 -3.65 -3.58 -16.55
C GLY B 290 -2.49 -3.28 -17.48
N CYS B 291 -1.44 -4.10 -17.45
CA CYS B 291 -0.27 -3.85 -18.27
C CYS B 291 -0.33 -4.19 -19.77
N LEU B 292 -1.13 -5.19 -20.15
CA LEU B 292 -1.24 -5.52 -21.58
C LEU B 292 -1.66 -4.28 -22.37
N PRO B 293 -2.77 -3.60 -21.95
CA PRO B 293 -3.21 -2.41 -22.66
C PRO B 293 -2.11 -1.35 -22.72
N VAL B 294 -1.59 -0.95 -21.57
CA VAL B 294 -0.55 0.08 -21.58
C VAL B 294 0.66 -0.31 -22.43
N ALA B 295 1.03 -1.60 -22.41
CA ALA B 295 2.17 -2.04 -23.20
C ALA B 295 1.89 -1.93 -24.70
N ARG B 296 0.67 -2.30 -25.09
CA ARG B 296 0.33 -2.21 -26.51
C ARG B 296 0.28 -0.75 -26.93
N ALA B 297 -0.29 0.08 -26.07
CA ALA B 297 -0.39 1.52 -26.32
C ALA B 297 1.00 2.13 -26.46
N VAL B 298 1.93 1.67 -25.63
CA VAL B 298 3.29 2.19 -25.67
C VAL B 298 3.92 1.89 -27.02
N VAL B 299 3.78 0.65 -27.48
CA VAL B 299 4.37 0.24 -28.74
C VAL B 299 3.66 0.91 -29.91
N ALA B 300 2.34 1.01 -29.82
CA ALA B 300 1.55 1.66 -30.88
C ALA B 300 1.91 3.14 -31.00
N ALA B 301 2.25 3.77 -29.88
CA ALA B 301 2.59 5.18 -29.87
C ALA B 301 4.00 5.46 -30.38
N GLY B 302 4.62 4.46 -30.99
CA GLY B 302 5.95 4.66 -31.52
C GLY B 302 7.02 4.66 -30.45
N LEU B 303 6.67 4.20 -29.26
CA LEU B 303 7.62 4.14 -28.17
C LEU B 303 8.08 2.71 -27.88
N ARG B 304 9.09 2.57 -27.02
CA ARG B 304 9.66 1.28 -26.69
C ARG B 304 9.20 0.69 -25.34
N TYR B 305 8.75 -0.57 -25.36
CA TYR B 305 8.31 -1.26 -24.14
C TYR B 305 9.30 -2.35 -23.72
N CYS B 306 10.06 -2.09 -22.67
CA CYS B 306 11.05 -3.05 -22.18
C CYS B 306 10.83 -3.29 -20.71
N PRO B 307 10.17 -4.40 -20.34
CA PRO B 307 9.93 -4.67 -18.93
C PRO B 307 11.15 -5.32 -18.25
N HIS B 308 11.10 -5.42 -16.93
CA HIS B 308 12.18 -6.05 -16.17
C HIS B 308 11.63 -6.51 -14.83
N TYR B 309 12.09 -7.65 -14.35
CA TYR B 309 11.63 -8.15 -13.06
C TYR B 309 12.83 -8.61 -12.22
N LEU B 310 12.98 -8.01 -11.04
CA LEU B 310 14.09 -8.35 -10.16
C LEU B 310 13.64 -9.18 -8.96
N GLY B 311 12.49 -9.85 -9.10
CA GLY B 311 12.01 -10.67 -8.00
C GLY B 311 12.25 -12.14 -8.30
N ALA B 312 11.32 -12.98 -7.85
CA ALA B 312 11.43 -14.42 -8.05
C ALA B 312 11.06 -14.85 -9.48
N GLY B 313 11.28 -16.14 -9.75
CA GLY B 313 11.01 -16.68 -11.06
C GLY B 313 9.63 -16.48 -11.65
N ILE B 314 8.59 -16.74 -10.85
CA ILE B 314 7.22 -16.59 -11.33
C ILE B 314 6.96 -15.23 -11.98
N GLY B 315 7.33 -14.16 -11.29
CA GLY B 315 7.11 -12.83 -11.82
C GLY B 315 7.91 -12.56 -13.08
N LEU B 316 9.09 -13.17 -13.17
CA LEU B 316 9.94 -13.00 -14.34
C LEU B 316 9.31 -13.73 -15.53
N GLN B 317 8.82 -14.94 -15.29
CA GLN B 317 8.18 -15.74 -16.32
C GLN B 317 6.94 -15.00 -16.85
N ALA B 318 6.21 -14.35 -15.94
CA ALA B 318 5.02 -13.61 -16.32
C ALA B 318 5.38 -12.43 -17.22
N SER B 319 6.52 -11.80 -16.96
CA SER B 319 6.97 -10.66 -17.76
C SER B 319 7.44 -11.12 -19.13
N ALA B 320 8.08 -12.28 -19.18
CA ALA B 320 8.57 -12.82 -20.43
C ALA B 320 7.37 -13.04 -21.36
N HIS B 321 6.30 -13.60 -20.80
CA HIS B 321 5.12 -13.83 -21.60
C HIS B 321 4.50 -12.56 -22.13
N LEU B 322 4.41 -11.54 -21.29
CA LEU B 322 3.82 -10.28 -21.75
C LEU B 322 4.65 -9.63 -22.84
N LEU B 323 5.98 -9.69 -22.74
CA LEU B 323 6.85 -9.10 -23.76
C LEU B 323 6.75 -9.86 -25.10
N ALA B 324 6.46 -11.15 -25.03
CA ALA B 324 6.34 -11.96 -26.24
C ALA B 324 5.04 -11.57 -26.95
N ALA B 325 4.04 -11.24 -26.15
CA ALA B 325 2.75 -10.84 -26.68
C ALA B 325 2.82 -9.41 -27.25
N VAL B 326 3.72 -8.59 -26.70
CA VAL B 326 3.88 -7.21 -27.16
C VAL B 326 5.33 -7.02 -27.57
N PRO B 327 5.71 -7.63 -28.70
CA PRO B 327 7.04 -7.63 -29.32
C PRO B 327 7.71 -6.28 -29.56
N GLY B 328 6.96 -5.34 -30.12
CA GLY B 328 7.55 -4.05 -30.41
C GLY B 328 7.68 -3.92 -31.91
N LEU B 329 7.55 -2.69 -32.41
CA LEU B 329 7.62 -2.40 -33.83
C LEU B 329 8.88 -1.59 -34.11
N ALA B 330 8.91 -0.37 -33.59
CA ALA B 330 10.07 0.51 -33.77
C ALA B 330 11.34 -0.22 -33.34
N SER B 331 11.45 -0.51 -32.04
CA SER B 331 12.61 -1.19 -31.48
C SER B 331 12.24 -2.40 -30.62
N PRO B 332 12.84 -3.58 -30.91
CA PRO B 332 12.59 -4.81 -30.17
C PRO B 332 12.66 -4.61 -28.66
N GLY B 333 11.66 -5.10 -27.95
CA GLY B 333 11.68 -4.96 -26.50
C GLY B 333 12.68 -5.90 -25.88
N LEU B 334 13.15 -5.59 -24.67
CA LEU B 334 14.10 -6.45 -23.99
C LEU B 334 13.62 -6.69 -22.58
N LEU B 335 13.73 -7.94 -22.13
CA LEU B 335 13.30 -8.30 -20.79
C LEU B 335 14.52 -8.27 -19.88
N GLY B 336 14.44 -7.50 -18.79
CA GLY B 336 15.57 -7.39 -17.87
C GLY B 336 15.60 -8.46 -16.79
N VAL B 337 16.72 -9.17 -16.69
CA VAL B 337 16.86 -10.21 -15.69
C VAL B 337 17.89 -9.76 -14.65
N ASP B 338 17.57 -9.97 -13.37
CA ASP B 338 18.45 -9.60 -12.26
C ASP B 338 19.81 -10.28 -12.44
N ALA B 339 20.87 -9.47 -12.50
CA ALA B 339 22.21 -10.00 -12.69
C ALA B 339 22.79 -10.79 -11.51
N ASN B 340 22.35 -10.44 -10.30
CA ASN B 340 22.82 -11.10 -9.07
C ASN B 340 22.22 -12.48 -8.89
N ASP B 341 22.91 -13.33 -8.12
CA ASP B 341 22.40 -14.69 -7.88
C ASP B 341 21.23 -14.72 -6.91
N ASN B 342 20.19 -15.47 -7.26
CA ASN B 342 18.99 -15.60 -6.44
C ASN B 342 18.21 -16.85 -6.86
N PRO B 343 18.34 -17.92 -6.08
CA PRO B 343 17.65 -19.19 -6.36
C PRO B 343 16.15 -19.01 -6.49
N LEU B 344 15.60 -18.04 -5.77
CA LEU B 344 14.16 -17.81 -5.85
C LEU B 344 13.74 -17.48 -7.28
N ARG B 345 14.68 -16.96 -8.07
CA ARG B 345 14.44 -16.67 -9.47
C ARG B 345 14.82 -17.86 -10.35
N SER B 346 16.02 -18.38 -10.14
CA SER B 346 16.50 -19.51 -10.94
C SER B 346 15.67 -20.78 -10.82
N LEU B 347 15.23 -21.09 -9.61
CA LEU B 347 14.45 -22.28 -9.40
C LEU B 347 13.05 -22.17 -10.03
N LEU B 348 12.64 -20.95 -10.39
CA LEU B 348 11.32 -20.77 -10.98
C LEU B 348 11.26 -20.21 -12.38
N SER B 349 12.41 -20.04 -13.04
CA SER B 349 12.36 -19.51 -14.39
C SER B 349 13.09 -20.39 -15.40
N PRO B 350 12.46 -21.50 -15.79
CA PRO B 350 12.99 -22.48 -16.74
C PRO B 350 13.30 -21.91 -18.13
N ALA B 351 12.62 -20.84 -18.51
CA ALA B 351 12.85 -20.24 -19.82
C ALA B 351 14.30 -19.74 -19.96
N LEU B 352 14.98 -19.55 -18.83
CA LEU B 352 16.35 -19.09 -18.89
C LEU B 352 17.27 -20.19 -19.36
N ALA B 353 16.82 -21.43 -19.24
CA ALA B 353 17.64 -22.57 -19.68
C ALA B 353 17.71 -22.64 -21.21
N THR B 354 17.00 -21.74 -21.89
CA THR B 354 16.99 -21.70 -23.35
C THR B 354 17.84 -20.54 -23.85
N LEU B 355 18.40 -19.77 -22.91
CA LEU B 355 19.21 -18.60 -23.25
C LEU B 355 20.33 -18.87 -24.22
N HIS B 356 20.19 -18.33 -25.43
CA HIS B 356 21.20 -18.52 -26.44
C HIS B 356 21.23 -17.29 -27.32
N GLU B 357 22.44 -16.79 -27.58
CA GLU B 357 22.59 -15.62 -28.43
C GLU B 357 21.85 -14.45 -27.79
N GLY B 358 21.88 -14.40 -26.46
CA GLY B 358 21.21 -13.32 -25.76
C GLY B 358 19.70 -13.34 -25.84
N ARG B 359 19.12 -14.46 -26.25
CA ARG B 359 17.66 -14.55 -26.35
C ARG B 359 17.10 -15.82 -25.70
N ILE B 360 15.80 -15.81 -25.44
CA ILE B 360 15.17 -16.97 -24.85
C ILE B 360 13.85 -17.22 -25.57
N THR B 361 13.31 -18.42 -25.42
CA THR B 361 12.04 -18.77 -26.03
C THR B 361 11.17 -19.42 -24.96
N LEU B 362 9.94 -18.94 -24.85
CA LEU B 362 9.01 -19.43 -23.85
C LEU B 362 8.46 -20.84 -24.10
N GLY B 363 8.41 -21.26 -25.35
CA GLY B 363 7.89 -22.58 -25.64
C GLY B 363 6.37 -22.59 -25.66
N GLY B 364 5.77 -23.78 -25.72
CA GLY B 364 4.32 -23.87 -25.77
C GLY B 364 3.65 -24.30 -24.49
N ALA B 365 4.44 -24.55 -23.45
CA ALA B 365 3.92 -24.98 -22.15
C ALA B 365 2.80 -24.01 -21.71
N PRO B 366 1.70 -24.56 -21.17
CA PRO B 366 0.53 -23.78 -20.72
C PRO B 366 0.81 -22.79 -19.59
N GLY B 367 0.11 -21.67 -19.61
CA GLY B 367 0.26 -20.64 -18.60
C GLY B 367 1.62 -19.93 -18.58
N LEU B 368 2.19 -19.86 -17.38
CA LEU B 368 3.50 -19.24 -17.18
C LEU B 368 4.60 -20.16 -17.64
N GLY B 369 4.28 -21.45 -17.79
CA GLY B 369 5.27 -22.42 -18.22
C GLY B 369 6.00 -23.05 -17.04
N VAL B 370 5.52 -22.77 -15.82
CA VAL B 370 6.14 -23.30 -14.62
C VAL B 370 5.15 -23.42 -13.47
N THR B 371 5.40 -24.40 -12.61
CA THR B 371 4.57 -24.63 -11.43
C THR B 371 5.54 -24.73 -10.26
N PRO B 372 5.44 -23.82 -9.30
CA PRO B 372 6.37 -23.92 -8.17
C PRO B 372 6.25 -25.19 -7.34
N ASP B 373 7.37 -25.62 -6.76
CA ASP B 373 7.42 -26.79 -5.89
C ASP B 373 7.66 -26.19 -4.51
N LEU B 374 6.58 -25.76 -3.86
CA LEU B 374 6.65 -25.13 -2.54
C LEU B 374 7.54 -25.88 -1.57
N ALA B 375 7.29 -27.17 -1.42
CA ALA B 375 8.07 -27.99 -0.51
C ALA B 375 9.55 -27.85 -0.86
N ALA B 376 9.86 -27.97 -2.14
CA ALA B 376 11.23 -27.86 -2.59
C ALA B 376 11.82 -26.49 -2.31
N LEU B 377 11.03 -25.43 -2.57
CA LEU B 377 11.45 -24.05 -2.35
C LEU B 377 11.73 -23.72 -0.89
N ARG B 378 10.80 -24.04 -0.01
CA ARG B 378 10.99 -23.75 1.40
C ARG B 378 12.05 -24.67 2.00
N ALA B 379 12.37 -25.73 1.27
CA ALA B 379 13.38 -26.67 1.72
C ALA B 379 14.72 -26.02 1.40
N ALA B 380 14.84 -25.49 0.18
CA ALA B 380 16.07 -24.84 -0.26
C ALA B 380 16.38 -23.60 0.57
N CYS B 381 15.41 -23.18 1.39
CA CYS B 381 15.60 -22.02 2.25
C CYS B 381 16.06 -22.52 3.63
N ALA C 8 19.42 20.26 25.07
CA ALA C 8 20.29 19.06 24.84
C ALA C 8 19.86 18.22 23.63
N SER C 9 20.81 17.52 23.03
CA SER C 9 20.51 16.70 21.85
C SER C 9 20.07 15.29 22.21
N ILE C 10 19.36 14.65 21.28
CA ILE C 10 18.91 13.29 21.51
C ILE C 10 19.80 12.30 20.76
N THR C 11 20.21 11.24 21.46
CA THR C 11 21.06 10.23 20.86
C THR C 11 20.39 8.87 20.99
N PRO C 12 19.47 8.54 20.08
CA PRO C 12 18.82 7.23 20.20
C PRO C 12 19.87 6.13 20.19
N ALA C 13 19.73 5.20 21.13
CA ALA C 13 20.65 4.07 21.25
C ALA C 13 19.90 2.77 21.00
N ARG C 14 18.66 2.74 21.46
CA ARG C 14 17.80 1.57 21.33
C ARG C 14 16.37 2.01 20.97
N VAL C 15 15.84 1.44 19.89
CA VAL C 15 14.48 1.76 19.42
C VAL C 15 13.68 0.48 19.27
N ARG C 16 12.51 0.42 19.89
CA ARG C 16 11.70 -0.79 19.79
C ARG C 16 10.21 -0.57 19.52
N ALA C 17 9.56 -1.58 18.97
CA ALA C 17 8.12 -1.51 18.68
C ALA C 17 7.45 -2.73 19.29
N HIS C 18 6.30 -2.52 19.92
CA HIS C 18 5.56 -3.61 20.53
C HIS C 18 4.15 -3.64 19.97
N VAL C 19 3.73 -4.81 19.52
CA VAL C 19 2.39 -4.96 18.95
C VAL C 19 1.45 -5.64 19.93
N PHE C 20 0.24 -5.10 20.05
CA PHE C 20 -0.76 -5.66 20.95
C PHE C 20 -2.07 -5.80 20.21
N ARG C 21 -2.83 -6.84 20.53
CA ARG C 21 -4.11 -7.06 19.89
C ARG C 21 -5.13 -7.55 20.91
N TYR C 22 -6.10 -6.70 21.26
CA TYR C 22 -7.14 -7.05 22.21
C TYR C 22 -8.39 -7.52 21.47
N PRO C 23 -8.82 -8.78 21.72
CA PRO C 23 -10.01 -9.32 21.04
C PRO C 23 -11.31 -8.69 21.55
N VAL C 24 -12.30 -8.57 20.68
CA VAL C 24 -13.59 -7.98 21.04
C VAL C 24 -14.69 -9.05 21.18
N HIS C 36 -12.62 -7.29 14.86
CA HIS C 36 -12.34 -8.61 15.42
C HIS C 36 -11.41 -8.53 16.62
N ASP C 37 -10.70 -7.40 16.73
CA ASP C 37 -9.78 -7.13 17.84
C ASP C 37 -9.15 -5.76 17.62
N ARG C 38 -8.86 -5.06 18.71
CA ARG C 38 -8.25 -3.73 18.65
C ARG C 38 -6.74 -3.87 18.63
N PRO C 39 -6.09 -3.48 17.52
CA PRO C 39 -4.64 -3.59 17.42
C PRO C 39 -3.95 -2.34 17.97
N ALA C 40 -2.68 -2.49 18.32
CA ALA C 40 -1.90 -1.37 18.83
C ALA C 40 -0.42 -1.58 18.59
N VAL C 41 0.26 -0.51 18.23
CA VAL C 41 1.71 -0.53 18.00
C VAL C 41 2.30 0.57 18.86
N LEU C 42 2.98 0.18 19.93
CA LEU C 42 3.62 1.13 20.83
C LEU C 42 5.10 1.11 20.53
N VAL C 43 5.71 2.28 20.45
CA VAL C 43 7.14 2.35 20.17
C VAL C 43 7.83 3.03 21.32
N GLU C 44 9.04 2.55 21.63
CA GLU C 44 9.79 3.14 22.72
C GLU C 44 11.18 3.48 22.21
N VAL C 45 11.65 4.67 22.58
CA VAL C 45 12.97 5.11 22.16
C VAL C 45 13.81 5.32 23.40
N GLU C 46 14.99 4.73 23.44
CA GLU C 46 15.86 4.92 24.60
C GLU C 46 17.09 5.70 24.19
N ASP C 47 17.38 6.78 24.91
CA ASP C 47 18.55 7.60 24.65
C ASP C 47 19.79 6.83 25.12
N SER C 48 20.97 7.35 24.81
CA SER C 48 22.20 6.71 25.24
C SER C 48 22.40 6.97 26.74
N ASP C 49 21.87 8.08 27.24
CA ASP C 49 22.00 8.42 28.66
C ASP C 49 20.98 7.68 29.53
N GLY C 50 20.07 6.93 28.91
CA GLY C 50 19.09 6.19 29.67
C GLY C 50 17.67 6.71 29.65
N ALA C 51 17.45 7.95 29.22
CA ALA C 51 16.10 8.47 29.18
C ALA C 51 15.26 7.71 28.15
N VAL C 52 13.96 7.66 28.38
CA VAL C 52 13.08 6.94 27.48
C VAL C 52 11.84 7.75 27.14
N GLY C 53 11.34 7.56 25.92
CA GLY C 53 10.14 8.25 25.49
C GLY C 53 9.28 7.20 24.82
N TRP C 54 7.96 7.35 24.91
CA TRP C 54 7.05 6.39 24.28
C TRP C 54 6.16 7.08 23.24
N GLY C 55 5.69 6.29 22.29
CA GLY C 55 4.82 6.81 21.27
C GLY C 55 3.94 5.70 20.75
N GLU C 56 3.04 6.05 19.82
CA GLU C 56 2.15 5.07 19.24
C GLU C 56 2.02 5.28 17.75
N VAL C 57 2.01 4.18 17.01
CA VAL C 57 1.87 4.23 15.57
C VAL C 57 0.46 3.82 15.18
N TRP C 58 -0.25 4.71 14.49
CA TRP C 58 -1.62 4.41 14.07
C TRP C 58 -1.64 3.15 13.22
N CYS C 59 -2.60 2.25 13.49
CA CYS C 59 -2.69 1.01 12.74
C CYS C 59 -4.07 0.35 12.78
N ASN C 60 -5.13 1.16 12.76
CA ASN C 60 -6.46 0.58 12.79
C ASN C 60 -6.78 -0.23 11.53
N PHE C 61 -6.14 0.12 10.43
CA PHE C 61 -6.34 -0.58 9.17
C PHE C 61 -5.02 -0.64 8.40
N PRO C 62 -4.80 -1.71 7.62
CA PRO C 62 -5.75 -2.83 7.48
C PRO C 62 -5.83 -3.55 8.83
N ALA C 63 -6.65 -4.58 8.90
CA ALA C 63 -6.78 -5.32 10.14
C ALA C 63 -5.58 -6.23 10.36
N CYS C 64 -4.55 -6.09 9.53
CA CYS C 64 -3.38 -6.94 9.66
C CYS C 64 -2.03 -6.22 9.57
N GLY C 65 -2.07 -4.91 9.29
CA GLY C 65 -0.83 -4.15 9.16
C GLY C 65 -0.10 -3.67 10.40
N ALA C 66 -0.56 -4.07 11.59
CA ALA C 66 0.08 -3.67 12.84
C ALA C 66 1.50 -4.18 12.86
N GLU C 67 1.70 -5.44 12.46
CA GLU C 67 3.03 -6.05 12.43
C GLU C 67 3.97 -5.35 11.45
N HIS C 68 3.45 -4.99 10.28
CA HIS C 68 4.25 -4.35 9.25
C HIS C 68 4.80 -3.02 9.73
N ARG C 69 3.95 -2.25 10.41
CA ARG C 69 4.35 -0.95 10.92
C ARG C 69 5.45 -1.08 11.98
N ALA C 70 5.28 -2.05 12.88
CA ALA C 70 6.28 -2.28 13.92
C ALA C 70 7.60 -2.72 13.30
N ARG C 71 7.53 -3.51 12.23
CA ARG C 71 8.75 -3.96 11.53
C ARG C 71 9.41 -2.78 10.82
N LEU C 72 8.62 -1.90 10.21
CA LEU C 72 9.17 -0.74 9.54
C LEU C 72 9.97 0.08 10.54
N VAL C 73 9.39 0.24 11.73
CA VAL C 73 10.01 0.99 12.81
C VAL C 73 11.34 0.37 13.22
N GLU C 74 11.39 -0.95 13.33
CA GLU C 74 12.62 -1.62 13.73
C GLU C 74 13.68 -1.87 12.66
N THR C 75 13.27 -2.22 11.45
CA THR C 75 14.25 -2.50 10.40
C THR C 75 14.62 -1.34 9.49
N VAL C 76 13.77 -0.33 9.39
CA VAL C 76 14.02 0.80 8.51
C VAL C 76 14.39 2.10 9.21
N LEU C 77 13.50 2.56 10.08
CA LEU C 77 13.69 3.81 10.78
C LEU C 77 14.72 3.78 11.89
N ALA C 78 14.63 2.77 12.75
CA ALA C 78 15.53 2.62 13.90
C ALA C 78 16.99 2.74 13.53
N PRO C 79 17.42 2.01 12.48
CA PRO C 79 18.82 2.09 12.07
C PRO C 79 19.25 3.50 11.68
N LEU C 80 18.30 4.29 11.21
CA LEU C 80 18.58 5.68 10.85
C LEU C 80 18.65 6.58 12.08
N LEU C 81 17.91 6.21 13.13
CA LEU C 81 17.84 6.96 14.38
C LEU C 81 19.02 6.74 15.32
N THR C 82 19.58 5.53 15.28
CA THR C 82 20.71 5.20 16.14
C THR C 82 22.06 5.36 15.46
N ALA C 83 22.09 6.03 14.32
CA ALA C 83 23.34 6.21 13.59
C ALA C 83 23.97 7.58 13.82
N ARG C 84 23.28 8.42 14.60
CA ARG C 84 23.74 9.77 14.89
C ARG C 84 22.92 10.37 16.03
N ALA C 85 23.15 11.64 16.29
CA ALA C 85 22.40 12.36 17.31
C ALA C 85 21.46 13.31 16.53
N PHE C 86 20.62 14.05 17.26
CA PHE C 86 19.69 15.00 16.65
C PHE C 86 19.50 16.18 17.57
N ALA C 87 19.53 17.39 17.03
CA ALA C 87 19.36 18.61 17.84
C ALA C 87 18.11 18.51 18.70
N ASP C 88 17.02 18.04 18.10
CA ASP C 88 15.75 17.91 18.79
C ASP C 88 14.82 17.04 17.94
N PRO C 89 13.65 16.69 18.48
CA PRO C 89 12.72 15.85 17.73
C PRO C 89 12.48 16.31 16.28
N ALA C 90 12.16 17.58 16.10
CA ALA C 90 11.89 18.10 14.77
C ALA C 90 12.99 17.74 13.74
N GLN C 91 14.25 17.86 14.14
CA GLN C 91 15.34 17.53 13.24
C GLN C 91 15.33 16.03 12.89
N ALA C 92 14.94 15.18 13.84
CA ALA C 92 14.89 13.74 13.56
C ALA C 92 13.73 13.45 12.61
N PHE C 93 12.64 14.20 12.77
CA PHE C 93 11.46 14.03 11.93
C PHE C 93 11.83 14.30 10.48
N ALA C 94 12.49 15.42 10.25
CA ALA C 94 12.90 15.83 8.91
C ALA C 94 13.86 14.81 8.31
N HIS C 95 14.81 14.36 9.10
CA HIS C 95 15.79 13.39 8.64
C HIS C 95 15.10 12.11 8.20
N LEU C 96 14.15 11.65 9.00
CA LEU C 96 13.43 10.44 8.68
C LEU C 96 12.59 10.62 7.41
N GLU C 97 11.98 11.80 7.24
CA GLU C 97 11.17 12.02 6.05
C GLU C 97 12.07 12.03 4.82
N ALA C 98 13.15 12.80 4.91
CA ALA C 98 14.09 12.90 3.80
C ALA C 98 14.69 11.56 3.40
N ARG C 99 15.14 10.79 4.39
CA ARG C 99 15.77 9.50 4.12
C ARG C 99 14.81 8.37 3.71
N THR C 100 13.51 8.61 3.68
CA THR C 100 12.61 7.53 3.29
C THR C 100 11.70 7.97 2.14
N ALA C 101 11.87 9.22 1.70
CA ALA C 101 11.07 9.77 0.63
C ALA C 101 11.05 8.81 -0.57
N VAL C 102 12.24 8.56 -1.13
CA VAL C 102 12.38 7.66 -2.27
C VAL C 102 11.82 6.26 -1.98
N LEU C 103 12.08 5.73 -0.79
CA LEU C 103 11.57 4.42 -0.45
C LEU C 103 10.03 4.41 -0.55
N ALA C 104 9.40 5.49 -0.10
CA ALA C 104 7.96 5.62 -0.14
C ALA C 104 7.43 5.52 -1.58
N ILE C 105 8.21 6.04 -2.52
CA ILE C 105 7.82 6.00 -3.93
C ILE C 105 7.96 4.59 -4.50
N GLN C 106 9.09 3.95 -4.22
CA GLN C 106 9.37 2.61 -4.69
C GLN C 106 8.36 1.60 -4.19
N THR C 107 8.01 1.71 -2.91
CA THR C 107 7.11 0.78 -2.25
C THR C 107 5.64 1.15 -2.32
N GLY C 108 5.36 2.43 -2.52
CA GLY C 108 3.98 2.87 -2.59
C GLY C 108 3.39 2.87 -1.20
N GLU C 109 4.24 3.07 -0.20
CA GLU C 109 3.79 3.05 1.18
C GLU C 109 3.93 4.38 1.91
N PRO C 110 3.37 5.45 1.34
CA PRO C 110 3.47 6.74 2.02
C PRO C 110 2.87 6.65 3.44
N GLY C 111 1.74 5.96 3.56
CA GLY C 111 1.08 5.84 4.83
C GLY C 111 1.84 5.08 5.92
N PRO C 112 2.18 3.80 5.68
CA PRO C 112 2.91 3.04 6.70
C PRO C 112 4.18 3.76 7.18
N LEU C 113 4.87 4.44 6.27
CA LEU C 113 6.07 5.16 6.65
C LEU C 113 5.70 6.38 7.47
N ALA C 114 4.71 7.14 7.01
CA ALA C 114 4.27 8.34 7.71
C ALA C 114 3.84 7.98 9.13
N GLN C 115 3.07 6.91 9.24
CA GLN C 115 2.57 6.42 10.51
C GLN C 115 3.69 5.99 11.48
N ALA C 116 4.70 5.31 10.95
CA ALA C 116 5.83 4.87 11.77
C ALA C 116 6.68 6.08 12.18
N ILE C 117 6.79 7.07 11.29
CA ILE C 117 7.56 8.25 11.61
C ILE C 117 6.82 9.08 12.67
N ALA C 118 5.50 9.24 12.50
CA ALA C 118 4.72 9.99 13.48
C ALA C 118 4.89 9.33 14.85
N GLY C 119 4.75 8.01 14.89
CA GLY C 119 4.90 7.29 16.14
C GLY C 119 6.23 7.60 16.78
N LEU C 120 7.31 7.57 16.00
CA LEU C 120 8.62 7.86 16.57
C LEU C 120 8.79 9.32 17.01
N ASP C 121 8.06 10.23 16.37
CA ASP C 121 8.15 11.64 16.74
C ASP C 121 7.47 11.89 18.09
N ILE C 122 6.39 11.17 18.37
CA ILE C 122 5.69 11.32 19.64
C ILE C 122 6.65 10.83 20.73
N ALA C 123 7.31 9.71 20.46
CA ALA C 123 8.25 9.12 21.41
C ALA C 123 9.45 10.03 21.72
N LEU C 124 10.01 10.64 20.70
CA LEU C 124 11.16 11.52 20.90
C LEU C 124 10.75 12.78 21.65
N CYS C 125 9.56 13.30 21.36
CA CYS C 125 9.10 14.50 22.03
C CYS C 125 8.82 14.13 23.48
N ASP C 126 8.30 12.92 23.68
CA ASP C 126 8.03 12.45 25.01
C ASP C 126 9.37 12.38 25.75
N LEU C 127 10.36 11.82 25.08
CA LEU C 127 11.70 11.68 25.68
C LEU C 127 12.30 13.03 26.01
N ALA C 128 12.17 13.97 25.08
CA ALA C 128 12.70 15.31 25.28
C ALA C 128 12.04 16.00 26.46
N ALA C 129 10.71 15.92 26.53
CA ALA C 129 9.94 16.56 27.58
C ALA C 129 10.21 15.89 28.91
N ARG C 130 10.30 14.57 28.92
CA ARG C 130 10.57 13.86 30.16
C ARG C 130 11.93 14.31 30.66
N ARG C 131 12.85 14.46 29.71
CA ARG C 131 14.20 14.88 29.99
C ARG C 131 14.22 16.31 30.56
N ALA C 132 13.36 17.17 30.04
CA ALA C 132 13.28 18.56 30.49
C ALA C 132 12.45 18.75 31.74
N GLY C 133 11.73 17.70 32.15
CA GLY C 133 10.92 17.78 33.35
C GLY C 133 9.61 18.52 33.17
N GLN C 134 9.09 18.53 31.95
CA GLN C 134 7.82 19.21 31.67
C GLN C 134 6.80 18.34 30.99
N PRO C 135 5.52 18.48 31.39
CA PRO C 135 4.48 17.67 30.74
C PRO C 135 4.47 18.16 29.28
N LEU C 136 4.11 17.32 28.33
CA LEU C 136 4.12 17.72 26.91
C LEU C 136 3.39 19.02 26.60
N TRP C 137 2.19 19.22 27.14
CA TRP C 137 1.47 20.46 26.84
C TRP C 137 2.29 21.74 27.13
N ALA C 138 3.16 21.70 28.14
CA ALA C 138 3.99 22.87 28.45
C ALA C 138 5.21 22.91 27.51
N TRP C 139 5.88 21.76 27.37
CA TRP C 139 7.02 21.64 26.47
C TRP C 139 6.65 22.17 25.08
N LEU C 140 5.39 21.95 24.68
CA LEU C 140 4.88 22.38 23.39
C LEU C 140 4.53 23.86 23.36
N GLY C 141 4.60 24.53 24.51
CA GLY C 141 4.30 25.95 24.53
C GLY C 141 2.95 26.33 25.11
N GLY C 142 2.19 25.34 25.56
CA GLY C 142 0.88 25.60 26.14
C GLY C 142 0.95 26.24 27.54
N SER C 143 -0.18 26.78 27.97
CA SER C 143 -0.27 27.44 29.27
C SER C 143 -1.33 26.83 30.20
N GLY C 144 -2.08 25.85 29.71
CA GLY C 144 -3.10 25.19 30.50
C GLY C 144 -3.12 23.69 30.24
N ASP C 145 -3.79 22.93 31.10
CA ASP C 145 -3.85 21.48 30.94
C ASP C 145 -5.26 20.90 30.97
N ARG C 146 -6.26 21.77 30.90
CA ARG C 146 -7.66 21.35 30.94
C ARG C 146 -8.31 21.49 29.56
N ILE C 147 -8.84 20.39 29.04
CA ILE C 147 -9.47 20.42 27.72
C ILE C 147 -10.80 19.67 27.67
N GLY C 148 -11.64 20.04 26.73
CA GLY C 148 -12.94 19.39 26.56
C GLY C 148 -12.79 18.20 25.62
N VAL C 149 -13.72 17.25 25.71
CA VAL C 149 -13.67 16.05 24.88
C VAL C 149 -15.06 15.67 24.37
N TYR C 150 -15.13 14.67 23.48
CA TYR C 150 -16.41 14.20 22.97
C TYR C 150 -16.36 12.70 22.73
N ALA C 151 -17.50 12.04 22.94
CA ALA C 151 -17.62 10.59 22.72
C ALA C 151 -17.69 10.40 21.21
N SER C 152 -16.69 9.70 20.67
CA SER C 152 -16.59 9.50 19.24
C SER C 152 -16.83 8.08 18.76
N GLY C 153 -17.41 7.97 17.56
CA GLY C 153 -17.67 6.68 16.95
C GLY C 153 -18.91 5.93 17.40
N ILE C 154 -19.88 6.65 17.96
CA ILE C 154 -21.11 6.01 18.42
C ILE C 154 -21.74 5.27 17.23
N ASN C 155 -22.03 3.97 17.43
CA ASN C 155 -22.60 3.15 16.37
C ASN C 155 -24.06 3.39 16.09
N PRO C 156 -24.48 3.16 14.82
CA PRO C 156 -25.82 3.31 14.26
C PRO C 156 -26.94 2.47 14.86
N GLU C 157 -26.60 1.33 15.46
CA GLU C 157 -27.62 0.47 16.06
C GLU C 157 -28.38 1.22 17.16
N ASN C 158 -27.86 1.19 18.37
CA ASN C 158 -28.51 1.88 19.48
C ASN C 158 -27.67 3.06 19.92
N PRO C 159 -27.68 4.15 19.14
CA PRO C 159 -26.89 5.32 19.52
C PRO C 159 -27.42 5.98 20.80
N GLU C 160 -28.70 6.30 20.82
CA GLU C 160 -29.33 6.95 21.97
C GLU C 160 -28.94 6.28 23.30
N ASP C 161 -28.61 4.99 23.23
CA ASP C 161 -28.22 4.27 24.45
C ASP C 161 -26.77 4.52 24.82
N VAL C 162 -25.88 4.47 23.83
CA VAL C 162 -24.46 4.72 24.07
C VAL C 162 -24.31 6.13 24.62
N VAL C 163 -24.96 7.09 23.95
CA VAL C 163 -24.93 8.47 24.37
C VAL C 163 -25.22 8.55 25.86
N ALA C 164 -26.40 8.08 26.26
CA ALA C 164 -26.79 8.09 27.66
C ALA C 164 -25.69 7.56 28.57
N ARG C 165 -25.11 6.41 28.20
CA ARG C 165 -24.03 5.80 28.98
C ARG C 165 -22.85 6.75 29.16
N LYS C 166 -22.41 7.33 28.06
CA LYS C 166 -21.29 8.26 28.06
C LYS C 166 -21.61 9.55 28.77
N ALA C 167 -22.83 10.05 28.58
CA ALA C 167 -23.23 11.29 29.25
C ALA C 167 -23.10 11.05 30.76
N ALA C 168 -23.20 9.78 31.14
CA ALA C 168 -23.10 9.38 32.53
C ALA C 168 -21.65 9.40 32.98
N GLU C 169 -20.77 8.88 32.13
CA GLU C 169 -19.34 8.85 32.41
C GLU C 169 -18.81 10.27 32.50
N GLY C 170 -19.56 11.23 31.97
CA GLY C 170 -19.15 12.62 32.01
C GLY C 170 -19.05 13.33 30.66
N TYR C 171 -19.25 12.61 29.56
CA TYR C 171 -19.17 13.23 28.26
C TYR C 171 -20.33 14.20 28.04
N ARG C 172 -20.05 15.28 27.30
CA ARG C 172 -21.05 16.31 27.02
C ARG C 172 -21.02 16.70 25.53
N ALA C 173 -20.48 15.82 24.71
CA ALA C 173 -20.39 16.06 23.27
C ALA C 173 -20.31 14.68 22.62
N PHE C 174 -21.07 14.46 21.54
CA PHE C 174 -21.08 13.14 20.92
C PHE C 174 -21.02 13.17 19.39
N LYS C 175 -20.37 12.16 18.81
CA LYS C 175 -20.27 12.05 17.36
C LYS C 175 -20.81 10.71 16.90
N LEU C 176 -21.89 10.76 16.12
CA LEU C 176 -22.55 9.58 15.59
C LEU C 176 -22.03 9.18 14.22
N LYS C 177 -22.11 7.90 13.93
CA LYS C 177 -21.67 7.39 12.64
C LYS C 177 -22.84 7.38 11.67
N VAL C 178 -22.56 7.71 10.41
CA VAL C 178 -23.57 7.72 9.39
C VAL C 178 -22.94 7.15 8.12
N GLY C 179 -23.57 7.38 6.97
CA GLY C 179 -23.03 6.88 5.72
C GLY C 179 -23.37 5.43 5.47
N PHE C 180 -24.18 4.86 6.36
CA PHE C 180 -24.61 3.47 6.25
C PHE C 180 -25.94 3.44 5.51
N ASP C 181 -27.00 3.88 6.17
CA ASP C 181 -28.36 3.91 5.61
C ASP C 181 -28.99 5.28 5.77
N ASP C 182 -29.12 6.02 4.67
CA ASP C 182 -29.69 7.37 4.69
C ASP C 182 -30.89 7.50 5.63
N ALA C 183 -31.80 6.54 5.55
CA ALA C 183 -33.00 6.55 6.39
C ALA C 183 -32.67 6.53 7.88
N ARG C 184 -32.04 5.44 8.33
CA ARG C 184 -31.66 5.25 9.72
C ARG C 184 -30.89 6.44 10.28
N ASP C 185 -29.78 6.77 9.62
CA ASP C 185 -28.93 7.88 10.05
C ASP C 185 -29.74 9.13 10.37
N VAL C 186 -30.47 9.66 9.40
CA VAL C 186 -31.26 10.86 9.63
C VAL C 186 -32.15 10.72 10.86
N ARG C 187 -32.62 9.51 11.12
CA ARG C 187 -33.48 9.28 12.28
C ARG C 187 -32.68 9.32 13.57
N ASN C 188 -31.49 8.74 13.55
CA ASN C 188 -30.64 8.75 14.74
C ASN C 188 -30.21 10.16 15.08
N ALA C 189 -29.78 10.91 14.08
CA ALA C 189 -29.34 12.29 14.30
C ALA C 189 -30.42 13.13 15.00
N LEU C 190 -31.64 13.08 14.48
CA LEU C 190 -32.75 13.85 15.05
C LEU C 190 -33.25 13.32 16.38
N HIS C 191 -33.20 12.00 16.54
CA HIS C 191 -33.62 11.39 17.79
C HIS C 191 -32.66 11.79 18.89
N VAL C 192 -31.36 11.64 18.62
CA VAL C 192 -30.32 12.00 19.60
C VAL C 192 -30.38 13.50 19.91
N ARG C 193 -30.60 14.31 18.88
CA ARG C 193 -30.68 15.75 19.07
C ARG C 193 -31.78 16.08 20.08
N GLU C 194 -32.87 15.33 20.02
CA GLU C 194 -33.99 15.54 20.94
C GLU C 194 -33.66 15.01 22.33
N LEU C 195 -33.05 13.83 22.37
CA LEU C 195 -32.66 13.22 23.64
C LEU C 195 -31.65 14.07 24.41
N LEU C 196 -30.86 14.86 23.67
CA LEU C 196 -29.85 15.70 24.31
C LEU C 196 -30.29 17.12 24.61
N GLY C 197 -30.98 17.74 23.67
CA GLY C 197 -31.41 19.11 23.86
C GLY C 197 -30.64 19.96 22.87
N ALA C 198 -30.89 21.26 22.87
CA ALA C 198 -30.22 22.14 21.92
C ALA C 198 -28.74 22.39 22.24
N ALA C 199 -28.45 22.73 23.49
CA ALA C 199 -27.09 23.03 23.96
C ALA C 199 -25.97 22.07 23.56
N THR C 200 -26.10 20.80 23.95
CA THR C 200 -25.07 19.80 23.67
C THR C 200 -24.60 19.72 22.21
N PRO C 201 -23.28 19.71 21.99
CA PRO C 201 -22.75 19.63 20.62
C PRO C 201 -22.85 18.19 20.08
N LEU C 202 -23.36 18.07 18.87
CA LEU C 202 -23.52 16.77 18.23
C LEU C 202 -22.81 16.76 16.87
N MET C 203 -22.07 15.70 16.60
CA MET C 203 -21.32 15.58 15.35
C MET C 203 -21.63 14.28 14.59
N ALA C 204 -21.40 14.28 13.28
CA ALA C 204 -21.65 13.12 12.44
C ALA C 204 -20.43 12.78 11.58
N ASP C 205 -20.13 11.49 11.44
CA ASP C 205 -18.99 11.03 10.65
C ASP C 205 -19.46 10.02 9.59
N ALA C 206 -19.16 10.33 8.33
CA ALA C 206 -19.56 9.47 7.22
C ALA C 206 -18.46 8.52 6.72
N ASN C 207 -17.23 8.77 7.12
CA ASN C 207 -16.12 7.95 6.70
C ASN C 207 -16.02 7.79 5.18
N GLN C 208 -16.02 8.91 4.46
CA GLN C 208 -15.92 8.88 3.00
C GLN C 208 -16.95 7.95 2.38
N GLY C 209 -18.17 7.98 2.90
CA GLY C 209 -19.20 7.08 2.39
C GLY C 209 -20.18 7.59 1.37
N TRP C 210 -20.07 8.85 0.96
CA TRP C 210 -21.02 9.40 -0.01
C TRP C 210 -20.33 10.03 -1.20
N ASP C 211 -21.11 10.23 -2.27
CA ASP C 211 -20.64 10.88 -3.48
C ASP C 211 -21.31 12.25 -3.42
N LEU C 212 -20.75 13.24 -4.11
CA LEU C 212 -21.30 14.59 -4.08
C LEU C 212 -22.83 14.70 -4.09
N PRO C 213 -23.51 13.98 -5.00
CA PRO C 213 -24.98 14.05 -5.07
C PRO C 213 -25.66 13.65 -3.76
N ARG C 214 -25.32 12.46 -3.28
CA ARG C 214 -25.88 11.94 -2.03
C ARG C 214 -25.48 12.79 -0.83
N ALA C 215 -24.23 13.27 -0.83
CA ALA C 215 -23.74 14.09 0.27
C ALA C 215 -24.57 15.35 0.41
N ARG C 216 -24.87 16.00 -0.73
CA ARG C 216 -25.66 17.23 -0.74
C ARG C 216 -27.00 16.99 -0.05
N GLN C 217 -27.63 15.89 -0.41
CA GLN C 217 -28.93 15.51 0.14
C GLN C 217 -28.86 15.27 1.65
N MET C 218 -27.98 14.37 2.07
CA MET C 218 -27.83 14.08 3.49
C MET C 218 -27.50 15.33 4.32
N ALA C 219 -26.66 16.20 3.75
CA ALA C 219 -26.28 17.42 4.43
C ALA C 219 -27.51 18.24 4.84
N GLN C 220 -28.42 18.47 3.89
CA GLN C 220 -29.63 19.23 4.19
C GLN C 220 -30.53 18.46 5.15
N ARG C 221 -30.69 17.17 4.89
CA ARG C 221 -31.54 16.34 5.73
C ARG C 221 -31.05 16.32 7.19
N LEU C 222 -29.79 16.68 7.41
CA LEU C 222 -29.22 16.70 8.77
C LEU C 222 -29.27 18.07 9.43
N GLY C 223 -29.37 19.13 8.63
CA GLY C 223 -29.43 20.48 9.16
C GLY C 223 -30.27 20.62 10.42
N PRO C 224 -31.49 20.08 10.42
CA PRO C 224 -32.37 20.17 11.59
C PRO C 224 -31.70 19.65 12.87
N ALA C 225 -30.80 18.67 12.71
CA ALA C 225 -30.09 18.07 13.82
C ALA C 225 -29.15 19.07 14.50
N GLN C 226 -28.85 20.18 13.82
CA GLN C 226 -27.97 21.20 14.35
C GLN C 226 -26.63 20.59 14.80
N LEU C 227 -25.90 20.07 13.82
CA LEU C 227 -24.61 19.44 14.04
C LEU C 227 -23.47 20.46 14.07
N ASP C 228 -22.46 20.21 14.91
CA ASP C 228 -21.30 21.08 14.98
C ASP C 228 -20.50 20.93 13.68
N TRP C 229 -20.52 19.72 13.10
CA TRP C 229 -19.85 19.45 11.84
C TRP C 229 -20.21 18.10 11.21
N LEU C 230 -19.99 17.98 9.91
CA LEU C 230 -20.24 16.75 9.15
C LEU C 230 -18.84 16.29 8.73
N GLU C 231 -18.43 15.13 9.22
CA GLU C 231 -17.10 14.60 8.96
C GLU C 231 -16.95 13.72 7.71
N GLU C 232 -15.89 13.96 6.94
CA GLU C 232 -15.56 13.21 5.72
C GLU C 232 -16.77 12.74 4.91
N PRO C 233 -17.59 13.67 4.40
CA PRO C 233 -18.75 13.21 3.63
C PRO C 233 -18.33 12.59 2.30
N LEU C 234 -17.14 12.92 1.84
CA LEU C 234 -16.64 12.40 0.58
C LEU C 234 -15.26 11.78 0.76
N ARG C 235 -14.78 11.09 -0.27
CA ARG C 235 -13.45 10.50 -0.19
C ARG C 235 -12.46 11.66 -0.23
N ALA C 236 -11.45 11.62 0.61
CA ALA C 236 -10.44 12.68 0.65
C ALA C 236 -9.82 12.83 -0.72
N ASP C 237 -10.10 11.83 -1.55
CA ASP C 237 -9.62 11.70 -2.94
C ASP C 237 -10.30 12.66 -3.92
N ARG C 238 -11.57 12.96 -3.68
CA ARG C 238 -12.36 13.82 -4.55
C ARG C 238 -11.69 15.15 -4.92
N PRO C 239 -12.06 15.72 -6.07
CA PRO C 239 -11.46 17.00 -6.49
C PRO C 239 -11.93 18.11 -5.56
N ALA C 240 -11.04 19.05 -5.26
CA ALA C 240 -11.34 20.18 -4.39
C ALA C 240 -12.65 20.84 -4.80
N ALA C 241 -12.85 20.95 -6.10
CA ALA C 241 -14.06 21.56 -6.65
C ALA C 241 -15.32 20.90 -6.08
N GLU C 242 -15.31 19.58 -5.95
CA GLU C 242 -16.49 18.90 -5.41
C GLU C 242 -16.71 19.27 -3.95
N TRP C 243 -15.62 19.37 -3.19
CA TRP C 243 -15.71 19.73 -1.78
C TRP C 243 -16.24 21.15 -1.60
N ALA C 244 -15.71 22.07 -2.40
CA ALA C 244 -16.14 23.46 -2.35
C ALA C 244 -17.66 23.53 -2.51
N GLU C 245 -18.17 22.86 -3.53
CA GLU C 245 -19.61 22.86 -3.81
C GLU C 245 -20.40 22.32 -2.62
N LEU C 246 -19.89 21.26 -1.99
CA LEU C 246 -20.56 20.66 -0.84
C LEU C 246 -20.52 21.58 0.38
N ALA C 247 -19.40 22.26 0.57
CA ALA C 247 -19.26 23.16 1.70
C ALA C 247 -20.33 24.25 1.64
N GLN C 248 -20.54 24.80 0.43
CA GLN C 248 -21.55 25.83 0.20
C GLN C 248 -22.94 25.33 0.55
N ALA C 249 -23.36 24.28 -0.15
CA ALA C 249 -24.65 23.66 0.04
C ALA C 249 -24.93 23.20 1.47
N ALA C 250 -23.94 22.58 2.10
CA ALA C 250 -24.11 22.08 3.45
C ALA C 250 -24.45 23.19 4.44
N PRO C 251 -25.39 22.93 5.38
CA PRO C 251 -25.81 23.91 6.38
C PRO C 251 -24.86 23.92 7.57
N MET C 252 -24.10 22.84 7.75
CA MET C 252 -23.17 22.74 8.85
C MET C 252 -21.71 22.73 8.35
N PRO C 253 -20.74 22.88 9.27
CA PRO C 253 -19.33 22.87 8.89
C PRO C 253 -18.87 21.49 8.44
N LEU C 254 -17.99 21.46 7.45
CA LEU C 254 -17.46 20.19 6.95
C LEU C 254 -16.14 19.94 7.68
N ALA C 255 -15.90 18.69 8.08
CA ALA C 255 -14.67 18.34 8.79
C ALA C 255 -13.88 17.23 8.09
N GLY C 256 -12.55 17.30 8.19
CA GLY C 256 -11.68 16.30 7.58
C GLY C 256 -10.26 16.42 8.11
N GLY C 257 -9.38 15.48 7.75
CA GLY C 257 -8.01 15.53 8.21
C GLY C 257 -7.40 14.18 8.51
N GLU C 258 -8.22 13.25 9.00
CA GLU C 258 -7.83 11.87 9.31
C GLU C 258 -7.07 11.23 8.14
N ASN C 259 -7.36 11.70 6.92
CA ASN C 259 -6.73 11.14 5.73
C ASN C 259 -5.97 12.16 4.90
N ILE C 260 -5.40 13.16 5.56
CA ILE C 260 -4.61 14.17 4.87
C ILE C 260 -3.20 14.07 5.47
N ALA C 261 -2.17 14.12 4.63
CA ALA C 261 -0.80 14.02 5.14
C ALA C 261 0.19 14.92 4.41
N GLY C 262 1.10 15.51 5.17
CA GLY C 262 2.10 16.41 4.59
C GLY C 262 1.70 17.86 4.73
N VAL C 263 2.66 18.77 4.83
CA VAL C 263 2.29 20.18 4.98
C VAL C 263 1.60 20.68 3.73
N ALA C 264 2.11 20.27 2.57
CA ALA C 264 1.53 20.70 1.31
C ALA C 264 0.04 20.41 1.24
N ALA C 265 -0.34 19.17 1.53
CA ALA C 265 -1.76 18.78 1.50
C ALA C 265 -2.59 19.60 2.49
N PHE C 266 -2.13 19.72 3.72
CA PHE C 266 -2.87 20.49 4.73
C PHE C 266 -2.92 21.97 4.37
N GLU C 267 -1.83 22.45 3.78
CA GLU C 267 -1.74 23.85 3.38
C GLU C 267 -2.78 24.11 2.30
N THR C 268 -2.92 23.17 1.37
CA THR C 268 -3.89 23.29 0.29
C THR C 268 -5.31 23.26 0.83
N ALA C 269 -5.60 22.28 1.69
CA ALA C 269 -6.94 22.18 2.25
C ALA C 269 -7.26 23.45 3.04
N LEU C 270 -6.33 23.87 3.88
CA LEU C 270 -6.54 25.05 4.69
C LEU C 270 -6.88 26.27 3.84
N ALA C 271 -6.18 26.44 2.73
CA ALA C 271 -6.42 27.59 1.87
C ALA C 271 -7.81 27.53 1.21
N ALA C 272 -8.21 26.35 0.78
CA ALA C 272 -9.52 26.17 0.13
C ALA C 272 -10.64 26.54 1.08
N ARG C 273 -10.53 26.14 2.33
CA ARG C 273 -11.55 26.43 3.34
C ARG C 273 -12.85 25.67 3.16
N SER C 274 -12.79 24.52 2.49
CA SER C 274 -13.97 23.70 2.34
C SER C 274 -14.21 23.02 3.68
N LEU C 275 -13.14 22.63 4.36
CA LEU C 275 -13.23 22.03 5.68
C LEU C 275 -13.05 23.15 6.71
N ARG C 276 -14.05 23.38 7.56
CA ARG C 276 -13.93 24.45 8.56
C ARG C 276 -13.42 23.88 9.90
N VAL C 277 -13.26 22.56 9.93
CA VAL C 277 -12.75 21.85 11.10
C VAL C 277 -11.73 20.84 10.59
N MET C 278 -10.45 21.12 10.80
CA MET C 278 -9.40 20.21 10.36
C MET C 278 -9.05 19.26 11.50
N GLN C 279 -8.85 18.00 11.16
CA GLN C 279 -8.55 16.96 12.15
C GLN C 279 -7.31 16.13 11.82
N PRO C 280 -6.12 16.71 11.99
CA PRO C 280 -4.92 15.92 11.69
C PRO C 280 -4.74 14.90 12.83
N ASP C 281 -4.30 13.70 12.47
CA ASP C 281 -4.10 12.61 13.43
C ASP C 281 -2.59 12.50 13.65
N LEU C 282 -2.10 12.97 14.80
CA LEU C 282 -0.66 12.97 15.04
C LEU C 282 0.02 11.61 15.05
N ALA C 283 -0.73 10.55 15.29
CA ALA C 283 -0.14 9.22 15.28
C ALA C 283 -0.15 8.64 13.86
N LYS C 284 -0.79 9.36 12.94
CA LYS C 284 -0.89 8.92 11.55
C LYS C 284 0.07 9.69 10.64
N TRP C 285 0.35 10.94 10.99
CA TRP C 285 1.29 11.75 10.22
C TRP C 285 1.84 12.88 11.08
N GLY C 286 3.13 13.17 10.88
CA GLY C 286 3.80 14.26 11.56
C GLY C 286 4.03 14.25 13.06
N GLY C 287 3.14 13.59 13.80
CA GLY C 287 3.30 13.58 15.25
C GLY C 287 3.26 15.02 15.70
N PHE C 288 4.04 15.34 16.72
CA PHE C 288 4.09 16.71 17.25
C PHE C 288 4.79 17.68 16.30
N SER C 289 5.93 17.28 15.75
CA SER C 289 6.69 18.15 14.85
C SER C 289 5.88 18.58 13.63
N GLY C 290 5.06 17.68 13.13
CA GLY C 290 4.26 17.99 11.97
C GLY C 290 2.94 18.66 12.28
N CYS C 291 2.18 18.09 13.21
CA CYS C 291 0.87 18.66 13.54
C CYS C 291 0.85 19.99 14.29
N LEU C 292 1.83 20.26 15.15
CA LEU C 292 1.83 21.53 15.91
C LEU C 292 1.68 22.74 14.99
N PRO C 293 2.56 22.87 13.97
CA PRO C 293 2.40 24.03 13.09
C PRO C 293 1.10 24.03 12.27
N VAL C 294 0.59 22.87 11.88
CA VAL C 294 -0.65 22.85 11.11
C VAL C 294 -1.87 23.19 11.98
N ALA C 295 -1.83 22.80 13.26
CA ALA C 295 -2.94 23.13 14.15
C ALA C 295 -2.93 24.66 14.31
N ARG C 296 -1.74 25.21 14.52
CA ARG C 296 -1.61 26.65 14.67
C ARG C 296 -2.10 27.37 13.42
N ALA C 297 -1.85 26.81 12.25
CA ALA C 297 -2.27 27.41 11.00
C ALA C 297 -3.80 27.40 10.90
N VAL C 298 -4.40 26.28 11.29
CA VAL C 298 -5.85 26.13 11.25
C VAL C 298 -6.53 27.17 12.16
N VAL C 299 -6.11 27.22 13.42
CA VAL C 299 -6.67 28.16 14.37
C VAL C 299 -6.50 29.63 13.95
N ALA C 300 -5.28 29.98 13.54
CA ALA C 300 -4.96 31.33 13.12
C ALA C 300 -5.76 31.75 11.90
N ALA C 301 -6.24 30.78 11.13
CA ALA C 301 -7.02 31.07 9.95
C ALA C 301 -8.50 31.27 10.30
N GLY C 302 -8.82 31.22 11.59
CA GLY C 302 -10.20 31.37 12.01
C GLY C 302 -10.99 30.08 11.97
N LEU C 303 -10.32 28.99 11.63
CA LEU C 303 -10.97 27.69 11.57
C LEU C 303 -10.87 26.93 12.90
N ARG C 304 -11.39 25.71 12.92
CA ARG C 304 -11.40 24.93 14.15
C ARG C 304 -10.53 23.67 14.11
N TYR C 305 -9.66 23.53 15.11
CA TYR C 305 -8.78 22.37 15.22
C TYR C 305 -9.32 21.41 16.27
N CYS C 306 -9.72 20.23 15.83
CA CYS C 306 -10.25 19.19 16.73
C CYS C 306 -9.68 17.84 16.36
N PRO C 307 -8.64 17.40 17.08
CA PRO C 307 -8.07 16.10 16.76
C PRO C 307 -8.90 15.00 17.41
N HIS C 308 -8.62 13.76 17.05
CA HIS C 308 -9.30 12.60 17.63
C HIS C 308 -8.37 11.41 17.40
N TYR C 309 -8.41 10.44 18.30
CA TYR C 309 -7.58 9.26 18.14
C TYR C 309 -8.35 8.03 18.59
N LEU C 310 -8.51 7.07 17.70
CA LEU C 310 -9.23 5.85 18.04
C LEU C 310 -8.32 4.66 18.25
N GLY C 311 -7.21 4.85 18.94
CA GLY C 311 -6.30 3.74 19.20
C GLY C 311 -6.09 3.56 20.69
N ALA C 312 -4.91 3.09 21.08
CA ALA C 312 -4.60 2.90 22.50
C ALA C 312 -4.40 4.27 23.18
N GLY C 313 -4.34 4.27 24.51
CA GLY C 313 -4.19 5.51 25.26
C GLY C 313 -3.00 6.41 24.99
N ILE C 314 -1.86 5.82 24.61
CA ILE C 314 -0.69 6.65 24.34
C ILE C 314 -0.99 7.69 23.26
N GLY C 315 -1.59 7.26 22.16
CA GLY C 315 -1.92 8.20 21.11
C GLY C 315 -2.96 9.21 21.60
N LEU C 316 -3.84 8.76 22.49
CA LEU C 316 -4.86 9.65 23.00
C LEU C 316 -4.22 10.71 23.89
N GLN C 317 -3.32 10.29 24.77
CA GLN C 317 -2.64 11.25 25.67
C GLN C 317 -1.89 12.29 24.84
N ALA C 318 -1.24 11.81 23.78
CA ALA C 318 -0.47 12.66 22.89
C ALA C 318 -1.35 13.75 22.27
N SER C 319 -2.53 13.37 21.81
CA SER C 319 -3.42 14.33 21.21
C SER C 319 -3.97 15.26 22.27
N ALA C 320 -4.17 14.74 23.48
CA ALA C 320 -4.71 15.56 24.55
C ALA C 320 -3.73 16.69 24.85
N HIS C 321 -2.44 16.38 24.79
CA HIS C 321 -1.39 17.35 25.02
C HIS C 321 -1.30 18.36 23.89
N LEU C 322 -1.40 17.91 22.64
CA LEU C 322 -1.33 18.86 21.54
C LEU C 322 -2.53 19.79 21.58
N LEU C 323 -3.70 19.24 21.87
CA LEU C 323 -4.90 20.08 21.96
C LEU C 323 -4.72 21.08 23.10
N ALA C 324 -4.20 20.62 24.23
CA ALA C 324 -3.98 21.54 25.34
C ALA C 324 -3.07 22.68 24.89
N ALA C 325 -2.08 22.35 24.06
CA ALA C 325 -1.14 23.33 23.56
C ALA C 325 -1.72 24.25 22.49
N VAL C 326 -2.75 23.79 21.78
CA VAL C 326 -3.40 24.59 20.74
C VAL C 326 -4.92 24.43 20.92
N PRO C 327 -5.46 25.01 22.02
CA PRO C 327 -6.89 24.95 22.36
C PRO C 327 -7.87 25.68 21.45
N GLY C 328 -7.36 26.58 20.62
CA GLY C 328 -8.25 27.32 19.75
C GLY C 328 -8.63 28.60 20.46
N LEU C 329 -9.22 29.53 19.72
CA LEU C 329 -9.60 30.82 20.28
C LEU C 329 -11.10 31.01 20.37
N ALA C 330 -11.67 31.59 19.31
CA ALA C 330 -13.10 31.86 19.21
C ALA C 330 -13.93 30.58 19.23
N SER C 331 -13.38 29.53 18.65
CA SER C 331 -14.06 28.23 18.61
C SER C 331 -13.15 27.14 19.18
N PRO C 332 -13.24 26.91 20.50
CA PRO C 332 -12.46 25.91 21.22
C PRO C 332 -12.46 24.54 20.55
N GLY C 333 -11.38 23.80 20.74
CA GLY C 333 -11.30 22.48 20.15
C GLY C 333 -11.66 21.39 21.14
N LEU C 334 -12.09 20.25 20.63
CA LEU C 334 -12.45 19.13 21.48
C LEU C 334 -11.69 17.89 21.01
N LEU C 335 -11.31 17.04 21.98
CA LEU C 335 -10.58 15.81 21.69
C LEU C 335 -11.58 14.66 21.58
N GLY C 336 -11.56 13.95 20.46
CA GLY C 336 -12.45 12.81 20.27
C GLY C 336 -11.96 11.53 20.93
N VAL C 337 -12.79 10.95 21.79
CA VAL C 337 -12.44 9.71 22.48
C VAL C 337 -13.33 8.57 22.01
N ASP C 338 -12.69 7.47 21.58
CA ASP C 338 -13.41 6.30 21.10
C ASP C 338 -14.44 5.83 22.12
N ALA C 339 -15.70 5.77 21.73
CA ALA C 339 -16.77 5.35 22.64
C ALA C 339 -16.81 3.85 22.88
N ASN C 340 -16.22 3.08 21.96
CA ASN C 340 -16.20 1.62 22.08
C ASN C 340 -15.24 1.17 23.18
N ASP C 341 -15.50 0.02 23.76
CA ASP C 341 -14.65 -0.50 24.81
C ASP C 341 -13.29 -0.93 24.28
N ASN C 342 -12.24 -0.61 25.05
CA ASN C 342 -10.89 -0.95 24.64
C ASN C 342 -9.90 -0.71 25.76
N PRO C 343 -9.60 -1.77 26.53
CA PRO C 343 -8.65 -1.71 27.65
C PRO C 343 -7.32 -1.06 27.27
N LEU C 344 -6.93 -1.20 25.99
CA LEU C 344 -5.67 -0.64 25.51
C LEU C 344 -5.69 0.88 25.54
N ARG C 345 -6.86 1.46 25.74
CA ARG C 345 -6.97 2.92 25.81
C ARG C 345 -7.12 3.33 27.27
N SER C 346 -7.79 2.49 28.03
CA SER C 346 -8.05 2.74 29.44
C SER C 346 -6.82 2.57 30.31
N LEU C 347 -6.05 1.52 30.04
CA LEU C 347 -4.85 1.24 30.82
C LEU C 347 -3.68 2.16 30.48
N LEU C 348 -3.82 2.94 29.40
CA LEU C 348 -2.75 3.83 28.98
C LEU C 348 -3.13 5.30 28.86
N SER C 349 -4.31 5.65 29.35
CA SER C 349 -4.75 7.03 29.27
C SER C 349 -5.25 7.58 30.61
N PRO C 350 -4.35 7.76 31.58
CA PRO C 350 -4.68 8.27 32.91
C PRO C 350 -5.52 9.54 32.96
N ALA C 351 -5.37 10.42 31.98
CA ALA C 351 -6.15 11.66 31.99
C ALA C 351 -7.65 11.41 31.83
N LEU C 352 -8.03 10.29 31.23
CA LEU C 352 -9.45 10.00 31.07
C LEU C 352 -10.16 9.77 32.41
N ALA C 353 -9.38 9.48 33.45
CA ALA C 353 -9.95 9.25 34.76
C ALA C 353 -10.40 10.56 35.40
N THR C 354 -9.96 11.68 34.84
CA THR C 354 -10.35 12.99 35.38
C THR C 354 -11.60 13.53 34.70
N LEU C 355 -12.14 12.79 33.73
CA LEU C 355 -13.32 13.23 33.01
C LEU C 355 -14.39 13.74 33.97
N HIS C 356 -14.63 15.04 33.93
CA HIS C 356 -15.64 15.64 34.79
C HIS C 356 -16.28 16.85 34.10
N GLU C 357 -17.56 16.75 33.83
CA GLU C 357 -18.29 17.86 33.22
C GLU C 357 -17.78 18.15 31.80
N GLY C 358 -17.68 17.09 31.01
CA GLY C 358 -17.24 17.22 29.63
C GLY C 358 -15.80 17.58 29.35
N ARG C 359 -14.91 17.44 30.35
CA ARG C 359 -13.51 17.78 30.13
C ARG C 359 -12.55 17.09 31.08
N ILE C 360 -11.29 16.94 30.64
CA ILE C 360 -10.27 16.28 31.45
C ILE C 360 -9.07 17.17 31.77
N THR C 361 -8.25 16.71 32.70
CA THR C 361 -7.07 17.45 33.14
C THR C 361 -5.80 16.61 32.91
N LEU C 362 -4.82 17.19 32.23
CA LEU C 362 -3.59 16.46 31.94
C LEU C 362 -2.59 16.39 33.08
N GLY C 363 -2.61 17.37 33.98
CA GLY C 363 -1.67 17.34 35.07
C GLY C 363 -0.26 17.77 34.69
N GLY C 364 0.67 17.64 35.62
CA GLY C 364 2.03 18.07 35.35
C GLY C 364 3.09 17.00 35.24
N ALA C 365 2.72 15.73 35.15
CA ALA C 365 3.76 14.72 35.03
C ALA C 365 4.53 14.99 33.72
N PRO C 366 5.86 14.84 33.74
CA PRO C 366 6.67 15.08 32.54
C PRO C 366 6.37 14.15 31.35
N GLY C 367 6.37 14.71 30.14
CA GLY C 367 6.11 13.93 28.94
C GLY C 367 4.63 13.63 28.75
N LEU C 368 4.33 12.41 28.32
CA LEU C 368 2.95 11.97 28.10
C LEU C 368 2.20 11.82 29.42
N GLY C 369 2.94 11.49 30.47
CA GLY C 369 2.33 11.30 31.77
C GLY C 369 1.81 9.89 31.86
N VAL C 370 2.51 8.97 31.22
CA VAL C 370 2.17 7.56 31.22
C VAL C 370 3.28 6.73 30.58
N THR C 371 3.67 5.66 31.28
CA THR C 371 4.71 4.74 30.84
C THR C 371 4.05 3.36 30.75
N PRO C 372 3.92 2.82 29.54
CA PRO C 372 3.28 1.50 29.45
C PRO C 372 3.93 0.37 30.23
N ASP C 373 3.07 -0.47 30.82
CA ASP C 373 3.48 -1.64 31.58
C ASP C 373 3.25 -2.80 30.60
N LEU C 374 4.29 -3.15 29.85
CA LEU C 374 4.18 -4.22 28.86
C LEU C 374 3.58 -5.52 29.39
N ALA C 375 4.06 -5.98 30.54
CA ALA C 375 3.56 -7.21 31.15
C ALA C 375 2.06 -7.08 31.42
N ALA C 376 1.66 -5.96 31.98
CA ALA C 376 0.25 -5.71 32.28
C ALA C 376 -0.61 -5.63 31.03
N LEU C 377 0.01 -5.30 29.89
CA LEU C 377 -0.73 -5.18 28.65
C LEU C 377 -0.92 -6.52 27.94
N ARG C 378 0.12 -7.33 27.91
CA ARG C 378 0.00 -8.62 27.26
C ARG C 378 -0.98 -9.49 28.04
N ALA C 379 -1.09 -9.22 29.34
CA ALA C 379 -2.03 -9.96 30.19
C ALA C 379 -3.45 -9.64 29.74
N ALA C 380 -3.75 -8.36 29.61
CA ALA C 380 -5.07 -7.91 29.19
C ALA C 380 -5.42 -8.43 27.79
N CYS C 381 -4.45 -9.07 27.13
CA CYS C 381 -4.67 -9.57 25.79
C CYS C 381 -4.72 -11.11 25.70
N ALA D 8 6.76 22.80 -8.98
CA ALA D 8 8.11 22.64 -9.61
C ALA D 8 9.28 23.14 -8.74
N SER D 9 10.41 22.47 -8.86
CA SER D 9 11.58 22.82 -8.07
C SER D 9 12.23 24.10 -8.57
N ILE D 10 13.05 24.71 -7.71
CA ILE D 10 13.76 25.93 -8.07
C ILE D 10 15.22 25.59 -8.28
N THR D 11 15.77 26.02 -9.40
CA THR D 11 17.17 25.76 -9.70
C THR D 11 17.89 27.09 -9.85
N PRO D 12 18.38 27.65 -8.75
CA PRO D 12 19.09 28.92 -8.88
C PRO D 12 20.26 28.81 -9.83
N ALA D 13 20.38 29.77 -10.74
CA ALA D 13 21.48 29.78 -11.71
C ALA D 13 22.34 31.03 -11.53
N ARG D 14 21.68 32.12 -11.17
CA ARG D 14 22.36 33.40 -10.98
C ARG D 14 21.77 34.11 -9.76
N VAL D 15 22.63 34.45 -8.81
CA VAL D 15 22.21 35.14 -7.59
C VAL D 15 23.03 36.41 -7.45
N ARG D 16 22.38 37.55 -7.25
CA ARG D 16 23.12 38.79 -7.10
C ARG D 16 22.58 39.72 -6.03
N ALA D 17 23.45 40.57 -5.52
CA ALA D 17 23.06 41.53 -4.49
C ALA D 17 23.41 42.92 -4.97
N HIS D 18 22.53 43.88 -4.74
CA HIS D 18 22.75 45.26 -5.15
C HIS D 18 22.61 46.18 -3.95
N VAL D 19 23.61 47.03 -3.73
CA VAL D 19 23.62 47.97 -2.61
C VAL D 19 23.24 49.36 -3.06
N PHE D 20 22.36 50.01 -2.30
CA PHE D 20 21.95 51.37 -2.63
C PHE D 20 22.05 52.23 -1.40
N ARG D 21 22.39 53.50 -1.60
CA ARG D 21 22.50 54.41 -0.47
C ARG D 21 21.99 55.79 -0.85
N TYR D 22 20.84 56.14 -0.30
CA TYR D 22 20.22 57.44 -0.55
C TYR D 22 20.57 58.37 0.61
N PRO D 23 21.38 59.42 0.36
CA PRO D 23 21.76 60.37 1.40
C PRO D 23 20.64 61.32 1.81
N VAL D 24 20.47 61.50 3.12
CA VAL D 24 19.43 62.38 3.68
C VAL D 24 19.84 63.86 3.72
N HIS D 36 25.16 60.84 6.61
CA HIS D 36 24.22 59.75 6.88
C HIS D 36 23.30 59.57 5.69
N ASP D 37 22.91 58.31 5.46
CA ASP D 37 22.03 57.96 4.34
C ASP D 37 21.17 56.76 4.69
N ARG D 38 20.26 56.41 3.79
CA ARG D 38 19.38 55.26 3.98
C ARG D 38 19.93 54.17 3.07
N PRO D 39 20.51 53.11 3.66
CA PRO D 39 21.06 52.03 2.84
C PRO D 39 20.03 50.97 2.51
N ALA D 40 20.33 50.17 1.50
CA ALA D 40 19.44 49.11 1.08
C ALA D 40 20.23 48.02 0.37
N VAL D 41 19.82 46.77 0.57
CA VAL D 41 20.46 45.65 -0.08
C VAL D 41 19.38 44.83 -0.75
N LEU D 42 19.32 44.90 -2.07
CA LEU D 42 18.32 44.16 -2.82
C LEU D 42 19.00 42.95 -3.44
N VAL D 43 18.35 41.80 -3.40
CA VAL D 43 18.94 40.60 -3.99
C VAL D 43 18.00 40.04 -5.03
N GLU D 44 18.57 39.48 -6.09
CA GLU D 44 17.77 38.88 -7.13
C GLU D 44 18.22 37.46 -7.38
N VAL D 45 17.25 36.55 -7.49
CA VAL D 45 17.59 35.17 -7.76
C VAL D 45 17.03 34.82 -9.11
N GLU D 46 17.88 34.24 -9.97
CA GLU D 46 17.42 33.87 -11.29
C GLU D 46 17.47 32.36 -11.48
N ASP D 47 16.33 31.77 -11.82
CA ASP D 47 16.23 30.34 -12.06
C ASP D 47 16.93 30.02 -13.38
N SER D 48 17.27 28.75 -13.58
CA SER D 48 17.90 28.32 -14.81
C SER D 48 16.96 28.53 -16.00
N ASP D 49 15.66 28.38 -15.76
CA ASP D 49 14.65 28.55 -16.80
C ASP D 49 14.23 30.00 -17.03
N GLY D 50 14.91 30.94 -16.37
CA GLY D 50 14.61 32.35 -16.57
C GLY D 50 13.77 33.10 -15.55
N ALA D 51 12.94 32.41 -14.78
CA ALA D 51 12.11 33.13 -13.80
C ALA D 51 13.03 33.86 -12.83
N VAL D 52 12.53 34.97 -12.28
CA VAL D 52 13.31 35.76 -11.36
C VAL D 52 12.49 36.19 -10.16
N GLY D 53 13.13 36.27 -9.01
CA GLY D 53 12.48 36.68 -7.79
C GLY D 53 13.38 37.73 -7.17
N TRP D 54 12.80 38.64 -6.39
CA TRP D 54 13.55 39.70 -5.74
C TRP D 54 13.30 39.69 -4.23
N GLY D 55 14.26 40.21 -3.47
CA GLY D 55 14.13 40.27 -2.04
C GLY D 55 15.02 41.33 -1.48
N GLU D 56 14.86 41.63 -0.20
CA GLU D 56 15.67 42.66 0.46
C GLU D 56 16.33 42.10 1.71
N VAL D 57 17.53 42.60 2.00
CA VAL D 57 18.27 42.17 3.17
C VAL D 57 18.39 43.30 4.19
N TRP D 58 17.82 43.11 5.38
CA TRP D 58 17.87 44.14 6.42
C TRP D 58 19.31 44.60 6.59
N CYS D 59 19.51 45.92 6.69
CA CYS D 59 20.85 46.44 6.85
C CYS D 59 20.90 47.88 7.36
N ASN D 60 19.96 48.26 8.23
CA ASN D 60 19.98 49.63 8.74
C ASN D 60 21.18 49.91 9.64
N PHE D 61 21.70 48.86 10.28
CA PHE D 61 22.84 48.99 11.17
C PHE D 61 23.79 47.79 11.02
N PRO D 62 25.10 48.03 11.17
CA PRO D 62 25.61 49.38 11.45
C PRO D 62 25.49 50.17 10.15
N ALA D 63 26.00 51.40 10.13
CA ALA D 63 25.89 52.20 8.92
C ALA D 63 26.68 51.60 7.74
N CYS D 64 27.75 50.86 8.04
CA CYS D 64 28.60 50.28 7.01
C CYS D 64 28.34 48.81 6.67
N GLY D 65 27.36 48.20 7.33
CA GLY D 65 27.08 46.79 7.08
C GLY D 65 26.44 46.36 5.77
N ALA D 66 25.95 47.30 4.96
CA ALA D 66 25.30 46.97 3.71
C ALA D 66 26.19 46.20 2.75
N GLU D 67 27.39 46.71 2.51
CA GLU D 67 28.32 46.05 1.61
C GLU D 67 28.66 44.63 2.06
N HIS D 68 28.90 44.46 3.36
CA HIS D 68 29.24 43.15 3.91
C HIS D 68 28.11 42.15 3.66
N ARG D 69 26.87 42.54 3.97
CA ARG D 69 25.73 41.66 3.77
C ARG D 69 25.58 41.26 2.31
N ALA D 70 25.80 42.20 1.40
CA ALA D 70 25.71 41.89 -0.02
C ALA D 70 26.84 40.94 -0.44
N ARG D 71 28.00 41.06 0.20
CA ARG D 71 29.13 40.19 -0.08
C ARG D 71 28.82 38.78 0.42
N LEU D 72 28.18 38.69 1.59
CA LEU D 72 27.81 37.40 2.13
C LEU D 72 26.89 36.66 1.18
N VAL D 73 25.92 37.39 0.63
CA VAL D 73 24.97 36.83 -0.31
C VAL D 73 25.67 36.27 -1.55
N GLU D 74 26.68 36.99 -2.05
CA GLU D 74 27.36 36.54 -3.26
C GLU D 74 28.50 35.53 -3.11
N THR D 75 29.29 35.64 -2.06
CA THR D 75 30.41 34.73 -1.87
C THR D 75 30.12 33.51 -1.00
N VAL D 76 29.13 33.60 -0.11
CA VAL D 76 28.80 32.47 0.76
C VAL D 76 27.53 31.72 0.42
N LEU D 77 26.42 32.43 0.38
CA LEU D 77 25.13 31.81 0.10
C LEU D 77 24.92 31.39 -1.34
N ALA D 78 25.20 32.30 -2.27
CA ALA D 78 25.02 32.04 -3.70
C ALA D 78 25.62 30.71 -4.14
N PRO D 79 26.88 30.45 -3.74
CA PRO D 79 27.54 29.19 -4.11
C PRO D 79 26.74 27.98 -3.68
N LEU D 80 26.10 28.11 -2.53
CA LEU D 80 25.29 27.02 -2.00
C LEU D 80 23.99 26.87 -2.80
N LEU D 81 23.42 27.99 -3.20
CA LEU D 81 22.16 28.04 -3.93
C LEU D 81 22.24 27.51 -5.37
N THR D 82 23.35 27.78 -6.04
CA THR D 82 23.54 27.36 -7.41
C THR D 82 24.21 26.00 -7.58
N ALA D 83 24.36 25.26 -6.50
CA ALA D 83 25.03 23.97 -6.57
C ALA D 83 24.05 22.82 -6.75
N ARG D 84 22.77 23.08 -6.56
CA ARG D 84 21.74 22.05 -6.68
C ARG D 84 20.38 22.66 -7.01
N ALA D 85 19.33 21.93 -6.65
CA ALA D 85 17.96 22.37 -6.85
C ALA D 85 17.28 22.27 -5.49
N PHE D 86 16.10 22.85 -5.36
CA PHE D 86 15.36 22.81 -4.11
C PHE D 86 13.89 22.62 -4.41
N ALA D 87 13.25 21.73 -3.66
CA ALA D 87 11.82 21.46 -3.84
C ALA D 87 10.99 22.74 -3.72
N ASP D 88 11.46 23.68 -2.91
CA ASP D 88 10.76 24.92 -2.69
C ASP D 88 11.56 25.82 -1.77
N PRO D 89 11.12 27.08 -1.63
CA PRO D 89 11.85 28.01 -0.77
C PRO D 89 12.20 27.49 0.64
N ALA D 90 11.25 26.88 1.32
CA ALA D 90 11.50 26.38 2.67
C ALA D 90 12.68 25.42 2.74
N GLN D 91 12.82 24.53 1.76
CA GLN D 91 13.92 23.60 1.74
C GLN D 91 15.25 24.33 1.54
N ALA D 92 15.25 25.37 0.72
CA ALA D 92 16.48 26.12 0.47
C ALA D 92 16.88 26.87 1.75
N PHE D 93 15.88 27.31 2.51
CA PHE D 93 16.11 28.06 3.75
C PHE D 93 16.81 27.17 4.77
N ALA D 94 16.26 25.98 4.97
CA ALA D 94 16.80 25.02 5.91
C ALA D 94 18.20 24.64 5.50
N HIS D 95 18.42 24.50 4.20
CA HIS D 95 19.71 24.10 3.69
C HIS D 95 20.75 25.18 3.94
N LEU D 96 20.38 26.43 3.69
CA LEU D 96 21.30 27.53 3.91
C LEU D 96 21.55 27.69 5.42
N GLU D 97 20.54 27.46 6.24
CA GLU D 97 20.73 27.60 7.68
C GLU D 97 21.70 26.56 8.21
N ALA D 98 21.50 25.32 7.77
CA ALA D 98 22.34 24.20 8.18
C ALA D 98 23.78 24.34 7.68
N ARG D 99 23.95 24.81 6.46
CA ARG D 99 25.28 24.95 5.86
C ARG D 99 26.08 26.15 6.35
N THR D 100 25.50 26.98 7.21
CA THR D 100 26.26 28.13 7.69
C THR D 100 26.22 28.18 9.21
N ALA D 101 25.63 27.15 9.82
CA ALA D 101 25.54 27.07 11.27
C ALA D 101 26.93 27.25 11.90
N VAL D 102 27.86 26.37 11.57
CA VAL D 102 29.21 26.47 12.11
C VAL D 102 29.87 27.81 11.73
N LEU D 103 29.78 28.19 10.46
CA LEU D 103 30.38 29.47 10.06
C LEU D 103 29.90 30.58 10.99
N ALA D 104 28.62 30.53 11.35
CA ALA D 104 28.02 31.53 12.22
C ALA D 104 28.70 31.56 13.59
N ILE D 105 29.14 30.38 14.05
CA ILE D 105 29.82 30.25 15.33
C ILE D 105 31.29 30.71 15.25
N GLN D 106 31.93 30.41 14.13
CA GLN D 106 33.34 30.79 13.93
C GLN D 106 33.53 32.29 13.84
N THR D 107 32.62 32.93 13.11
CA THR D 107 32.69 34.36 12.84
C THR D 107 31.88 35.23 13.78
N GLY D 108 30.94 34.61 14.50
CA GLY D 108 30.10 35.38 15.42
C GLY D 108 29.16 36.29 14.67
N GLU D 109 28.78 35.89 13.47
CA GLU D 109 27.89 36.70 12.66
C GLU D 109 26.49 36.14 12.47
N PRO D 110 25.85 35.70 13.56
CA PRO D 110 24.50 35.17 13.39
C PRO D 110 23.59 36.15 12.63
N GLY D 111 23.68 37.43 12.98
CA GLY D 111 22.85 38.44 12.32
C GLY D 111 23.06 38.56 10.82
N PRO D 112 24.24 38.97 10.36
CA PRO D 112 24.54 39.12 8.94
C PRO D 112 24.14 37.89 8.12
N LEU D 113 24.39 36.70 8.65
CA LEU D 113 24.02 35.49 7.93
C LEU D 113 22.50 35.35 7.89
N ALA D 114 21.85 35.55 9.03
CA ALA D 114 20.40 35.44 9.10
C ALA D 114 19.75 36.46 8.13
N GLN D 115 20.21 37.70 8.18
CA GLN D 115 19.72 38.76 7.34
C GLN D 115 19.93 38.47 5.84
N ALA D 116 21.08 37.89 5.50
CA ALA D 116 21.34 37.57 4.10
C ALA D 116 20.44 36.40 3.70
N ILE D 117 20.27 35.43 4.59
CA ILE D 117 19.40 34.29 4.29
C ILE D 117 17.93 34.72 4.18
N ALA D 118 17.51 35.62 5.07
CA ALA D 118 16.12 36.10 5.04
C ALA D 118 15.84 36.74 3.68
N GLY D 119 16.74 37.63 3.27
CA GLY D 119 16.57 38.32 2.01
C GLY D 119 16.46 37.32 0.87
N LEU D 120 17.31 36.31 0.87
CA LEU D 120 17.28 35.30 -0.18
C LEU D 120 16.00 34.50 -0.17
N ASP D 121 15.41 34.30 1.00
CA ASP D 121 14.17 33.53 1.08
C ASP D 121 13.00 34.31 0.48
N ILE D 122 12.98 35.63 0.68
CA ILE D 122 11.93 36.46 0.13
C ILE D 122 12.03 36.40 -1.40
N ALA D 123 13.25 36.44 -1.92
CA ALA D 123 13.48 36.37 -3.35
C ALA D 123 13.00 35.04 -3.95
N LEU D 124 13.32 33.93 -3.29
CA LEU D 124 12.91 32.63 -3.77
C LEU D 124 11.40 32.43 -3.71
N CYS D 125 10.76 33.00 -2.69
CA CYS D 125 9.31 32.88 -2.57
C CYS D 125 8.68 33.75 -3.64
N ASP D 126 9.31 34.88 -3.91
CA ASP D 126 8.83 35.78 -4.93
C ASP D 126 8.95 35.04 -6.26
N LEU D 127 10.08 34.37 -6.45
CA LEU D 127 10.34 33.59 -7.66
C LEU D 127 9.30 32.51 -7.81
N ALA D 128 9.07 31.75 -6.74
CA ALA D 128 8.10 30.69 -6.78
C ALA D 128 6.70 31.21 -7.09
N ALA D 129 6.26 32.22 -6.34
CA ALA D 129 4.94 32.80 -6.53
C ALA D 129 4.77 33.41 -7.91
N ARG D 130 5.78 34.14 -8.38
CA ARG D 130 5.71 34.75 -9.71
C ARG D 130 5.55 33.66 -10.75
N ARG D 131 6.20 32.53 -10.49
CA ARG D 131 6.14 31.41 -11.41
C ARG D 131 4.81 30.68 -11.32
N ALA D 132 4.18 30.69 -10.15
CA ALA D 132 2.89 30.03 -9.98
C ALA D 132 1.78 30.97 -10.44
N GLY D 133 2.15 32.23 -10.69
CA GLY D 133 1.18 33.20 -11.16
C GLY D 133 0.26 33.72 -10.07
N GLN D 134 0.75 33.77 -8.84
CA GLN D 134 -0.04 34.25 -7.72
C GLN D 134 0.61 35.34 -6.89
N PRO D 135 -0.19 36.31 -6.41
CA PRO D 135 0.41 37.36 -5.59
C PRO D 135 0.95 36.62 -4.35
N LEU D 136 1.95 37.16 -3.67
CA LEU D 136 2.51 36.44 -2.52
C LEU D 136 1.49 36.13 -1.43
N TRP D 137 0.58 37.06 -1.14
CA TRP D 137 -0.39 36.80 -0.08
C TRP D 137 -1.25 35.56 -0.33
N ALA D 138 -1.56 35.28 -1.59
CA ALA D 138 -2.36 34.10 -1.93
C ALA D 138 -1.47 32.85 -1.86
N TRP D 139 -0.29 32.94 -2.45
CA TRP D 139 0.68 31.86 -2.45
C TRP D 139 0.96 31.38 -1.02
N LEU D 140 0.87 32.32 -0.07
CA LEU D 140 1.10 32.06 1.35
C LEU D 140 -0.14 31.51 2.03
N GLY D 141 -1.24 31.41 1.29
CA GLY D 141 -2.46 30.88 1.87
C GLY D 141 -3.47 31.93 2.30
N GLY D 142 -3.18 33.20 2.03
CA GLY D 142 -4.10 34.25 2.40
C GLY D 142 -5.36 34.23 1.56
N SER D 143 -6.38 34.96 2.00
CA SER D 143 -7.64 35.03 1.29
C SER D 143 -8.10 36.46 0.99
N GLY D 144 -7.34 37.44 1.51
CA GLY D 144 -7.64 38.84 1.29
C GLY D 144 -6.36 39.58 0.96
N ASP D 145 -6.47 40.80 0.44
CA ASP D 145 -5.27 41.56 0.09
C ASP D 145 -5.27 42.99 0.65
N ARG D 146 -6.20 43.26 1.57
CA ARG D 146 -6.30 44.59 2.16
C ARG D 146 -5.88 44.60 3.63
N ILE D 147 -4.93 45.45 3.99
CA ILE D 147 -4.47 45.50 5.37
C ILE D 147 -4.28 46.92 5.89
N GLY D 148 -4.40 47.07 7.21
CA GLY D 148 -4.22 48.36 7.82
C GLY D 148 -2.75 48.63 8.08
N VAL D 149 -2.39 49.89 8.28
CA VAL D 149 -0.99 50.23 8.51
C VAL D 149 -0.86 51.27 9.62
N TYR D 150 0.36 51.74 9.85
CA TYR D 150 0.62 52.79 10.83
C TYR D 150 1.92 53.50 10.51
N ALA D 151 1.97 54.79 10.83
CA ALA D 151 3.17 55.59 10.60
C ALA D 151 4.12 55.23 11.74
N SER D 152 5.24 54.62 11.38
CA SER D 152 6.22 54.17 12.35
C SER D 152 7.46 55.05 12.41
N GLY D 153 8.04 55.13 13.60
CA GLY D 153 9.24 55.92 13.82
C GLY D 153 9.15 57.43 13.87
N ILE D 154 8.02 57.96 14.30
CA ILE D 154 7.86 59.41 14.40
C ILE D 154 8.89 59.99 15.39
N ASN D 155 9.63 61.01 14.95
CA ASN D 155 10.65 61.63 15.79
C ASN D 155 10.13 62.56 16.89
N PRO D 156 10.79 62.51 18.06
CA PRO D 156 10.53 63.27 19.30
C PRO D 156 10.54 64.79 19.23
N GLU D 157 11.16 65.36 18.20
CA GLU D 157 11.19 66.83 18.05
C GLU D 157 9.78 67.36 18.25
N ASN D 158 8.97 67.26 17.21
CA ASN D 158 7.58 67.69 17.31
C ASN D 158 6.72 66.74 16.50
N PRO D 159 6.23 65.69 17.17
CA PRO D 159 5.37 64.63 16.63
C PRO D 159 4.08 65.14 16.00
N GLU D 160 3.25 65.82 16.78
CA GLU D 160 1.98 66.33 16.27
C GLU D 160 2.08 66.91 14.85
N ASP D 161 3.26 67.41 14.51
CA ASP D 161 3.48 67.97 13.19
C ASP D 161 3.54 66.87 12.13
N VAL D 162 4.46 65.92 12.31
CA VAL D 162 4.60 64.81 11.37
C VAL D 162 3.34 63.93 11.39
N VAL D 163 2.71 63.82 12.54
CA VAL D 163 1.47 63.03 12.66
C VAL D 163 0.44 63.62 11.69
N ALA D 164 0.21 64.92 11.80
CA ALA D 164 -0.76 65.59 10.93
C ALA D 164 -0.45 65.33 9.46
N ARG D 165 0.81 65.41 9.07
CA ARG D 165 1.17 65.17 7.67
C ARG D 165 0.74 63.76 7.25
N LYS D 166 1.07 62.78 8.09
CA LYS D 166 0.72 61.39 7.80
C LYS D 166 -0.78 61.18 7.82
N ALA D 167 -1.44 61.69 8.85
CA ALA D 167 -2.89 61.55 8.94
C ALA D 167 -3.49 62.10 7.64
N ALA D 168 -2.77 63.04 7.03
CA ALA D 168 -3.22 63.65 5.79
C ALA D 168 -2.99 62.67 4.66
N GLU D 169 -1.85 61.98 4.70
CA GLU D 169 -1.51 60.99 3.68
C GLU D 169 -2.47 59.80 3.72
N GLY D 170 -3.22 59.69 4.81
CA GLY D 170 -4.18 58.59 4.95
C GLY D 170 -3.95 57.68 6.15
N TYR D 171 -2.86 57.89 6.89
CA TYR D 171 -2.58 57.07 8.05
C TYR D 171 -3.59 57.33 9.16
N ARG D 172 -3.93 56.29 9.92
CA ARG D 172 -4.88 56.37 11.02
C ARG D 172 -4.35 55.64 12.26
N ALA D 173 -3.02 55.52 12.35
CA ALA D 173 -2.36 54.86 13.46
C ALA D 173 -0.92 55.36 13.46
N PHE D 174 -0.37 55.66 14.63
CA PHE D 174 0.98 56.21 14.68
C PHE D 174 1.82 55.65 15.84
N LYS D 175 3.14 55.65 15.66
CA LYS D 175 4.04 55.17 16.70
C LYS D 175 5.16 56.16 16.98
N LEU D 176 5.12 56.74 18.18
CA LEU D 176 6.11 57.71 18.63
C LEU D 176 7.37 57.04 19.16
N LYS D 177 8.47 57.77 19.12
CA LYS D 177 9.73 57.27 19.60
C LYS D 177 10.08 57.90 20.95
N VAL D 178 10.24 57.06 21.96
CA VAL D 178 10.58 57.53 23.29
C VAL D 178 11.93 56.91 23.67
N GLY D 179 12.31 56.99 24.93
CA GLY D 179 13.59 56.43 25.34
C GLY D 179 14.74 57.43 25.30
N PHE D 180 14.41 58.70 25.08
CA PHE D 180 15.41 59.75 25.02
C PHE D 180 15.34 60.51 26.35
N ASP D 181 14.39 61.43 26.47
CA ASP D 181 14.19 62.21 27.68
C ASP D 181 12.82 61.93 28.29
N ASP D 182 12.81 61.22 29.41
CA ASP D 182 11.58 60.86 30.10
C ASP D 182 10.53 61.97 30.10
N ALA D 183 10.95 63.17 30.48
CA ALA D 183 10.06 64.33 30.53
C ALA D 183 9.41 64.60 29.17
N ARG D 184 10.25 64.89 28.17
CA ARG D 184 9.77 65.18 26.82
C ARG D 184 8.89 64.07 26.24
N ASP D 185 9.39 62.85 26.23
CA ASP D 185 8.63 61.72 25.70
C ASP D 185 7.21 61.69 26.23
N VAL D 186 7.04 61.71 27.56
CA VAL D 186 5.71 61.69 28.16
C VAL D 186 4.85 62.84 27.66
N ARG D 187 5.49 63.99 27.39
CA ARG D 187 4.76 65.15 26.89
C ARG D 187 4.22 64.85 25.50
N ASN D 188 5.09 64.33 24.64
CA ASN D 188 4.69 64.00 23.27
C ASN D 188 3.56 62.98 23.24
N ALA D 189 3.67 61.94 24.06
CA ALA D 189 2.64 60.91 24.09
C ALA D 189 1.24 61.47 24.40
N LEU D 190 1.14 62.14 25.55
CA LEU D 190 -0.14 62.72 25.99
C LEU D 190 -0.64 63.81 25.05
N HIS D 191 0.27 64.59 24.49
CA HIS D 191 -0.14 65.63 23.58
C HIS D 191 -0.74 65.00 22.32
N VAL D 192 0.04 64.14 21.66
CA VAL D 192 -0.43 63.47 20.45
C VAL D 192 -1.74 62.74 20.71
N ARG D 193 -1.86 62.15 21.90
CA ARG D 193 -3.08 61.45 22.25
C ARG D 193 -4.24 62.42 22.17
N GLU D 194 -4.07 63.59 22.78
CA GLU D 194 -5.10 64.63 22.78
C GLU D 194 -5.38 65.14 21.37
N LEU D 195 -4.32 65.37 20.60
CA LEU D 195 -4.46 65.85 19.22
C LEU D 195 -5.21 64.86 18.34
N LEU D 196 -4.95 63.56 18.54
CA LEU D 196 -5.59 62.52 17.74
C LEU D 196 -7.03 62.24 18.12
N GLY D 197 -7.27 62.12 19.43
CA GLY D 197 -8.60 61.81 19.91
C GLY D 197 -8.47 60.63 20.85
N ALA D 198 -9.37 59.67 20.76
CA ALA D 198 -9.29 58.52 21.65
C ALA D 198 -9.46 57.21 20.89
N ALA D 199 -9.97 57.30 19.66
CA ALA D 199 -10.19 56.11 18.84
C ALA D 199 -8.89 55.68 18.16
N THR D 200 -8.14 56.67 17.67
CA THR D 200 -6.88 56.40 16.96
C THR D 200 -5.87 55.62 17.78
N PRO D 201 -5.36 54.50 17.21
CA PRO D 201 -4.36 53.73 17.96
C PRO D 201 -3.00 54.44 17.95
N LEU D 202 -2.41 54.57 19.14
CA LEU D 202 -1.11 55.23 19.29
C LEU D 202 -0.12 54.26 19.93
N MET D 203 1.11 54.21 19.42
CA MET D 203 2.12 53.30 19.95
C MET D 203 3.44 54.01 20.26
N ALA D 204 4.25 53.43 21.14
CA ALA D 204 5.53 54.01 21.51
C ALA D 204 6.66 52.98 21.41
N ASP D 205 7.82 53.41 20.93
CA ASP D 205 8.98 52.53 20.77
C ASP D 205 10.20 53.13 21.50
N ALA D 206 10.77 52.36 22.43
CA ALA D 206 11.92 52.83 23.20
C ALA D 206 13.28 52.30 22.75
N ASN D 207 13.29 51.44 21.74
CA ASN D 207 14.53 50.86 21.23
C ASN D 207 15.51 50.36 22.28
N GLN D 208 15.04 49.55 23.22
CA GLN D 208 15.91 49.01 24.27
C GLN D 208 16.61 50.13 25.04
N GLY D 209 15.89 51.24 25.23
CA GLY D 209 16.48 52.37 25.92
C GLY D 209 16.42 52.42 27.42
N TRP D 210 15.59 51.58 28.04
CA TRP D 210 15.49 51.62 29.50
C TRP D 210 15.93 50.35 30.23
N ASP D 211 16.14 50.50 31.52
CA ASP D 211 16.52 49.41 32.41
C ASP D 211 15.21 49.14 33.12
N LEU D 212 15.09 48.02 33.82
CA LEU D 212 13.83 47.68 34.50
C LEU D 212 13.19 48.81 35.31
N PRO D 213 13.94 49.44 36.25
CA PRO D 213 13.41 50.53 37.07
C PRO D 213 12.77 51.64 36.25
N ARG D 214 13.54 52.22 35.35
CA ARG D 214 13.07 53.31 34.50
C ARG D 214 11.91 52.84 33.60
N ALA D 215 11.95 51.59 33.17
CA ALA D 215 10.90 51.06 32.31
C ALA D 215 9.57 51.03 33.05
N ARG D 216 9.60 50.47 34.26
CA ARG D 216 8.39 50.36 35.09
C ARG D 216 7.73 51.73 35.25
N GLN D 217 8.55 52.74 35.49
CA GLN D 217 8.08 54.11 35.69
C GLN D 217 7.48 54.72 34.43
N MET D 218 8.23 54.72 33.33
CA MET D 218 7.72 55.28 32.08
C MET D 218 6.44 54.57 31.67
N ALA D 219 6.41 53.26 31.86
CA ALA D 219 5.22 52.49 31.53
C ALA D 219 4.02 53.11 32.26
N GLN D 220 4.14 53.23 33.59
CA GLN D 220 3.09 53.82 34.43
C GLN D 220 2.74 55.23 33.95
N ARG D 221 3.76 56.06 33.78
CA ARG D 221 3.57 57.44 33.34
C ARG D 221 2.91 57.57 31.96
N LEU D 222 3.11 56.57 31.11
CA LEU D 222 2.52 56.57 29.75
C LEU D 222 1.09 56.07 29.72
N GLY D 223 0.72 55.24 30.70
CA GLY D 223 -0.63 54.70 30.76
C GLY D 223 -1.75 55.63 30.30
N PRO D 224 -1.78 56.88 30.79
CA PRO D 224 -2.82 57.85 30.40
C PRO D 224 -2.91 58.09 28.89
N ALA D 225 -1.80 57.83 28.19
CA ALA D 225 -1.75 58.02 26.74
C ALA D 225 -2.53 56.93 26.00
N GLN D 226 -2.93 55.89 26.72
CA GLN D 226 -3.70 54.79 26.14
C GLN D 226 -3.03 54.20 24.90
N LEU D 227 -1.81 53.72 25.08
CA LEU D 227 -1.05 53.14 23.99
C LEU D 227 -1.50 51.73 23.63
N ASP D 228 -1.46 51.42 22.33
CA ASP D 228 -1.80 50.09 21.85
C ASP D 228 -0.74 49.12 22.36
N TRP D 229 0.49 49.61 22.50
CA TRP D 229 1.60 48.81 23.01
C TRP D 229 2.87 49.64 23.27
N LEU D 230 3.76 49.09 24.08
CA LEU D 230 5.03 49.73 24.42
C LEU D 230 6.10 48.82 23.80
N GLU D 231 6.83 49.34 22.84
CA GLU D 231 7.85 48.56 22.15
C GLU D 231 9.25 48.55 22.80
N GLU D 232 9.92 47.41 22.74
CA GLU D 232 11.26 47.18 23.30
C GLU D 232 11.67 48.07 24.48
N PRO D 233 10.89 48.08 25.58
CA PRO D 233 11.27 48.92 26.72
C PRO D 233 12.61 48.52 27.33
N LEU D 234 13.02 47.28 27.10
CA LEU D 234 14.28 46.79 27.62
C LEU D 234 15.14 46.19 26.51
N ARG D 235 16.36 45.80 26.85
CA ARG D 235 17.22 45.18 25.86
C ARG D 235 16.72 43.76 25.69
N ALA D 236 16.72 43.25 24.46
CA ALA D 236 16.25 41.89 24.20
C ALA D 236 17.12 40.92 24.99
N ASP D 237 18.25 41.43 25.45
CA ASP D 237 19.27 40.72 26.23
C ASP D 237 18.82 40.38 27.65
N ARG D 238 18.06 41.30 28.24
CA ARG D 238 17.56 41.15 29.61
C ARG D 238 16.95 39.78 29.91
N PRO D 239 17.07 39.33 31.18
CA PRO D 239 16.52 38.03 31.59
C PRO D 239 15.01 38.00 31.45
N ALA D 240 14.46 36.85 31.07
CA ALA D 240 13.03 36.70 30.90
C ALA D 240 12.29 37.25 32.11
N ALA D 241 12.84 36.95 33.29
CA ALA D 241 12.26 37.40 34.55
C ALA D 241 12.06 38.92 34.62
N GLU D 242 13.01 39.70 34.12
CA GLU D 242 12.84 41.14 34.17
C GLU D 242 11.66 41.55 33.31
N TRP D 243 11.52 40.90 32.15
CA TRP D 243 10.43 41.19 31.22
C TRP D 243 9.08 40.85 31.82
N ALA D 244 9.01 39.67 32.44
CA ALA D 244 7.78 39.21 33.07
C ALA D 244 7.30 40.26 34.05
N GLU D 245 8.21 40.71 34.92
CA GLU D 245 7.89 41.72 35.91
C GLU D 245 7.38 43.02 35.28
N LEU D 246 7.99 43.42 34.17
CA LEU D 246 7.58 44.65 33.49
C LEU D 246 6.21 44.51 32.85
N ALA D 247 5.93 43.34 32.31
CA ALA D 247 4.64 43.08 31.67
C ALA D 247 3.52 43.27 32.68
N GLN D 248 3.62 42.56 33.80
CA GLN D 248 2.63 42.65 34.88
C GLN D 248 2.42 44.11 35.29
N ALA D 249 3.52 44.75 35.65
CA ALA D 249 3.52 46.15 36.09
C ALA D 249 2.99 47.14 35.06
N ALA D 250 3.35 46.95 33.79
CA ALA D 250 2.92 47.88 32.76
C ALA D 250 1.41 47.84 32.53
N PRO D 251 0.81 49.00 32.22
CA PRO D 251 -0.63 49.13 31.97
C PRO D 251 -1.00 48.75 30.53
N MET D 252 -0.02 48.84 29.63
CA MET D 252 -0.25 48.52 28.23
C MET D 252 0.51 47.24 27.83
N PRO D 253 0.16 46.65 26.69
CA PRO D 253 0.91 45.45 26.32
C PRO D 253 2.31 45.77 25.80
N LEU D 254 3.25 44.86 26.05
CA LEU D 254 4.62 45.02 25.59
C LEU D 254 4.77 44.42 24.19
N ALA D 255 5.69 44.96 23.41
CA ALA D 255 5.93 44.44 22.06
C ALA D 255 7.42 44.29 21.80
N GLY D 256 7.79 43.34 20.96
CA GLY D 256 9.19 43.12 20.62
C GLY D 256 9.30 42.02 19.58
N GLY D 257 10.48 41.87 18.99
CA GLY D 257 10.66 40.85 17.98
C GLY D 257 11.73 41.23 16.99
N GLU D 258 11.84 42.54 16.74
CA GLU D 258 12.83 43.12 15.83
C GLU D 258 14.21 42.53 16.11
N ASN D 259 14.47 42.19 17.37
CA ASN D 259 15.76 41.65 17.78
C ASN D 259 15.70 40.22 18.32
N ILE D 260 14.73 39.46 17.84
CA ILE D 260 14.60 38.05 18.22
C ILE D 260 14.82 37.28 16.92
N ALA D 261 15.54 36.16 16.99
CA ALA D 261 15.78 35.37 15.80
C ALA D 261 15.85 33.88 16.10
N GLY D 262 15.27 33.08 15.21
CA GLY D 262 15.30 31.64 15.40
C GLY D 262 13.98 31.12 15.93
N VAL D 263 13.61 29.92 15.51
CA VAL D 263 12.35 29.35 15.97
C VAL D 263 12.35 29.20 17.50
N ALA D 264 13.47 28.72 18.06
CA ALA D 264 13.57 28.54 19.51
C ALA D 264 13.36 29.83 20.28
N ALA D 265 14.03 30.90 19.86
CA ALA D 265 13.88 32.17 20.54
C ALA D 265 12.44 32.67 20.53
N PHE D 266 11.80 32.66 19.36
CA PHE D 266 10.41 33.12 19.26
C PHE D 266 9.46 32.23 20.05
N GLU D 267 9.80 30.95 20.13
CA GLU D 267 9.01 29.96 20.84
C GLU D 267 9.05 30.23 22.35
N THR D 268 10.21 30.65 22.83
CA THR D 268 10.39 30.94 24.23
C THR D 268 9.66 32.21 24.61
N ALA D 269 9.80 33.25 23.79
CA ALA D 269 9.11 34.51 24.07
C ALA D 269 7.61 34.26 24.04
N LEU D 270 7.16 33.51 23.03
CA LEU D 270 5.75 33.22 22.88
C LEU D 270 5.20 32.53 24.11
N ALA D 271 5.92 31.54 24.62
CA ALA D 271 5.47 30.81 25.81
C ALA D 271 5.42 31.70 27.05
N ALA D 272 6.38 32.61 27.19
CA ALA D 272 6.46 33.52 28.33
C ALA D 272 5.31 34.52 28.38
N ARG D 273 4.77 34.86 27.21
CA ARG D 273 3.67 35.81 27.11
C ARG D 273 3.94 37.18 27.73
N SER D 274 5.21 37.57 27.83
CA SER D 274 5.54 38.88 28.38
C SER D 274 5.25 39.92 27.29
N LEU D 275 5.47 39.52 26.04
CA LEU D 275 5.21 40.39 24.89
C LEU D 275 3.87 39.97 24.28
N ARG D 276 2.87 40.83 24.32
CA ARG D 276 1.55 40.49 23.75
C ARG D 276 1.44 40.91 22.27
N VAL D 277 2.48 41.58 21.77
CA VAL D 277 2.55 41.98 20.38
C VAL D 277 3.93 41.55 19.91
N MET D 278 3.98 40.55 19.04
CA MET D 278 5.25 40.05 18.52
C MET D 278 5.50 40.67 17.16
N GLN D 279 6.74 41.14 16.96
CA GLN D 279 7.10 41.80 15.71
C GLN D 279 8.32 41.25 14.98
N PRO D 280 8.19 40.05 14.42
CA PRO D 280 9.32 39.48 13.69
C PRO D 280 9.53 40.26 12.38
N ASP D 281 10.78 40.52 12.04
CA ASP D 281 11.14 41.26 10.83
C ASP D 281 11.62 40.24 9.78
N LEU D 282 10.78 39.95 8.79
CA LEU D 282 11.11 38.93 7.80
C LEU D 282 12.34 39.19 6.95
N ALA D 283 12.78 40.43 6.87
CA ALA D 283 13.98 40.71 6.08
C ALA D 283 15.20 40.61 6.97
N LYS D 284 14.97 40.42 8.28
CA LYS D 284 16.06 40.29 9.24
C LYS D 284 16.27 38.82 9.64
N TRP D 285 15.20 38.04 9.66
CA TRP D 285 15.29 36.61 9.99
C TRP D 285 14.18 35.81 9.34
N GLY D 286 14.53 34.57 8.95
CA GLY D 286 13.58 33.63 8.36
C GLY D 286 12.82 33.95 7.08
N GLY D 287 12.64 35.21 6.74
CA GLY D 287 11.87 35.52 5.55
C GLY D 287 10.48 34.93 5.70
N PHE D 288 9.91 34.42 4.62
CA PHE D 288 8.58 33.83 4.68
C PHE D 288 8.60 32.45 5.30
N SER D 289 9.58 31.64 4.93
CA SER D 289 9.68 30.29 5.46
C SER D 289 9.80 30.27 6.98
N GLY D 290 10.52 31.25 7.52
CA GLY D 290 10.68 31.32 8.96
C GLY D 290 9.57 32.07 9.68
N CYS D 291 9.19 33.25 9.22
CA CYS D 291 8.16 34.02 9.91
C CYS D 291 6.71 33.56 9.76
N LEU D 292 6.34 32.97 8.62
CA LEU D 292 4.96 32.51 8.46
C LEU D 292 4.52 31.66 9.67
N PRO D 293 5.25 30.58 9.98
CA PRO D 293 4.84 29.77 11.14
C PRO D 293 4.89 30.50 12.51
N VAL D 294 5.81 31.45 12.70
CA VAL D 294 5.81 32.13 14.01
C VAL D 294 4.65 33.12 14.08
N ALA D 295 4.28 33.73 12.95
CA ALA D 295 3.15 34.65 12.94
C ALA D 295 1.91 33.84 13.30
N ARG D 296 1.79 32.67 12.68
CA ARG D 296 0.65 31.81 12.94
C ARG D 296 0.61 31.37 14.39
N ALA D 297 1.78 31.11 14.98
CA ALA D 297 1.83 30.67 16.37
C ALA D 297 1.40 31.79 17.31
N VAL D 298 1.75 33.03 16.95
CA VAL D 298 1.41 34.18 17.77
C VAL D 298 -0.12 34.40 17.80
N VAL D 299 -0.71 34.49 16.61
CA VAL D 299 -2.14 34.70 16.46
C VAL D 299 -2.95 33.58 17.14
N ALA D 300 -2.53 32.34 16.93
CA ALA D 300 -3.22 31.20 17.50
C ALA D 300 -3.12 31.21 19.03
N ALA D 301 -2.06 31.81 19.55
CA ALA D 301 -1.90 31.87 21.00
C ALA D 301 -2.73 33.00 21.60
N GLY D 302 -3.49 33.70 20.76
CA GLY D 302 -4.30 34.79 21.25
C GLY D 302 -3.57 36.11 21.31
N LEU D 303 -2.33 36.12 20.80
CA LEU D 303 -1.54 37.34 20.80
C LEU D 303 -1.63 38.09 19.48
N ARG D 304 -0.93 39.21 19.39
CA ARG D 304 -1.00 40.06 18.22
C ARG D 304 0.28 40.10 17.38
N TYR D 305 0.14 39.81 16.09
CA TYR D 305 1.25 39.83 15.15
C TYR D 305 1.20 41.13 14.38
N CYS D 306 2.23 41.95 14.50
CA CYS D 306 2.31 43.23 13.79
C CYS D 306 3.72 43.48 13.29
N PRO D 307 3.98 43.11 12.03
CA PRO D 307 5.32 43.32 11.46
C PRO D 307 5.59 44.79 11.16
N HIS D 308 6.83 45.09 10.81
CA HIS D 308 7.21 46.45 10.47
C HIS D 308 8.51 46.33 9.69
N TYR D 309 8.77 47.27 8.81
CA TYR D 309 10.00 47.24 8.05
C TYR D 309 10.41 48.68 7.79
N LEU D 310 11.60 49.06 8.25
CA LEU D 310 12.06 50.43 8.03
C LEU D 310 13.16 50.53 6.98
N GLY D 311 12.99 49.82 5.87
CA GLY D 311 13.98 49.87 4.82
C GLY D 311 13.36 50.27 3.49
N ALA D 312 13.86 49.69 2.41
CA ALA D 312 13.34 49.97 1.07
C ALA D 312 12.00 49.25 0.84
N GLY D 313 11.34 49.59 -0.27
CA GLY D 313 10.04 49.01 -0.59
C GLY D 313 9.87 47.51 -0.69
N ILE D 314 10.88 46.83 -1.22
CA ILE D 314 10.78 45.39 -1.38
C ILE D 314 10.49 44.70 -0.04
N GLY D 315 11.21 45.09 1.00
CA GLY D 315 10.98 44.50 2.31
C GLY D 315 9.61 44.88 2.83
N LEU D 316 9.17 46.09 2.50
CA LEU D 316 7.86 46.54 2.96
C LEU D 316 6.75 45.73 2.28
N GLN D 317 6.85 45.58 0.96
CA GLN D 317 5.86 44.81 0.22
C GLN D 317 5.80 43.38 0.77
N ALA D 318 6.98 42.83 1.05
CA ALA D 318 7.10 41.48 1.58
C ALA D 318 6.31 41.32 2.87
N SER D 319 6.53 42.24 3.80
CA SER D 319 5.82 42.18 5.07
C SER D 319 4.33 42.36 4.86
N ALA D 320 3.96 43.19 3.89
CA ALA D 320 2.55 43.44 3.62
C ALA D 320 1.85 42.16 3.19
N HIS D 321 2.53 41.37 2.36
CA HIS D 321 1.98 40.12 1.88
C HIS D 321 1.86 39.13 3.02
N LEU D 322 2.84 39.13 3.92
CA LEU D 322 2.80 38.19 5.04
C LEU D 322 1.68 38.61 5.99
N LEU D 323 1.56 39.91 6.27
CA LEU D 323 0.50 40.36 7.16
C LEU D 323 -0.84 39.98 6.55
N ALA D 324 -0.98 40.15 5.24
CA ALA D 324 -2.21 39.79 4.57
C ALA D 324 -2.50 38.31 4.80
N ALA D 325 -1.47 37.48 4.66
CA ALA D 325 -1.62 36.03 4.87
C ALA D 325 -1.93 35.64 6.32
N VAL D 326 -1.53 36.48 7.27
CA VAL D 326 -1.80 36.23 8.69
C VAL D 326 -2.28 37.52 9.34
N PRO D 327 -3.53 37.95 9.00
CA PRO D 327 -4.16 39.18 9.50
C PRO D 327 -4.58 39.22 10.97
N GLY D 328 -4.52 38.08 11.64
CA GLY D 328 -4.92 38.06 13.03
C GLY D 328 -6.41 37.86 13.11
N LEU D 329 -6.91 37.53 14.29
CA LEU D 329 -8.33 37.29 14.46
C LEU D 329 -9.00 38.40 15.24
N ALA D 330 -9.06 38.23 16.56
CA ALA D 330 -9.67 39.19 17.47
C ALA D 330 -8.84 40.46 17.57
N SER D 331 -7.54 40.34 17.40
CA SER D 331 -6.62 41.47 17.45
C SER D 331 -5.94 41.59 16.10
N PRO D 332 -6.60 42.23 15.12
CA PRO D 332 -6.02 42.39 13.79
C PRO D 332 -4.66 43.07 13.86
N GLY D 333 -3.84 42.86 12.83
CA GLY D 333 -2.52 43.46 12.86
C GLY D 333 -2.30 44.59 11.88
N LEU D 334 -1.37 45.49 12.23
CA LEU D 334 -1.03 46.61 11.37
C LEU D 334 0.40 46.52 10.90
N LEU D 335 0.67 47.05 9.71
CA LEU D 335 2.01 47.02 9.14
C LEU D 335 2.68 48.39 9.36
N GLY D 336 3.82 48.38 10.05
CA GLY D 336 4.54 49.62 10.32
C GLY D 336 5.30 50.15 9.11
N VAL D 337 4.95 51.36 8.68
CA VAL D 337 5.60 52.00 7.54
C VAL D 337 6.43 53.18 8.04
N ASP D 338 7.72 53.19 7.70
CA ASP D 338 8.63 54.25 8.13
C ASP D 338 8.14 55.65 7.76
N ALA D 339 7.86 56.46 8.76
CA ALA D 339 7.36 57.82 8.54
C ALA D 339 8.39 58.79 7.93
N ASN D 340 9.66 58.40 7.94
CA ASN D 340 10.74 59.24 7.41
C ASN D 340 10.89 59.14 5.90
N ASP D 341 11.04 60.30 5.25
CA ASP D 341 11.21 60.33 3.80
C ASP D 341 12.29 59.36 3.33
N ASN D 342 12.02 58.71 2.21
CA ASN D 342 12.96 57.73 1.68
C ASN D 342 12.48 57.17 0.34
N PRO D 343 13.01 57.72 -0.77
CA PRO D 343 12.67 57.28 -2.13
C PRO D 343 12.80 55.77 -2.30
N LEU D 344 13.75 55.18 -1.59
CA LEU D 344 13.98 53.74 -1.65
C LEU D 344 12.80 52.90 -1.15
N ARG D 345 11.82 53.56 -0.53
CA ARG D 345 10.64 52.86 -0.05
C ARG D 345 9.47 53.10 -0.99
N SER D 346 9.12 54.37 -1.17
CA SER D 346 8.02 54.76 -2.04
C SER D 346 8.23 54.36 -3.50
N LEU D 347 9.49 54.30 -3.92
CA LEU D 347 9.82 53.92 -5.30
C LEU D 347 9.65 52.43 -5.56
N LEU D 348 9.76 51.61 -4.51
CA LEU D 348 9.65 50.16 -4.66
C LEU D 348 8.51 49.55 -3.88
N SER D 349 7.54 50.36 -3.50
CA SER D 349 6.40 49.87 -2.75
C SER D 349 5.09 50.45 -3.29
N PRO D 350 4.70 50.00 -4.49
CA PRO D 350 3.49 50.45 -5.17
C PRO D 350 2.23 50.37 -4.31
N ALA D 351 2.17 49.40 -3.42
CA ALA D 351 0.99 49.26 -2.58
C ALA D 351 0.73 50.54 -1.77
N LEU D 352 1.78 51.21 -1.30
CA LEU D 352 1.59 52.42 -0.52
C LEU D 352 0.77 53.49 -1.25
N ALA D 353 0.67 53.38 -2.58
CA ALA D 353 -0.10 54.33 -3.37
C ALA D 353 -1.62 54.14 -3.15
N THR D 354 -2.01 53.00 -2.61
CA THR D 354 -3.43 52.72 -2.37
C THR D 354 -3.88 53.18 -0.99
N LEU D 355 -2.95 53.70 -0.19
CA LEU D 355 -3.29 54.15 1.15
C LEU D 355 -4.57 54.98 1.14
N HIS D 356 -5.56 54.53 1.90
CA HIS D 356 -6.84 55.21 1.99
C HIS D 356 -7.57 54.75 3.23
N GLU D 357 -7.80 55.66 4.17
CA GLU D 357 -8.51 55.31 5.40
C GLU D 357 -7.70 54.33 6.25
N GLY D 358 -6.40 54.56 6.33
CA GLY D 358 -5.51 53.71 7.10
C GLY D 358 -5.30 52.30 6.59
N ARG D 359 -5.51 52.07 5.29
CA ARG D 359 -5.35 50.76 4.70
C ARG D 359 -4.77 50.80 3.29
N ILE D 360 -4.26 49.66 2.85
CA ILE D 360 -3.72 49.52 1.51
C ILE D 360 -4.14 48.15 0.99
N THR D 361 -4.12 48.00 -0.33
CA THR D 361 -4.49 46.74 -0.96
C THR D 361 -3.30 46.31 -1.82
N LEU D 362 -2.93 45.04 -1.73
CA LEU D 362 -1.78 44.53 -2.44
C LEU D 362 -2.01 44.23 -3.93
N GLY D 363 -3.25 43.92 -4.30
CA GLY D 363 -3.53 43.63 -5.69
C GLY D 363 -3.24 42.18 -6.03
N GLY D 364 -3.39 41.82 -7.30
CA GLY D 364 -3.15 40.45 -7.70
C GLY D 364 -1.92 40.23 -8.54
N ALA D 365 -1.05 41.22 -8.66
CA ALA D 365 0.14 41.02 -9.46
C ALA D 365 0.90 39.84 -8.82
N PRO D 366 1.34 38.88 -9.63
CA PRO D 366 2.06 37.76 -9.00
C PRO D 366 3.37 38.12 -8.30
N GLY D 367 3.62 37.48 -7.16
CA GLY D 367 4.83 37.72 -6.39
C GLY D 367 4.72 38.92 -5.46
N LEU D 368 5.80 39.69 -5.38
CA LEU D 368 5.87 40.88 -4.54
C LEU D 368 5.05 42.01 -5.15
N GLY D 369 4.89 41.96 -6.47
CA GLY D 369 4.14 42.99 -7.16
C GLY D 369 5.00 44.19 -7.48
N VAL D 370 6.31 43.97 -7.52
CA VAL D 370 7.27 45.02 -7.83
C VAL D 370 8.59 44.42 -8.32
N THR D 371 9.11 45.00 -9.39
CA THR D 371 10.37 44.55 -9.96
C THR D 371 11.27 45.78 -9.95
N PRO D 372 12.30 45.80 -9.09
CA PRO D 372 13.16 46.98 -9.08
C PRO D 372 13.77 47.37 -10.42
N ASP D 373 13.76 48.68 -10.68
CA ASP D 373 14.35 49.25 -11.89
C ASP D 373 15.71 49.77 -11.38
N LEU D 374 16.73 48.95 -11.50
CA LEU D 374 18.05 49.31 -11.02
C LEU D 374 18.57 50.65 -11.52
N ALA D 375 18.45 50.91 -12.82
CA ALA D 375 18.90 52.17 -13.39
C ALA D 375 18.25 53.34 -12.66
N ALA D 376 16.94 53.26 -12.50
CA ALA D 376 16.18 54.32 -11.83
C ALA D 376 16.53 54.49 -10.36
N LEU D 377 16.94 53.40 -9.70
CA LEU D 377 17.29 53.47 -8.29
C LEU D 377 18.61 54.17 -8.04
N ARG D 378 19.60 53.91 -8.88
CA ARG D 378 20.90 54.55 -8.71
C ARG D 378 20.80 56.00 -9.17
N ALA D 379 19.85 56.27 -10.05
CA ALA D 379 19.64 57.63 -10.54
C ALA D 379 19.01 58.49 -9.44
N ALA D 380 18.48 57.84 -8.41
CA ALA D 380 17.86 58.54 -7.30
C ALA D 380 18.86 58.61 -6.14
N CYS D 381 20.06 58.08 -6.38
CA CYS D 381 21.11 58.08 -5.37
C CYS D 381 22.31 58.93 -5.76
#